data_2E5S
#
_entry.id   2E5S
#
loop_
_entity.id
_entity.type
_entity.pdbx_description
1 polymer OTTHUMP00000018578
2 non-polymer 'ZINC ION'
#
_entity_poly.entity_id   1
_entity_poly.type   'polypeptide(L)'
_entity_poly.pdbx_seq_one_letter_code
;GSSGSSGSTATQKLLRTDKLEVCREFQRGNCARGETDCRFAHPADSTMIDTSDNTVTVCMDYIKGRCMREKCKYFHPPAH
LQAKIKAAQHQANQAAVA
;
_entity_poly.pdbx_strand_id   A
#
# COMPACT_ATOMS: atom_id res chain seq x y z
N GLY A 1 17.46 2.47 -35.91
CA GLY A 1 17.76 3.05 -34.62
C GLY A 1 18.74 2.22 -33.81
N SER A 2 18.93 2.59 -32.55
CA SER A 2 19.85 1.87 -31.67
C SER A 2 19.31 0.49 -31.32
N SER A 3 18.02 0.44 -30.98
CA SER A 3 17.38 -0.81 -30.63
C SER A 3 18.00 -1.41 -29.37
N GLY A 4 18.29 -0.55 -28.39
CA GLY A 4 18.89 -1.00 -27.16
C GLY A 4 20.28 -0.45 -26.95
N SER A 5 20.37 0.73 -26.34
CA SER A 5 21.66 1.38 -26.09
C SER A 5 22.54 0.49 -25.21
N SER A 6 22.03 0.16 -24.02
CA SER A 6 22.79 -0.68 -23.09
C SER A 6 21.89 -1.13 -21.94
N GLY A 7 22.13 -2.35 -21.46
CA GLY A 7 21.33 -2.89 -20.37
C GLY A 7 22.18 -3.27 -19.18
N SER A 8 23.16 -2.42 -18.86
CA SER A 8 24.05 -2.68 -17.74
C SER A 8 23.25 -3.03 -16.48
N THR A 9 22.34 -2.14 -16.11
CA THR A 9 21.51 -2.35 -14.93
C THR A 9 20.07 -2.70 -15.31
N ALA A 10 19.63 -3.88 -14.90
CA ALA A 10 18.27 -4.32 -15.21
C ALA A 10 17.28 -3.83 -14.15
N THR A 11 16.74 -2.64 -14.38
CA THR A 11 15.78 -2.05 -13.46
C THR A 11 15.18 -0.77 -14.03
N GLN A 12 13.86 -0.65 -13.94
CA GLN A 12 13.16 0.52 -14.44
C GLN A 12 13.37 1.72 -13.52
N LYS A 13 13.00 2.90 -14.01
CA LYS A 13 13.14 4.12 -13.22
C LYS A 13 11.78 4.78 -12.98
N LEU A 14 11.18 4.46 -11.85
CA LEU A 14 9.87 5.02 -11.49
C LEU A 14 9.53 4.71 -10.04
N LEU A 15 8.40 5.25 -9.58
CA LEU A 15 7.95 5.02 -8.20
C LEU A 15 6.45 5.22 -8.08
N ARG A 16 5.78 4.27 -7.43
CA ARG A 16 4.34 4.34 -7.24
C ARG A 16 3.99 4.49 -5.77
N THR A 17 2.71 4.76 -5.49
CA THR A 17 2.25 4.93 -4.13
C THR A 17 1.10 3.98 -3.81
N ASP A 18 0.50 3.42 -4.85
CA ASP A 18 -0.61 2.49 -4.69
C ASP A 18 -0.11 1.05 -4.59
N LYS A 19 0.92 0.86 -3.77
CA LYS A 19 1.50 -0.47 -3.58
C LYS A 19 1.65 -0.79 -2.10
N LEU A 20 0.92 -1.80 -1.64
CA LEU A 20 0.98 -2.21 -0.23
C LEU A 20 1.76 -3.51 -0.08
N GLU A 21 2.79 -3.49 0.77
CA GLU A 21 3.61 -4.67 1.01
C GLU A 21 2.84 -5.70 1.83
N VAL A 22 2.53 -6.84 1.20
CA VAL A 22 1.80 -7.91 1.88
C VAL A 22 2.62 -8.51 3.00
N CYS A 23 2.00 -8.72 4.15
CA CYS A 23 2.67 -9.29 5.31
C CYS A 23 3.12 -10.72 5.02
N ARG A 24 4.18 -11.15 5.70
CA ARG A 24 4.71 -12.49 5.52
C ARG A 24 4.08 -13.46 6.52
N GLU A 25 3.93 -13.00 7.76
CA GLU A 25 3.35 -13.82 8.81
C GLU A 25 1.89 -14.17 8.49
N PHE A 26 1.05 -13.14 8.44
CA PHE A 26 -0.37 -13.33 8.14
C PHE A 26 -0.57 -14.46 7.14
N GLN A 27 0.15 -14.37 6.02
CA GLN A 27 0.04 -15.39 4.97
C GLN A 27 -0.15 -16.77 5.57
N ARG A 28 0.75 -17.16 6.47
CA ARG A 28 0.68 -18.46 7.12
C ARG A 28 -0.21 -18.41 8.36
N GLY A 29 -0.43 -17.20 8.87
CA GLY A 29 -1.26 -17.04 10.05
C GLY A 29 -0.45 -16.90 11.32
N ASN A 30 0.54 -16.03 11.30
CA ASN A 30 1.40 -15.81 12.46
C ASN A 30 1.26 -14.38 12.98
N CYS A 31 0.97 -13.45 12.07
CA CYS A 31 0.81 -12.06 12.44
C CYS A 31 -0.32 -11.89 13.45
N ALA A 32 -0.02 -11.21 14.55
CA ALA A 32 -1.00 -10.98 15.60
C ALA A 32 -1.52 -9.54 15.55
N ARG A 33 -0.72 -8.64 15.01
CA ARG A 33 -1.10 -7.24 14.90
C ARG A 33 -2.25 -7.05 13.92
N GLY A 34 -2.36 -7.98 12.97
CA GLY A 34 -3.44 -7.91 11.99
C GLY A 34 -3.34 -6.67 11.12
N GLU A 35 -4.13 -6.63 10.06
CA GLU A 35 -4.12 -5.50 9.14
C GLU A 35 -4.47 -4.20 9.87
N THR A 36 -4.93 -4.34 11.12
CA THR A 36 -5.29 -3.19 11.93
C THR A 36 -4.08 -2.58 12.62
N ASP A 37 -3.40 -3.40 13.42
CA ASP A 37 -2.21 -2.94 14.15
C ASP A 37 -0.95 -3.18 13.32
N CYS A 38 -1.13 -3.65 12.09
CA CYS A 38 -0.01 -3.94 11.20
C CYS A 38 -0.04 -3.00 9.99
N ARG A 39 1.12 -2.41 9.69
CA ARG A 39 1.23 -1.49 8.56
C ARG A 39 1.06 -2.24 7.24
N PHE A 40 1.53 -3.49 7.22
CA PHE A 40 1.44 -4.31 6.01
C PHE A 40 0.01 -4.79 5.79
N ALA A 41 -0.44 -4.76 4.53
CA ALA A 41 -1.78 -5.20 4.19
C ALA A 41 -1.90 -6.72 4.27
N HIS A 42 -3.04 -7.20 4.75
CA HIS A 42 -3.28 -8.63 4.88
C HIS A 42 -4.33 -9.09 3.87
N PRO A 43 -3.87 -9.69 2.76
CA PRO A 43 -4.75 -10.19 1.71
C PRO A 43 -5.55 -11.41 2.14
N ALA A 44 -6.86 -11.22 2.36
CA ALA A 44 -7.72 -12.30 2.79
C ALA A 44 -7.85 -13.36 1.70
N ASP A 45 -8.03 -12.91 0.46
CA ASP A 45 -8.17 -13.82 -0.67
C ASP A 45 -6.82 -14.47 -1.01
N SER A 46 -5.76 -13.67 -0.95
CA SER A 46 -4.42 -14.16 -1.26
C SER A 46 -4.36 -14.71 -2.68
N THR A 47 -4.84 -13.92 -3.64
CA THR A 47 -4.84 -14.32 -5.04
C THR A 47 -4.12 -13.30 -5.90
N MET A 48 -4.31 -12.02 -5.58
CA MET A 48 -3.67 -10.94 -6.33
C MET A 48 -2.29 -10.61 -5.74
N ILE A 49 -1.55 -11.64 -5.37
CA ILE A 49 -0.23 -11.46 -4.80
C ILE A 49 0.86 -11.92 -5.76
N ASP A 50 1.86 -11.08 -5.97
CA ASP A 50 2.97 -11.39 -6.86
C ASP A 50 4.15 -11.94 -6.09
N THR A 51 4.60 -13.13 -6.46
CA THR A 51 5.73 -13.77 -5.79
C THR A 51 7.05 -13.13 -6.23
N SER A 52 6.96 -12.07 -7.02
CA SER A 52 8.14 -11.38 -7.52
C SER A 52 8.47 -10.17 -6.63
N ASP A 53 7.44 -9.47 -6.20
CA ASP A 53 7.61 -8.30 -5.35
C ASP A 53 6.86 -8.46 -4.03
N ASN A 54 5.74 -9.17 -4.08
CA ASN A 54 4.93 -9.40 -2.89
C ASN A 54 4.18 -8.13 -2.48
N THR A 55 3.64 -7.44 -3.48
CA THR A 55 2.90 -6.21 -3.22
C THR A 55 1.54 -6.24 -3.91
N VAL A 56 0.54 -5.62 -3.27
CA VAL A 56 -0.80 -5.57 -3.82
C VAL A 56 -1.17 -4.15 -4.23
N THR A 57 -1.99 -4.04 -5.28
CA THR A 57 -2.43 -2.74 -5.77
C THR A 57 -3.35 -2.06 -4.77
N VAL A 58 -3.38 -0.73 -4.82
CA VAL A 58 -4.23 0.04 -3.92
C VAL A 58 -5.25 0.87 -4.70
N CYS A 59 -6.51 0.73 -4.32
CA CYS A 59 -7.60 1.45 -4.97
C CYS A 59 -7.53 2.94 -4.66
N MET A 60 -7.14 3.73 -5.66
CA MET A 60 -7.03 5.18 -5.49
C MET A 60 -8.39 5.78 -5.11
N ASP A 61 -9.40 5.51 -5.92
CA ASP A 61 -10.74 6.03 -5.66
C ASP A 61 -11.14 5.81 -4.20
N TYR A 62 -11.12 4.55 -3.78
CA TYR A 62 -11.47 4.21 -2.40
C TYR A 62 -10.78 5.14 -1.41
N ILE A 63 -9.46 5.27 -1.55
CA ILE A 63 -8.68 6.13 -0.67
C ILE A 63 -9.36 7.49 -0.48
N LYS A 64 -9.84 8.05 -1.58
CA LYS A 64 -10.51 9.34 -1.54
C LYS A 64 -11.80 9.27 -0.71
N GLY A 65 -12.38 8.08 -0.64
CA GLY A 65 -13.60 7.90 0.13
C GLY A 65 -14.74 7.35 -0.71
N ARG A 66 -14.63 7.52 -2.02
CA ARG A 66 -15.65 7.03 -2.94
C ARG A 66 -15.07 6.08 -3.98
N CYS A 67 -15.39 4.80 -3.85
CA CYS A 67 -14.89 3.78 -4.76
C CYS A 67 -16.02 3.19 -5.59
N MET A 68 -16.12 3.63 -6.84
CA MET A 68 -17.16 3.14 -7.74
C MET A 68 -16.58 2.75 -9.10
N ARG A 69 -15.31 2.36 -9.09
CA ARG A 69 -14.63 1.96 -10.33
C ARG A 69 -15.34 0.78 -10.99
N GLU A 70 -14.98 0.52 -12.24
CA GLU A 70 -15.59 -0.58 -12.99
C GLU A 70 -14.99 -1.91 -12.56
N LYS A 71 -15.78 -2.71 -11.84
CA LYS A 71 -15.33 -4.01 -11.38
C LYS A 71 -14.04 -3.88 -10.56
N CYS A 72 -14.01 -2.91 -9.65
CA CYS A 72 -12.84 -2.69 -8.81
C CYS A 72 -12.17 -4.01 -8.45
N LYS A 73 -10.91 -4.15 -8.87
CA LYS A 73 -10.15 -5.36 -8.59
C LYS A 73 -8.86 -5.05 -7.85
N TYR A 74 -8.96 -4.17 -6.85
CA TYR A 74 -7.80 -3.78 -6.06
C TYR A 74 -8.07 -3.96 -4.57
N PHE A 75 -6.99 -4.06 -3.79
CA PHE A 75 -7.10 -4.23 -2.35
C PHE A 75 -7.61 -2.96 -1.68
N HIS A 76 -8.40 -3.12 -0.63
CA HIS A 76 -8.95 -1.99 0.10
C HIS A 76 -8.39 -1.93 1.52
N PRO A 77 -7.44 -1.01 1.75
CA PRO A 77 -6.80 -0.82 3.05
C PRO A 77 -7.75 -0.24 4.08
N PRO A 78 -7.42 -0.42 5.37
CA PRO A 78 -8.23 0.09 6.48
C PRO A 78 -8.20 1.61 6.58
N ALA A 79 -8.91 2.15 7.57
CA ALA A 79 -8.95 3.60 7.77
C ALA A 79 -7.56 4.15 8.06
N HIS A 80 -7.01 3.77 9.20
CA HIS A 80 -5.68 4.23 9.60
C HIS A 80 -4.74 4.29 8.41
N LEU A 81 -4.66 3.18 7.67
CA LEU A 81 -3.79 3.10 6.51
C LEU A 81 -4.24 4.09 5.43
N GLN A 82 -5.48 3.94 4.99
CA GLN A 82 -6.03 4.82 3.96
C GLN A 82 -5.47 6.24 4.11
N ALA A 83 -5.32 6.69 5.35
CA ALA A 83 -4.81 8.02 5.63
C ALA A 83 -3.31 8.09 5.35
N LYS A 84 -2.56 7.21 6.00
CA LYS A 84 -1.10 7.17 5.82
C LYS A 84 -0.72 7.48 4.38
N ILE A 85 -1.47 6.90 3.44
CA ILE A 85 -1.21 7.12 2.02
C ILE A 85 -1.65 8.52 1.58
N LYS A 86 -2.89 8.88 1.92
CA LYS A 86 -3.42 10.18 1.56
C LYS A 86 -2.45 11.29 1.91
N ALA A 87 -2.03 11.32 3.17
CA ALA A 87 -1.09 12.33 3.64
C ALA A 87 0.05 12.51 2.64
N ALA A 88 0.61 11.40 2.18
CA ALA A 88 1.72 11.43 1.23
C ALA A 88 1.41 12.38 0.08
N GLN A 89 0.29 12.17 -0.59
CA GLN A 89 -0.12 13.01 -1.70
C GLN A 89 -0.23 14.46 -1.28
N HIS A 90 -1.09 14.73 -0.29
CA HIS A 90 -1.29 16.08 0.22
C HIS A 90 -0.12 16.51 1.09
N GLN A 91 0.73 17.39 0.55
CA GLN A 91 1.88 17.88 1.27
C GLN A 91 1.55 18.10 2.75
N ALA A 92 2.36 17.51 3.62
CA ALA A 92 2.15 17.63 5.06
C ALA A 92 3.42 17.29 5.83
N ASN A 93 3.37 17.46 7.15
CA ASN A 93 4.52 17.16 8.00
C ASN A 93 4.52 15.70 8.44
N GLN A 94 5.70 15.18 8.76
CA GLN A 94 5.83 13.79 9.19
C GLN A 94 6.01 13.72 10.70
N ALA A 95 5.61 12.58 11.28
CA ALA A 95 5.74 12.38 12.72
C ALA A 95 7.12 11.87 13.08
N ALA A 96 7.39 11.78 14.38
CA ALA A 96 8.68 11.30 14.86
C ALA A 96 8.90 9.83 14.47
N VAL A 97 10.09 9.32 14.78
CA VAL A 97 10.42 7.94 14.47
C VAL A 97 10.16 7.02 15.66
N ALA A 98 9.92 5.74 15.37
CA ALA A 98 9.66 4.76 16.41
C ALA A 98 10.95 4.38 17.14
N GLY A 1 36.94 5.25 8.68
CA GLY A 1 37.51 6.41 8.03
C GLY A 1 36.45 7.27 7.34
N SER A 2 35.62 7.93 8.14
CA SER A 2 34.56 8.77 7.60
C SER A 2 33.75 8.02 6.56
N SER A 3 33.45 6.76 6.84
CA SER A 3 32.68 5.93 5.92
C SER A 3 31.18 6.13 6.14
N GLY A 4 30.43 6.21 5.04
CA GLY A 4 28.99 6.40 5.13
C GLY A 4 28.24 5.08 5.23
N SER A 5 27.89 4.51 4.07
CA SER A 5 27.17 3.25 4.04
C SER A 5 27.22 2.65 2.64
N SER A 6 27.72 1.42 2.55
CA SER A 6 27.83 0.72 1.26
C SER A 6 26.86 -0.45 1.20
N GLY A 7 26.25 -0.64 0.05
CA GLY A 7 25.29 -1.72 -0.12
C GLY A 7 24.87 -1.90 -1.57
N SER A 8 23.61 -1.60 -1.86
CA SER A 8 23.09 -1.74 -3.21
C SER A 8 23.04 -0.39 -3.92
N THR A 9 23.03 -0.42 -5.24
CA THR A 9 22.98 0.80 -6.04
C THR A 9 21.58 1.09 -6.52
N ALA A 10 21.11 2.32 -6.29
CA ALA A 10 19.78 2.74 -6.70
C ALA A 10 19.71 2.93 -8.22
N THR A 11 19.34 1.88 -8.93
CA THR A 11 19.23 1.94 -10.39
C THR A 11 18.51 3.20 -10.84
N GLN A 12 17.40 3.50 -10.16
CA GLN A 12 16.61 4.69 -10.50
C GLN A 12 16.09 5.36 -9.24
N LYS A 13 15.39 6.49 -9.41
CA LYS A 13 14.83 7.23 -8.29
C LYS A 13 13.34 7.45 -8.48
N LEU A 14 12.54 6.42 -8.21
CA LEU A 14 11.10 6.50 -8.35
C LEU A 14 10.40 5.40 -7.56
N LEU A 15 9.19 5.69 -7.10
CA LEU A 15 8.42 4.72 -6.33
C LEU A 15 6.93 5.01 -6.41
N ARG A 16 6.11 4.01 -6.10
CA ARG A 16 4.66 4.16 -6.14
C ARG A 16 4.10 4.37 -4.74
N THR A 17 2.94 5.01 -4.66
CA THR A 17 2.29 5.26 -3.37
C THR A 17 1.04 4.42 -3.21
N ASP A 18 0.45 4.01 -4.33
CA ASP A 18 -0.76 3.19 -4.31
C ASP A 18 -0.41 1.71 -4.24
N LYS A 19 0.50 1.37 -3.33
CA LYS A 19 0.93 -0.02 -3.16
C LYS A 19 1.08 -0.35 -1.68
N LEU A 20 0.87 -1.63 -1.35
CA LEU A 20 0.98 -2.08 0.03
C LEU A 20 1.68 -3.44 0.10
N GLU A 21 2.74 -3.51 0.90
CA GLU A 21 3.50 -4.75 1.05
C GLU A 21 2.70 -5.79 1.83
N VAL A 22 2.50 -6.95 1.22
CA VAL A 22 1.74 -8.03 1.86
C VAL A 22 2.55 -8.67 2.98
N CYS A 23 1.94 -8.80 4.15
CA CYS A 23 2.60 -9.40 5.30
C CYS A 23 2.96 -10.87 5.01
N ARG A 24 4.06 -11.32 5.59
CA ARG A 24 4.50 -12.70 5.41
C ARG A 24 3.93 -13.62 6.49
N GLU A 25 3.91 -13.13 7.72
CA GLU A 25 3.40 -13.89 8.84
C GLU A 25 1.91 -14.22 8.64
N PHE A 26 1.10 -13.19 8.42
CA PHE A 26 -0.32 -13.37 8.21
C PHE A 26 -0.58 -14.55 7.28
N GLN A 27 0.18 -14.62 6.20
CA GLN A 27 0.03 -15.70 5.23
C GLN A 27 -0.07 -17.06 5.93
N ARG A 28 0.91 -17.35 6.78
CA ARG A 28 0.94 -18.61 7.50
C ARG A 28 0.19 -18.49 8.83
N GLY A 29 -0.74 -17.55 8.89
CA GLY A 29 -1.51 -17.34 10.10
C GLY A 29 -0.62 -17.17 11.33
N ASN A 30 0.41 -16.36 11.20
CA ASN A 30 1.34 -16.12 12.31
C ASN A 30 1.18 -14.70 12.85
N CYS A 31 1.03 -13.74 11.96
CA CYS A 31 0.86 -12.35 12.35
C CYS A 31 -0.27 -12.20 13.36
N ALA A 32 0.02 -11.54 14.47
CA ALA A 32 -0.98 -11.32 15.52
C ALA A 32 -1.47 -9.88 15.52
N ARG A 33 -0.66 -8.98 14.98
CA ARG A 33 -1.01 -7.57 14.92
C ARG A 33 -2.16 -7.34 13.94
N GLY A 34 -2.31 -8.25 12.98
CA GLY A 34 -3.37 -8.13 12.00
C GLY A 34 -3.28 -6.85 11.19
N GLU A 35 -4.07 -6.77 10.12
CA GLU A 35 -4.06 -5.59 9.26
C GLU A 35 -4.47 -4.35 10.03
N THR A 36 -4.92 -4.54 11.27
CA THR A 36 -5.34 -3.44 12.12
C THR A 36 -4.15 -2.80 12.82
N ASP A 37 -3.35 -3.63 13.47
CA ASP A 37 -2.17 -3.15 14.19
C ASP A 37 -0.90 -3.39 13.37
N CYS A 38 -1.07 -3.84 12.14
CA CYS A 38 0.05 -4.11 11.26
C CYS A 38 0.08 -3.13 10.09
N ARG A 39 1.26 -2.57 9.82
CA ARG A 39 1.41 -1.62 8.72
C ARG A 39 1.19 -2.30 7.38
N PHE A 40 1.57 -3.57 7.29
CA PHE A 40 1.42 -4.33 6.06
C PHE A 40 -0.02 -4.80 5.89
N ALA A 41 -0.50 -4.79 4.64
CA ALA A 41 -1.86 -5.22 4.34
C ALA A 41 -1.97 -6.73 4.32
N HIS A 42 -3.07 -7.26 4.86
CA HIS A 42 -3.29 -8.70 4.90
C HIS A 42 -4.37 -9.11 3.90
N PRO A 43 -3.94 -9.63 2.74
CA PRO A 43 -4.84 -10.08 1.68
C PRO A 43 -5.62 -11.33 2.07
N ALA A 44 -6.92 -11.33 1.78
CA ALA A 44 -7.77 -12.47 2.09
C ALA A 44 -7.90 -13.41 0.89
N ASP A 45 -8.06 -12.83 -0.29
CA ASP A 45 -8.18 -13.61 -1.51
C ASP A 45 -6.95 -14.47 -1.74
N SER A 46 -7.03 -15.36 -2.73
CA SER A 46 -5.92 -16.25 -3.04
C SER A 46 -5.09 -15.69 -4.21
N THR A 47 -5.78 -15.29 -5.27
CA THR A 47 -5.13 -14.74 -6.45
C THR A 47 -4.93 -13.23 -6.32
N MET A 48 -4.39 -12.81 -5.18
CA MET A 48 -4.15 -11.39 -4.92
C MET A 48 -2.67 -11.12 -4.66
N ILE A 49 -2.03 -12.06 -3.98
CA ILE A 49 -0.60 -11.93 -3.66
C ILE A 49 0.26 -12.34 -4.84
N ASP A 50 1.37 -11.64 -5.02
CA ASP A 50 2.30 -11.93 -6.12
C ASP A 50 3.62 -12.47 -5.58
N THR A 51 4.01 -13.65 -6.04
CA THR A 51 5.25 -14.27 -5.62
C THR A 51 6.45 -13.63 -6.29
N SER A 52 6.21 -12.54 -7.02
CA SER A 52 7.27 -11.83 -7.72
C SER A 52 7.76 -10.65 -6.90
N ASP A 53 6.83 -9.93 -6.28
CA ASP A 53 7.18 -8.78 -5.46
C ASP A 53 6.49 -8.85 -4.10
N ASN A 54 5.32 -9.45 -4.06
CA ASN A 54 4.56 -9.58 -2.82
C ASN A 54 3.95 -8.26 -2.41
N THR A 55 3.36 -7.56 -3.38
CA THR A 55 2.73 -6.27 -3.11
C THR A 55 1.37 -6.17 -3.79
N VAL A 56 0.44 -5.47 -3.14
CA VAL A 56 -0.90 -5.30 -3.68
C VAL A 56 -1.15 -3.84 -4.08
N THR A 57 -1.99 -3.66 -5.09
CA THR A 57 -2.32 -2.32 -5.58
C THR A 57 -3.31 -1.63 -4.65
N VAL A 58 -3.27 -0.30 -4.63
CA VAL A 58 -4.17 0.48 -3.78
C VAL A 58 -5.15 1.28 -4.63
N CYS A 59 -6.45 1.12 -4.35
CA CYS A 59 -7.49 1.84 -5.08
C CYS A 59 -7.44 3.33 -4.75
N MET A 60 -6.81 4.10 -5.64
CA MET A 60 -6.71 5.55 -5.46
C MET A 60 -8.07 6.15 -5.12
N ASP A 61 -9.06 5.88 -5.95
CA ASP A 61 -10.40 6.40 -5.73
C ASP A 61 -10.86 6.13 -4.30
N TYR A 62 -10.93 4.86 -3.94
CA TYR A 62 -11.36 4.46 -2.60
C TYR A 62 -10.77 5.39 -1.54
N ILE A 63 -9.46 5.62 -1.63
CA ILE A 63 -8.77 6.50 -0.69
C ILE A 63 -9.50 7.82 -0.54
N LYS A 64 -9.91 8.40 -1.66
CA LYS A 64 -10.62 9.68 -1.64
C LYS A 64 -11.94 9.56 -0.86
N GLY A 65 -12.46 8.34 -0.79
CA GLY A 65 -13.71 8.12 -0.07
C GLY A 65 -14.82 7.64 -0.97
N ARG A 66 -14.63 7.79 -2.29
CA ARG A 66 -15.63 7.37 -3.26
C ARG A 66 -15.00 6.49 -4.34
N CYS A 67 -15.24 5.19 -4.23
CA CYS A 67 -14.70 4.23 -5.19
C CYS A 67 -15.81 3.65 -6.05
N MET A 68 -15.91 4.14 -7.29
CA MET A 68 -16.93 3.66 -8.22
C MET A 68 -16.32 3.31 -9.57
N ARG A 69 -15.04 2.93 -9.56
CA ARG A 69 -14.35 2.57 -10.78
C ARG A 69 -15.04 1.42 -11.50
N GLU A 70 -15.00 1.44 -12.82
CA GLU A 70 -15.63 0.40 -13.62
C GLU A 70 -15.06 -0.98 -13.28
N LYS A 71 -15.74 -1.68 -12.38
CA LYS A 71 -15.30 -3.01 -11.97
C LYS A 71 -13.99 -2.93 -11.19
N CYS A 72 -13.96 -2.07 -10.18
CA CYS A 72 -12.77 -1.90 -9.35
C CYS A 72 -12.18 -3.26 -8.96
N LYS A 73 -10.89 -3.43 -9.22
CA LYS A 73 -10.21 -4.68 -8.90
C LYS A 73 -8.95 -4.40 -8.07
N TYR A 74 -9.00 -3.35 -7.26
CA TYR A 74 -7.86 -3.00 -6.41
C TYR A 74 -8.13 -3.35 -4.96
N PHE A 75 -7.07 -3.46 -4.17
CA PHE A 75 -7.19 -3.79 -2.75
C PHE A 75 -7.68 -2.58 -1.96
N HIS A 76 -8.52 -2.85 -0.96
CA HIS A 76 -9.07 -1.79 -0.12
C HIS A 76 -8.54 -1.91 1.31
N PRO A 77 -7.51 -1.12 1.63
CA PRO A 77 -6.90 -1.12 2.97
C PRO A 77 -7.82 -0.51 4.02
N PRO A 78 -7.44 -0.67 5.29
CA PRO A 78 -8.22 -0.15 6.43
C PRO A 78 -8.18 1.37 6.51
N ALA A 79 -8.86 1.91 7.51
CA ALA A 79 -8.90 3.36 7.70
C ALA A 79 -7.52 3.92 8.00
N HIS A 80 -6.95 3.49 9.12
CA HIS A 80 -5.62 3.95 9.53
C HIS A 80 -4.67 4.01 8.34
N LEU A 81 -4.61 2.92 7.58
CA LEU A 81 -3.74 2.85 6.40
C LEU A 81 -4.20 3.85 5.34
N GLN A 82 -5.45 3.73 4.91
CA GLN A 82 -6.00 4.62 3.90
C GLN A 82 -5.43 6.03 4.05
N ALA A 83 -5.27 6.46 5.30
CA ALA A 83 -4.73 7.79 5.58
C ALA A 83 -3.25 7.88 5.23
N LYS A 84 -2.49 6.88 5.67
CA LYS A 84 -1.06 6.85 5.40
C LYS A 84 -0.76 7.24 3.95
N ILE A 85 -1.54 6.70 3.03
CA ILE A 85 -1.37 7.00 1.61
C ILE A 85 -1.73 8.45 1.31
N LYS A 86 -2.93 8.85 1.71
CA LYS A 86 -3.41 10.21 1.49
C LYS A 86 -2.34 11.23 1.88
N ALA A 87 -1.68 10.97 3.01
CA ALA A 87 -0.63 11.86 3.49
C ALA A 87 0.30 12.30 2.37
N ALA A 88 0.82 11.32 1.63
CA ALA A 88 1.71 11.61 0.51
C ALA A 88 1.12 12.65 -0.43
N GLN A 89 -0.18 12.54 -0.68
CA GLN A 89 -0.87 13.47 -1.57
C GLN A 89 -1.07 14.82 -0.88
N HIS A 90 -1.71 14.79 0.28
CA HIS A 90 -1.95 16.02 1.04
C HIS A 90 -0.88 16.24 2.09
N GLN A 91 0.00 17.20 1.84
CA GLN A 91 1.09 17.52 2.76
C GLN A 91 0.64 17.34 4.20
N ALA A 92 1.32 16.48 4.94
CA ALA A 92 1.00 16.21 6.33
C ALA A 92 1.99 16.91 7.27
N ASN A 93 1.46 17.67 8.23
CA ASN A 93 2.29 18.39 9.19
C ASN A 93 2.37 17.63 10.51
N GLN A 94 2.52 16.32 10.42
CA GLN A 94 2.61 15.48 11.61
C GLN A 94 3.90 14.66 11.61
N ALA A 95 4.51 14.54 12.78
CA ALA A 95 5.75 13.77 12.91
C ALA A 95 5.47 12.28 12.98
N ALA A 96 5.58 11.60 11.85
CA ALA A 96 5.35 10.17 11.79
C ALA A 96 6.43 9.40 12.53
N VAL A 97 6.06 8.23 13.06
CA VAL A 97 7.01 7.40 13.79
C VAL A 97 7.08 6.00 13.19
N ALA A 98 8.21 5.33 13.41
CA ALA A 98 8.41 3.97 12.89
C ALA A 98 8.77 3.01 14.02
N GLY A 1 32.12 18.47 20.24
CA GLY A 1 30.83 18.92 19.74
C GLY A 1 29.69 18.58 20.69
N SER A 2 29.07 19.61 21.26
CA SER A 2 27.97 19.42 22.20
C SER A 2 26.92 18.48 21.61
N SER A 3 26.58 18.71 20.35
CA SER A 3 25.57 17.87 19.67
C SER A 3 25.49 18.24 18.19
N GLY A 4 25.37 17.22 17.34
CA GLY A 4 25.28 17.45 15.92
C GLY A 4 25.73 16.25 15.10
N SER A 5 24.77 15.40 14.73
CA SER A 5 25.06 14.20 13.96
C SER A 5 24.35 14.24 12.61
N SER A 6 25.05 13.80 11.57
CA SER A 6 24.48 13.79 10.21
C SER A 6 24.02 12.39 9.84
N GLY A 7 23.22 12.30 8.78
CA GLY A 7 22.72 11.01 8.33
C GLY A 7 21.84 11.12 7.11
N SER A 8 20.54 10.92 7.31
CA SER A 8 19.57 11.00 6.22
C SER A 8 18.97 12.40 6.12
N THR A 9 19.40 13.17 5.12
CA THR A 9 18.91 14.52 4.93
C THR A 9 18.95 14.90 3.45
N ALA A 10 17.90 15.61 3.01
CA ALA A 10 17.81 16.05 1.62
C ALA A 10 17.75 14.85 0.67
N THR A 11 17.00 13.82 1.07
CA THR A 11 16.86 12.62 0.26
C THR A 11 15.48 12.56 -0.40
N GLN A 12 15.42 11.98 -1.59
CA GLN A 12 14.16 11.85 -2.32
C GLN A 12 14.19 10.64 -3.23
N LYS A 13 13.20 9.76 -3.09
CA LYS A 13 13.10 8.56 -3.91
C LYS A 13 11.64 8.20 -4.16
N LEU A 14 11.20 8.40 -5.41
CA LEU A 14 9.83 8.10 -5.78
C LEU A 14 9.53 6.61 -5.61
N LEU A 15 8.48 6.31 -4.86
CA LEU A 15 8.09 4.92 -4.61
C LEU A 15 6.59 4.75 -4.75
N ARG A 16 6.17 3.70 -5.45
CA ARG A 16 4.75 3.42 -5.65
C ARG A 16 3.97 3.67 -4.36
N THR A 17 3.21 4.76 -4.35
CA THR A 17 2.41 5.12 -3.18
C THR A 17 1.16 4.25 -3.08
N ASP A 18 0.71 3.75 -4.23
CA ASP A 18 -0.48 2.89 -4.27
C ASP A 18 -0.09 1.42 -4.24
N LYS A 19 0.92 1.10 -3.45
CA LYS A 19 1.40 -0.28 -3.33
C LYS A 19 1.58 -0.67 -1.87
N LEU A 20 0.85 -1.70 -1.44
CA LEU A 20 0.93 -2.17 -0.07
C LEU A 20 1.72 -3.48 0.02
N GLU A 21 2.76 -3.49 0.85
CA GLU A 21 3.58 -4.68 1.02
C GLU A 21 2.85 -5.75 1.80
N VAL A 22 2.54 -6.86 1.15
CA VAL A 22 1.83 -7.97 1.78
C VAL A 22 2.69 -8.62 2.87
N CYS A 23 2.12 -8.80 4.05
CA CYS A 23 2.83 -9.41 5.17
C CYS A 23 3.19 -10.85 4.85
N ARG A 24 4.26 -11.35 5.47
CA ARG A 24 4.71 -12.73 5.25
C ARG A 24 4.09 -13.66 6.29
N GLU A 25 3.95 -13.16 7.51
CA GLU A 25 3.37 -13.96 8.59
C GLU A 25 1.89 -14.21 8.35
N PHE A 26 1.10 -13.14 8.34
CA PHE A 26 -0.33 -13.23 8.12
C PHE A 26 -0.66 -14.37 7.15
N GLN A 27 0.12 -14.47 6.08
CA GLN A 27 -0.09 -15.51 5.08
C GLN A 27 -0.21 -16.88 5.74
N ARG A 28 0.73 -17.20 6.62
CA ARG A 28 0.72 -18.47 7.32
C ARG A 28 -0.01 -18.36 8.65
N GLY A 29 -0.80 -17.30 8.81
CA GLY A 29 -1.54 -17.09 10.04
C GLY A 29 -0.64 -17.06 11.26
N ASN A 30 0.39 -16.23 11.20
CA ASN A 30 1.33 -16.10 12.32
C ASN A 30 1.32 -14.68 12.87
N CYS A 31 1.15 -13.70 11.99
CA CYS A 31 1.13 -12.31 12.39
C CYS A 31 0.14 -12.07 13.54
N ALA A 32 0.59 -11.39 14.58
CA ALA A 32 -0.24 -11.10 15.72
C ALA A 32 -0.80 -9.69 15.66
N ARG A 33 -0.06 -8.79 15.03
CA ARG A 33 -0.47 -7.40 14.90
C ARG A 33 -1.78 -7.30 14.13
N GLY A 34 -2.00 -8.24 13.22
CA GLY A 34 -3.22 -8.24 12.43
C GLY A 34 -3.28 -7.07 11.46
N GLU A 35 -4.37 -6.97 10.71
CA GLU A 35 -4.55 -5.88 9.76
C GLU A 35 -4.92 -4.59 10.47
N THR A 36 -4.94 -4.63 11.80
CA THR A 36 -5.28 -3.46 12.60
C THR A 36 -4.04 -2.89 13.28
N ASP A 37 -3.16 -3.77 13.73
CA ASP A 37 -1.94 -3.36 14.40
C ASP A 37 -0.74 -3.46 13.46
N CYS A 38 -0.92 -4.15 12.35
CA CYS A 38 0.14 -4.33 11.37
C CYS A 38 -0.01 -3.34 10.21
N ARG A 39 1.09 -2.72 9.82
CA ARG A 39 1.07 -1.74 8.73
C ARG A 39 0.91 -2.44 7.39
N PHE A 40 1.54 -3.61 7.25
CA PHE A 40 1.47 -4.38 6.01
C PHE A 40 0.04 -4.79 5.72
N ALA A 41 -0.31 -4.81 4.43
CA ALA A 41 -1.65 -5.19 4.01
C ALA A 41 -1.85 -6.70 4.10
N HIS A 42 -2.87 -7.11 4.85
CA HIS A 42 -3.17 -8.51 5.03
C HIS A 42 -4.31 -8.95 4.11
N PRO A 43 -3.96 -9.59 2.99
CA PRO A 43 -4.94 -10.07 2.00
C PRO A 43 -5.76 -11.24 2.53
N ALA A 44 -6.99 -10.96 2.94
CA ALA A 44 -7.88 -11.98 3.46
C ALA A 44 -8.85 -12.46 2.39
N ASP A 45 -9.39 -11.51 1.62
CA ASP A 45 -10.34 -11.83 0.56
C ASP A 45 -9.73 -11.54 -0.82
N SER A 46 -10.49 -11.85 -1.86
CA SER A 46 -10.03 -11.64 -3.23
C SER A 46 -8.53 -11.90 -3.34
N THR A 47 -8.11 -13.09 -2.92
CA THR A 47 -6.71 -13.46 -2.99
C THR A 47 -6.02 -12.86 -4.21
N MET A 48 -5.25 -11.80 -4.00
CA MET A 48 -4.55 -11.14 -5.08
C MET A 48 -3.09 -10.85 -4.69
N ILE A 49 -2.29 -11.90 -4.63
CA ILE A 49 -0.88 -11.76 -4.28
C ILE A 49 0.02 -12.10 -5.45
N ASP A 50 1.20 -11.48 -5.48
CA ASP A 50 2.15 -11.73 -6.57
C ASP A 50 3.43 -12.35 -6.02
N THR A 51 3.77 -13.53 -6.52
CA THR A 51 4.98 -14.23 -6.08
C THR A 51 6.23 -13.62 -6.70
N SER A 52 6.05 -12.53 -7.44
CA SER A 52 7.16 -11.85 -8.09
C SER A 52 7.68 -10.69 -7.24
N ASP A 53 6.74 -9.93 -6.67
CA ASP A 53 7.09 -8.79 -5.83
C ASP A 53 6.45 -8.92 -4.45
N ASN A 54 5.29 -9.56 -4.40
CA ASN A 54 4.57 -9.74 -3.15
C ASN A 54 3.94 -8.43 -2.68
N THR A 55 3.40 -7.67 -3.63
CA THR A 55 2.77 -6.39 -3.31
C THR A 55 1.40 -6.29 -3.94
N VAL A 56 0.48 -5.61 -3.25
CA VAL A 56 -0.88 -5.44 -3.74
C VAL A 56 -1.16 -3.98 -4.10
N THR A 57 -1.88 -3.78 -5.20
CA THR A 57 -2.21 -2.43 -5.64
C THR A 57 -3.23 -1.77 -4.72
N VAL A 58 -3.11 -0.46 -4.54
CA VAL A 58 -4.02 0.29 -3.68
C VAL A 58 -4.95 1.17 -4.50
N CYS A 59 -6.26 0.98 -4.32
CA CYS A 59 -7.25 1.76 -5.05
C CYS A 59 -7.13 3.25 -4.70
N MET A 60 -6.69 4.04 -5.67
CA MET A 60 -6.53 5.47 -5.47
C MET A 60 -7.87 6.12 -5.09
N ASP A 61 -8.88 5.91 -5.93
CA ASP A 61 -10.20 6.47 -5.69
C ASP A 61 -10.65 6.21 -4.25
N TYR A 62 -10.79 4.94 -3.91
CA TYR A 62 -11.21 4.55 -2.57
C TYR A 62 -10.63 5.50 -1.52
N ILE A 63 -9.33 5.70 -1.58
CA ILE A 63 -8.65 6.59 -0.64
C ILE A 63 -9.34 7.95 -0.57
N LYS A 64 -9.72 8.47 -1.73
CA LYS A 64 -10.40 9.76 -1.80
C LYS A 64 -11.70 9.73 -1.02
N GLY A 65 -12.29 8.55 -0.90
CA GLY A 65 -13.55 8.41 -0.17
C GLY A 65 -14.68 7.96 -1.07
N ARG A 66 -14.49 8.08 -2.38
CA ARG A 66 -15.50 7.67 -3.35
C ARG A 66 -14.91 6.75 -4.40
N CYS A 67 -15.16 5.45 -4.26
CA CYS A 67 -14.65 4.47 -5.21
C CYS A 67 -15.79 3.85 -6.02
N MET A 68 -16.01 4.36 -7.21
CA MET A 68 -17.08 3.86 -8.08
C MET A 68 -16.53 3.53 -9.47
N ARG A 69 -15.27 3.12 -9.52
CA ARG A 69 -14.62 2.78 -10.79
C ARG A 69 -15.39 1.67 -11.50
N GLU A 70 -15.10 1.48 -12.79
CA GLU A 70 -15.76 0.45 -13.57
C GLU A 70 -15.37 -0.94 -13.08
N LYS A 71 -16.23 -1.54 -12.26
CA LYS A 71 -15.98 -2.87 -11.72
C LYS A 71 -14.64 -2.92 -11.00
N CYS A 72 -14.44 -2.00 -10.06
CA CYS A 72 -13.20 -1.94 -9.29
C CYS A 72 -12.77 -3.32 -8.85
N LYS A 73 -11.50 -3.65 -9.08
CA LYS A 73 -10.96 -4.95 -8.69
C LYS A 73 -9.64 -4.79 -7.95
N TYR A 74 -9.44 -3.64 -7.35
CA TYR A 74 -8.21 -3.36 -6.61
C TYR A 74 -8.41 -3.58 -5.11
N PHE A 75 -7.31 -3.76 -4.39
CA PHE A 75 -7.36 -3.98 -2.96
C PHE A 75 -7.78 -2.72 -2.22
N HIS A 76 -8.52 -2.89 -1.14
CA HIS A 76 -8.98 -1.75 -0.34
C HIS A 76 -8.47 -1.84 1.09
N PRO A 77 -7.46 -1.01 1.41
CA PRO A 77 -6.86 -0.99 2.75
C PRO A 77 -7.81 -0.41 3.79
N PRO A 78 -7.48 -0.63 5.08
CA PRO A 78 -8.29 -0.13 6.20
C PRO A 78 -8.21 1.37 6.35
N ALA A 79 -8.91 1.90 7.35
CA ALA A 79 -8.92 3.34 7.59
C ALA A 79 -7.52 3.85 7.94
N HIS A 80 -7.02 3.45 9.10
CA HIS A 80 -5.70 3.87 9.55
C HIS A 80 -4.73 3.96 8.36
N LEU A 81 -4.66 2.89 7.59
CA LEU A 81 -3.78 2.85 6.42
C LEU A 81 -4.22 3.85 5.36
N GLN A 82 -5.49 3.76 4.96
CA GLN A 82 -6.04 4.65 3.95
C GLN A 82 -5.46 6.06 4.11
N ALA A 83 -5.28 6.48 5.36
CA ALA A 83 -4.73 7.81 5.63
C ALA A 83 -3.25 7.87 5.29
N LYS A 84 -2.49 6.90 5.78
CA LYS A 84 -1.06 6.84 5.53
C LYS A 84 -0.75 7.26 4.09
N ILE A 85 -1.63 6.91 3.17
CA ILE A 85 -1.44 7.25 1.76
C ILE A 85 -1.90 8.67 1.48
N LYS A 86 -3.10 9.01 1.93
CA LYS A 86 -3.65 10.35 1.73
C LYS A 86 -2.58 11.42 1.97
N ALA A 87 -1.82 11.26 3.04
CA ALA A 87 -0.76 12.20 3.38
C ALA A 87 0.07 12.55 2.16
N ALA A 88 0.62 11.51 1.51
CA ALA A 88 1.45 11.71 0.33
C ALA A 88 0.79 12.67 -0.65
N GLN A 89 -0.47 12.38 -1.02
CA GLN A 89 -1.20 13.23 -1.94
C GLN A 89 -1.29 14.66 -1.42
N HIS A 90 -1.93 14.82 -0.26
CA HIS A 90 -2.09 16.14 0.34
C HIS A 90 -0.74 16.82 0.52
N GLN A 91 -0.72 18.14 0.34
CA GLN A 91 0.51 18.91 0.49
C GLN A 91 1.00 18.89 1.93
N ALA A 92 1.94 17.99 2.22
CA ALA A 92 2.49 17.87 3.57
C ALA A 92 3.79 17.07 3.55
N ASN A 93 4.90 17.73 3.85
CA ASN A 93 6.21 17.08 3.87
C ASN A 93 6.46 16.42 5.22
N GLN A 94 6.29 15.10 5.27
CA GLN A 94 6.50 14.35 6.51
C GLN A 94 7.93 13.86 6.60
N ALA A 95 8.37 13.59 7.83
CA ALA A 95 9.73 13.11 8.07
C ALA A 95 9.73 11.67 8.57
N ALA A 96 9.71 10.72 7.64
CA ALA A 96 9.71 9.31 7.99
C ALA A 96 10.82 8.56 7.26
N VAL A 97 11.01 7.30 7.62
CA VAL A 97 12.04 6.46 7.00
C VAL A 97 11.46 5.15 6.50
N ALA A 98 11.65 4.86 5.21
CA ALA A 98 11.15 3.64 4.62
C ALA A 98 9.74 3.33 5.10
N GLY A 1 -22.28 36.25 -21.25
CA GLY A 1 -21.93 35.00 -20.60
C GLY A 1 -20.56 34.49 -21.01
N SER A 2 -19.89 33.80 -20.09
CA SER A 2 -18.56 33.26 -20.37
C SER A 2 -18.47 31.81 -19.90
N SER A 3 -17.72 31.00 -20.66
CA SER A 3 -17.54 29.60 -20.33
C SER A 3 -16.06 29.25 -20.17
N GLY A 4 -15.78 28.19 -19.42
CA GLY A 4 -14.42 27.76 -19.21
C GLY A 4 -14.30 26.30 -18.85
N SER A 5 -13.56 25.55 -19.66
CA SER A 5 -13.38 24.12 -19.42
C SER A 5 -12.12 23.86 -18.60
N SER A 6 -10.97 24.26 -19.14
CA SER A 6 -9.70 24.07 -18.45
C SER A 6 -9.56 22.63 -17.95
N GLY A 7 -9.95 21.68 -18.80
CA GLY A 7 -9.86 20.28 -18.41
C GLY A 7 -8.50 19.92 -17.85
N SER A 8 -8.43 18.75 -17.22
CA SER A 8 -7.17 18.29 -16.62
C SER A 8 -6.52 17.22 -17.49
N THR A 9 -5.23 17.39 -17.75
CA THR A 9 -4.49 16.44 -18.58
C THR A 9 -3.38 15.76 -17.78
N ALA A 10 -3.14 14.49 -18.06
CA ALA A 10 -2.10 13.72 -17.37
C ALA A 10 -0.91 13.46 -18.28
N THR A 11 0.05 14.37 -18.27
CA THR A 11 1.24 14.24 -19.09
C THR A 11 2.51 14.23 -18.25
N GLN A 12 2.58 15.15 -17.30
CA GLN A 12 3.74 15.25 -16.42
C GLN A 12 3.43 14.67 -15.04
N LYS A 13 2.73 13.54 -15.03
CA LYS A 13 2.37 12.88 -13.78
C LYS A 13 2.82 11.42 -13.78
N LEU A 14 4.03 11.18 -13.27
CA LEU A 14 4.57 9.84 -13.21
C LEU A 14 4.95 9.46 -11.78
N LEU A 15 3.98 9.59 -10.87
CA LEU A 15 4.21 9.27 -9.47
C LEU A 15 2.92 8.76 -8.81
N ARG A 16 3.06 7.74 -7.98
CA ARG A 16 1.91 7.17 -7.28
C ARG A 16 2.37 6.26 -6.14
N THR A 17 1.61 6.27 -5.05
CA THR A 17 1.93 5.44 -3.89
C THR A 17 0.76 4.54 -3.51
N ASP A 18 0.05 4.05 -4.52
CA ASP A 18 -1.09 3.18 -4.29
C ASP A 18 -0.67 1.71 -4.26
N LYS A 19 0.35 1.43 -3.45
CA LYS A 19 0.86 0.06 -3.32
C LYS A 19 1.16 -0.27 -1.86
N LEU A 20 0.67 -1.42 -1.41
CA LEU A 20 0.88 -1.85 -0.03
C LEU A 20 1.63 -3.17 0.00
N GLU A 21 2.61 -3.28 0.90
CA GLU A 21 3.40 -4.50 1.04
C GLU A 21 2.62 -5.56 1.80
N VAL A 22 2.44 -6.71 1.18
CA VAL A 22 1.71 -7.81 1.80
C VAL A 22 2.54 -8.46 2.90
N CYS A 23 1.90 -8.75 4.03
CA CYS A 23 2.58 -9.37 5.16
C CYS A 23 2.84 -10.86 4.89
N ARG A 24 4.08 -11.29 5.11
CA ARG A 24 4.46 -12.67 4.88
C ARG A 24 3.94 -13.56 6.01
N GLU A 25 3.93 -13.02 7.23
CA GLU A 25 3.46 -13.76 8.39
C GLU A 25 1.97 -14.07 8.28
N PHE A 26 1.16 -13.02 8.23
CA PHE A 26 -0.28 -13.17 8.12
C PHE A 26 -0.64 -14.40 7.28
N GLN A 27 0.01 -14.53 6.13
CA GLN A 27 -0.24 -15.66 5.24
C GLN A 27 -0.22 -16.97 6.01
N ARG A 28 0.86 -17.21 6.74
CA ARG A 28 1.01 -18.44 7.52
C ARG A 28 0.32 -18.30 8.88
N GLY A 29 -0.54 -17.29 9.00
CA GLY A 29 -1.24 -17.07 10.25
C GLY A 29 -0.31 -16.97 11.43
N ASN A 30 0.72 -16.14 11.31
CA ASN A 30 1.69 -15.96 12.39
C ASN A 30 1.71 -14.50 12.86
N CYS A 31 1.42 -13.58 11.95
CA CYS A 31 1.40 -12.16 12.28
C CYS A 31 0.51 -11.90 13.49
N ALA A 32 0.94 -10.96 14.34
CA ALA A 32 0.17 -10.61 15.53
C ALA A 32 -0.37 -9.19 15.44
N ARG A 33 0.32 -8.34 14.68
CA ARG A 33 -0.09 -6.96 14.51
C ARG A 33 -1.43 -6.88 13.79
N GLY A 34 -1.81 -7.97 13.13
CA GLY A 34 -3.06 -8.00 12.41
C GLY A 34 -3.20 -6.84 11.42
N GLU A 35 -4.30 -6.84 10.68
CA GLU A 35 -4.54 -5.78 9.70
C GLU A 35 -5.06 -4.51 10.38
N THR A 36 -4.96 -4.47 11.70
CA THR A 36 -5.41 -3.33 12.48
C THR A 36 -4.24 -2.62 13.16
N ASP A 37 -3.18 -3.36 13.40
CA ASP A 37 -1.99 -2.81 14.05
C ASP A 37 -0.76 -3.00 13.17
N CYS A 38 -0.92 -3.74 12.09
CA CYS A 38 0.18 -4.00 11.17
C CYS A 38 0.13 -3.06 9.97
N ARG A 39 1.30 -2.65 9.50
CA ARG A 39 1.39 -1.75 8.36
C ARG A 39 1.17 -2.51 7.05
N PHE A 40 1.69 -3.74 6.98
CA PHE A 40 1.55 -4.56 5.79
C PHE A 40 0.09 -4.95 5.57
N ALA A 41 -0.37 -4.83 4.33
CA ALA A 41 -1.75 -5.19 3.99
C ALA A 41 -1.95 -6.69 4.03
N HIS A 42 -2.97 -7.14 4.76
CA HIS A 42 -3.28 -8.56 4.88
C HIS A 42 -4.41 -8.95 3.94
N PRO A 43 -4.04 -9.58 2.82
CA PRO A 43 -5.02 -10.02 1.82
C PRO A 43 -5.88 -11.18 2.31
N ALA A 44 -7.01 -11.40 1.65
CA ALA A 44 -7.92 -12.48 2.02
C ALA A 44 -7.30 -13.85 1.72
N ASP A 45 -6.67 -13.97 0.56
CA ASP A 45 -6.04 -15.21 0.16
C ASP A 45 -4.74 -14.96 -0.60
N SER A 46 -4.06 -16.03 -0.98
CA SER A 46 -2.80 -15.91 -1.71
C SER A 46 -3.05 -15.82 -3.21
N THR A 47 -4.06 -15.05 -3.60
CA THR A 47 -4.41 -14.88 -5.00
C THR A 47 -3.98 -13.51 -5.51
N MET A 48 -4.15 -12.49 -4.67
CA MET A 48 -3.78 -11.13 -5.04
C MET A 48 -2.40 -10.78 -4.52
N ILE A 49 -1.51 -11.77 -4.50
CA ILE A 49 -0.14 -11.57 -4.03
C ILE A 49 0.88 -11.96 -5.09
N ASP A 50 1.94 -11.18 -5.21
CA ASP A 50 2.99 -11.45 -6.18
C ASP A 50 4.27 -11.90 -5.49
N THR A 51 4.77 -13.08 -5.87
CA THR A 51 5.99 -13.61 -5.28
C THR A 51 7.22 -12.90 -5.83
N SER A 52 6.99 -11.89 -6.67
CA SER A 52 8.08 -11.13 -7.26
C SER A 52 8.38 -9.88 -6.44
N ASP A 53 7.33 -9.19 -6.02
CA ASP A 53 7.48 -7.99 -5.22
C ASP A 53 6.71 -8.10 -3.91
N ASN A 54 5.70 -8.97 -3.89
CA ASN A 54 4.88 -9.17 -2.70
C ASN A 54 4.15 -7.88 -2.33
N THR A 55 3.56 -7.22 -3.31
CA THR A 55 2.83 -5.98 -3.09
C THR A 55 1.46 -6.02 -3.73
N VAL A 56 0.51 -5.30 -3.14
CA VAL A 56 -0.85 -5.27 -3.67
C VAL A 56 -1.23 -3.85 -4.10
N THR A 57 -2.02 -3.76 -5.16
CA THR A 57 -2.45 -2.46 -5.68
C THR A 57 -3.53 -1.85 -4.79
N VAL A 58 -3.54 -0.52 -4.72
CA VAL A 58 -4.53 0.19 -3.92
C VAL A 58 -5.48 0.99 -4.79
N CYS A 59 -6.78 0.90 -4.49
CA CYS A 59 -7.79 1.61 -5.25
C CYS A 59 -7.69 3.11 -5.00
N MET A 60 -7.31 3.86 -6.04
CA MET A 60 -7.17 5.29 -5.94
C MET A 60 -8.49 5.94 -5.52
N ASP A 61 -9.55 5.60 -6.25
CA ASP A 61 -10.88 6.14 -5.95
C ASP A 61 -11.24 5.94 -4.49
N TYR A 62 -11.25 4.68 -4.07
CA TYR A 62 -11.58 4.34 -2.68
C TYR A 62 -10.95 5.33 -1.71
N ILE A 63 -9.66 5.60 -1.90
CA ILE A 63 -8.94 6.53 -1.04
C ILE A 63 -9.66 7.87 -0.95
N LYS A 64 -10.17 8.34 -2.08
CA LYS A 64 -10.90 9.61 -2.13
C LYS A 64 -12.16 9.54 -1.28
N GLY A 65 -12.67 8.33 -1.08
CA GLY A 65 -13.87 8.15 -0.29
C GLY A 65 -15.03 7.61 -1.10
N ARG A 66 -14.91 7.69 -2.43
CA ARG A 66 -15.95 7.20 -3.32
C ARG A 66 -15.37 6.27 -4.38
N CYS A 67 -15.63 4.97 -4.23
CA CYS A 67 -15.13 3.99 -5.17
C CYS A 67 -16.27 3.37 -5.98
N MET A 68 -16.49 3.91 -7.18
CA MET A 68 -17.55 3.41 -8.05
C MET A 68 -16.98 2.89 -9.36
N ARG A 69 -15.70 2.52 -9.34
CA ARG A 69 -15.03 2.00 -10.52
C ARG A 69 -15.83 0.85 -11.15
N GLU A 70 -16.11 0.96 -12.44
CA GLU A 70 -16.87 -0.06 -13.15
C GLU A 70 -16.28 -1.45 -12.89
N LYS A 71 -16.82 -2.13 -11.90
CA LYS A 71 -16.36 -3.47 -11.54
C LYS A 71 -15.00 -3.40 -10.84
N CYS A 72 -14.87 -2.48 -9.90
CA CYS A 72 -13.62 -2.32 -9.16
C CYS A 72 -12.97 -3.67 -8.88
N LYS A 73 -11.68 -3.77 -9.18
CA LYS A 73 -10.94 -5.01 -8.96
C LYS A 73 -9.60 -4.73 -8.28
N TYR A 74 -9.63 -3.87 -7.27
CA TYR A 74 -8.42 -3.51 -6.53
C TYR A 74 -8.61 -3.74 -5.04
N PHE A 75 -7.49 -3.87 -4.32
CA PHE A 75 -7.53 -4.09 -2.89
C PHE A 75 -7.97 -2.83 -2.15
N HIS A 76 -8.69 -3.01 -1.05
CA HIS A 76 -9.17 -1.88 -0.25
C HIS A 76 -8.63 -1.95 1.17
N PRO A 77 -7.57 -1.17 1.45
CA PRO A 77 -6.94 -1.13 2.77
C PRO A 77 -7.83 -0.46 3.81
N PRO A 78 -7.49 -0.67 5.10
CA PRO A 78 -8.25 -0.10 6.21
C PRO A 78 -8.07 1.42 6.31
N ALA A 79 -8.73 2.02 7.30
CA ALA A 79 -8.64 3.46 7.51
C ALA A 79 -7.23 3.88 7.89
N HIS A 80 -6.79 3.45 9.07
CA HIS A 80 -5.45 3.77 9.55
C HIS A 80 -4.45 3.80 8.40
N LEU A 81 -4.53 2.80 7.54
CA LEU A 81 -3.63 2.70 6.40
C LEU A 81 -4.01 3.71 5.32
N GLN A 82 -5.22 3.57 4.79
CA GLN A 82 -5.71 4.48 3.76
C GLN A 82 -5.17 5.89 3.96
N ALA A 83 -5.03 6.28 5.22
CA ALA A 83 -4.51 7.61 5.55
C ALA A 83 -3.04 7.75 5.15
N LYS A 84 -2.24 6.78 5.57
CA LYS A 84 -0.81 6.79 5.26
C LYS A 84 -0.56 7.23 3.83
N ILE A 85 -1.51 6.91 2.95
CA ILE A 85 -1.39 7.29 1.54
C ILE A 85 -1.88 8.71 1.31
N LYS A 86 -3.06 9.02 1.84
CA LYS A 86 -3.63 10.36 1.69
C LYS A 86 -2.66 11.43 2.19
N ALA A 87 -2.03 11.15 3.33
CA ALA A 87 -1.08 12.08 3.92
C ALA A 87 0.13 12.29 3.01
N ALA A 88 0.78 11.19 2.63
CA ALA A 88 1.93 11.25 1.75
C ALA A 88 1.66 12.12 0.53
N GLN A 89 0.53 11.88 -0.12
CA GLN A 89 0.15 12.64 -1.30
C GLN A 89 0.36 14.13 -1.09
N HIS A 90 -0.02 14.62 0.09
CA HIS A 90 0.13 16.03 0.43
C HIS A 90 1.55 16.51 0.15
N GLN A 91 2.51 15.87 0.80
CA GLN A 91 3.92 16.22 0.62
C GLN A 91 4.74 15.03 0.18
N ALA A 92 4.93 14.07 1.10
CA ALA A 92 5.70 12.88 0.80
C ALA A 92 5.29 12.28 -0.54
N ASN A 93 6.09 12.54 -1.57
CA ASN A 93 5.81 12.02 -2.90
C ASN A 93 6.63 10.77 -3.19
N GLN A 94 6.03 9.84 -3.93
CA GLN A 94 6.71 8.59 -4.28
C GLN A 94 6.80 8.42 -5.79
N ALA A 95 7.98 8.72 -6.34
CA ALA A 95 8.20 8.60 -7.79
C ALA A 95 8.80 7.24 -8.13
N ALA A 96 8.30 6.19 -7.49
CA ALA A 96 8.79 4.84 -7.74
C ALA A 96 8.17 4.25 -9.00
N VAL A 97 8.77 4.56 -10.15
CA VAL A 97 8.28 4.07 -11.42
C VAL A 97 8.47 2.56 -11.54
N ALA A 98 7.41 1.86 -11.93
CA ALA A 98 7.47 0.41 -12.08
C ALA A 98 6.27 -0.11 -12.85
N GLY A 1 12.47 1.67 -33.85
CA GLY A 1 12.77 1.73 -32.43
C GLY A 1 12.98 0.35 -31.83
N SER A 2 13.99 0.23 -30.97
CA SER A 2 14.30 -1.04 -30.33
C SER A 2 15.05 -0.82 -29.01
N SER A 3 15.18 -1.89 -28.22
CA SER A 3 15.87 -1.81 -26.95
C SER A 3 15.99 -3.19 -26.31
N GLY A 4 16.93 -3.33 -25.39
CA GLY A 4 17.13 -4.60 -24.71
C GLY A 4 16.81 -4.54 -23.24
N SER A 5 17.48 -5.36 -22.45
CA SER A 5 17.24 -5.40 -21.01
C SER A 5 18.54 -5.16 -20.24
N SER A 6 18.89 -3.89 -20.07
CA SER A 6 20.10 -3.52 -19.35
C SER A 6 20.02 -2.09 -18.83
N GLY A 7 19.84 -1.95 -17.53
CA GLY A 7 19.74 -0.63 -16.93
C GLY A 7 19.06 -0.66 -15.58
N SER A 8 19.78 -1.15 -14.57
CA SER A 8 19.23 -1.22 -13.22
C SER A 8 18.50 0.06 -12.85
N THR A 9 19.16 1.20 -13.08
CA THR A 9 18.58 2.50 -12.77
C THR A 9 17.22 2.66 -13.45
N ALA A 10 16.36 3.46 -12.83
CA ALA A 10 15.02 3.71 -13.37
C ALA A 10 14.65 5.18 -13.26
N THR A 11 13.60 5.58 -13.95
CA THR A 11 13.14 6.96 -13.94
C THR A 11 11.63 7.05 -14.18
N GLN A 12 10.92 7.60 -13.21
CA GLN A 12 9.47 7.74 -13.32
C GLN A 12 9.02 9.13 -12.88
N LYS A 13 8.09 9.72 -13.64
CA LYS A 13 7.58 11.04 -13.33
C LYS A 13 6.09 11.00 -13.05
N LEU A 14 5.63 9.91 -12.44
CA LEU A 14 4.22 9.74 -12.11
C LEU A 14 4.05 9.08 -10.74
N LEU A 15 3.31 9.75 -9.86
CA LEU A 15 3.07 9.24 -8.52
C LEU A 15 2.54 7.80 -8.58
N ARG A 16 3.25 6.89 -7.91
CA ARG A 16 2.85 5.49 -7.89
C ARG A 16 2.84 4.95 -6.45
N THR A 17 2.37 5.78 -5.52
CA THR A 17 2.31 5.40 -4.12
C THR A 17 1.07 4.57 -3.83
N ASP A 18 0.66 3.76 -4.79
CA ASP A 18 -0.52 2.91 -4.65
C ASP A 18 -0.12 1.44 -4.54
N LYS A 19 0.77 1.14 -3.60
CA LYS A 19 1.23 -0.24 -3.40
C LYS A 19 1.41 -0.53 -1.92
N LEU A 20 0.90 -1.67 -1.48
CA LEU A 20 1.01 -2.07 -0.07
C LEU A 20 1.71 -3.43 0.05
N GLU A 21 2.79 -3.46 0.82
CA GLU A 21 3.54 -4.69 1.01
C GLU A 21 2.72 -5.72 1.81
N VAL A 22 2.47 -6.86 1.19
CA VAL A 22 1.69 -7.91 1.84
C VAL A 22 2.50 -8.60 2.94
N CYS A 23 1.86 -8.81 4.09
CA CYS A 23 2.52 -9.45 5.22
C CYS A 23 2.77 -10.93 4.95
N ARG A 24 3.86 -11.45 5.51
CA ARG A 24 4.21 -12.85 5.32
C ARG A 24 3.57 -13.72 6.39
N GLU A 25 3.61 -13.26 7.63
CA GLU A 25 3.03 -14.00 8.75
C GLU A 25 1.55 -14.23 8.53
N PHE A 26 0.80 -13.15 8.35
CA PHE A 26 -0.64 -13.24 8.13
C PHE A 26 -0.98 -14.38 7.17
N GLN A 27 -0.18 -14.51 6.12
CA GLN A 27 -0.40 -15.57 5.13
C GLN A 27 -0.59 -16.91 5.81
N ARG A 28 0.32 -17.26 6.71
CA ARG A 28 0.26 -18.53 7.43
C ARG A 28 -0.51 -18.36 8.73
N GLY A 29 -1.30 -17.31 8.83
CA GLY A 29 -2.07 -17.06 10.03
C GLY A 29 -1.21 -17.01 11.28
N ASN A 30 -0.15 -16.22 11.22
CA ASN A 30 0.76 -16.09 12.35
C ASN A 30 0.77 -14.66 12.88
N CYS A 31 0.67 -13.69 11.97
CA CYS A 31 0.68 -12.29 12.35
C CYS A 31 -0.39 -12.00 13.39
N ALA A 32 0.05 -11.58 14.58
CA ALA A 32 -0.87 -11.26 15.66
C ALA A 32 -1.27 -9.79 15.64
N ARG A 33 -0.43 -8.96 15.05
CA ARG A 33 -0.69 -7.54 14.95
C ARG A 33 -1.89 -7.26 14.05
N GLY A 34 -2.21 -8.23 13.19
CA GLY A 34 -3.33 -8.07 12.28
C GLY A 34 -3.21 -6.82 11.43
N GLU A 35 -4.07 -6.72 10.42
CA GLU A 35 -4.06 -5.56 9.53
C GLU A 35 -4.30 -4.27 10.29
N THR A 36 -4.68 -4.41 11.56
CA THR A 36 -4.94 -3.25 12.41
C THR A 36 -3.66 -2.71 13.04
N ASP A 37 -3.03 -3.53 13.88
CA ASP A 37 -1.79 -3.14 14.54
C ASP A 37 -0.60 -3.34 13.62
N CYS A 38 -0.85 -3.89 12.44
CA CYS A 38 0.20 -4.15 11.47
C CYS A 38 0.12 -3.18 10.30
N ARG A 39 1.28 -2.69 9.86
CA ARG A 39 1.33 -1.74 8.75
C ARG A 39 1.08 -2.44 7.42
N PHE A 40 1.69 -3.61 7.25
CA PHE A 40 1.52 -4.38 6.01
C PHE A 40 0.07 -4.80 5.83
N ALA A 41 -0.42 -4.69 4.59
CA ALA A 41 -1.80 -5.06 4.28
C ALA A 41 -1.97 -6.57 4.31
N HIS A 42 -3.05 -7.03 4.94
CA HIS A 42 -3.34 -8.45 5.04
C HIS A 42 -4.44 -8.86 4.05
N PRO A 43 -4.02 -9.45 2.92
CA PRO A 43 -4.94 -9.90 1.87
C PRO A 43 -5.77 -11.10 2.31
N ALA A 44 -6.90 -10.81 2.95
CA ALA A 44 -7.79 -11.88 3.41
C ALA A 44 -8.95 -12.09 2.45
N ASP A 45 -9.54 -10.99 2.00
CA ASP A 45 -10.67 -11.06 1.08
C ASP A 45 -10.44 -12.14 0.02
N SER A 46 -9.29 -12.07 -0.66
CA SER A 46 -8.95 -13.04 -1.69
C SER A 46 -7.46 -13.34 -1.69
N THR A 47 -7.05 -14.29 -2.53
CA THR A 47 -5.65 -14.67 -2.62
C THR A 47 -4.92 -13.86 -3.68
N MET A 48 -5.14 -12.55 -3.67
CA MET A 48 -4.50 -11.67 -4.63
C MET A 48 -3.12 -11.25 -4.15
N ILE A 49 -2.12 -12.10 -4.37
CA ILE A 49 -0.76 -11.81 -3.96
C ILE A 49 0.24 -12.19 -5.04
N ASP A 50 1.36 -11.50 -5.08
CA ASP A 50 2.40 -11.76 -6.08
C ASP A 50 3.65 -12.35 -5.42
N THR A 51 4.01 -13.57 -5.79
CA THR A 51 5.18 -14.23 -5.25
C THR A 51 6.47 -13.64 -5.80
N SER A 52 6.33 -12.62 -6.64
CA SER A 52 7.48 -11.96 -7.25
C SER A 52 7.90 -10.74 -6.43
N ASP A 53 6.91 -9.96 -5.99
CA ASP A 53 7.18 -8.77 -5.20
C ASP A 53 6.40 -8.80 -3.89
N ASN A 54 5.32 -9.56 -3.87
CA ASN A 54 4.50 -9.68 -2.67
C ASN A 54 3.87 -8.34 -2.31
N THR A 55 3.45 -7.60 -3.33
CA THR A 55 2.83 -6.29 -3.11
C THR A 55 1.49 -6.19 -3.83
N VAL A 56 0.54 -5.50 -3.20
CA VAL A 56 -0.78 -5.33 -3.78
C VAL A 56 -1.05 -3.87 -4.14
N THR A 57 -1.64 -3.65 -5.31
CA THR A 57 -1.94 -2.29 -5.76
C THR A 57 -2.98 -1.64 -4.86
N VAL A 58 -3.00 -0.30 -4.86
CA VAL A 58 -3.95 0.44 -4.04
C VAL A 58 -4.94 1.21 -4.92
N CYS A 59 -6.21 1.12 -4.58
CA CYS A 59 -7.26 1.81 -5.33
C CYS A 59 -7.27 3.30 -5.01
N MET A 60 -6.69 4.10 -5.92
CA MET A 60 -6.63 5.53 -5.74
C MET A 60 -7.99 6.09 -5.34
N ASP A 61 -8.99 5.85 -6.18
CA ASP A 61 -10.34 6.33 -5.91
C ASP A 61 -10.76 6.00 -4.48
N TYR A 62 -10.76 4.72 -4.15
CA TYR A 62 -11.15 4.27 -2.81
C TYR A 62 -10.62 5.22 -1.75
N ILE A 63 -9.32 5.52 -1.82
CA ILE A 63 -8.69 6.42 -0.87
C ILE A 63 -9.52 7.68 -0.68
N LYS A 64 -10.00 8.25 -1.77
CA LYS A 64 -10.81 9.46 -1.72
C LYS A 64 -12.10 9.22 -0.94
N GLY A 65 -12.54 7.97 -0.90
CA GLY A 65 -13.76 7.64 -0.19
C GLY A 65 -14.83 7.09 -1.10
N ARG A 66 -14.68 7.31 -2.40
CA ARG A 66 -15.65 6.84 -3.38
C ARG A 66 -14.96 6.09 -4.51
N CYS A 67 -15.11 4.76 -4.51
CA CYS A 67 -14.50 3.93 -5.53
C CYS A 67 -15.53 3.53 -6.59
N MET A 68 -15.54 4.27 -7.70
CA MET A 68 -16.47 4.00 -8.79
C MET A 68 -15.82 3.08 -9.83
N ARG A 69 -14.50 2.98 -9.78
CA ARG A 69 -13.77 2.13 -10.73
C ARG A 69 -14.48 0.80 -10.93
N GLU A 70 -15.30 0.71 -11.96
CA GLU A 70 -16.04 -0.50 -12.26
C GLU A 70 -15.18 -1.73 -12.03
N LYS A 71 -15.81 -2.84 -11.63
CA LYS A 71 -15.10 -4.08 -11.37
C LYS A 71 -13.72 -3.80 -10.78
N CYS A 72 -13.64 -2.81 -9.91
CA CYS A 72 -12.38 -2.45 -9.27
C CYS A 72 -11.70 -3.68 -8.69
N LYS A 73 -10.59 -4.08 -9.32
CA LYS A 73 -9.83 -5.24 -8.87
C LYS A 73 -8.65 -4.82 -8.01
N TYR A 74 -8.73 -3.63 -7.43
CA TYR A 74 -7.67 -3.10 -6.58
C TYR A 74 -7.93 -3.43 -5.11
N PHE A 75 -6.85 -3.54 -4.34
CA PHE A 75 -6.96 -3.85 -2.92
C PHE A 75 -7.43 -2.63 -2.14
N HIS A 76 -8.35 -2.86 -1.20
CA HIS A 76 -8.88 -1.77 -0.38
C HIS A 76 -8.35 -1.87 1.06
N PRO A 77 -7.33 -1.07 1.36
CA PRO A 77 -6.71 -1.05 2.70
C PRO A 77 -7.64 -0.45 3.76
N PRO A 78 -7.31 -0.69 5.03
CA PRO A 78 -8.10 -0.19 6.16
C PRO A 78 -7.98 1.33 6.32
N ALA A 79 -8.67 1.87 7.32
CA ALA A 79 -8.62 3.30 7.58
C ALA A 79 -7.21 3.76 7.94
N HIS A 80 -6.74 3.34 9.11
CA HIS A 80 -5.41 3.72 9.58
C HIS A 80 -4.44 3.79 8.42
N LEU A 81 -4.39 2.74 7.61
CA LEU A 81 -3.50 2.70 6.45
C LEU A 81 -3.88 3.76 5.42
N GLN A 82 -5.12 3.71 4.96
CA GLN A 82 -5.62 4.66 3.98
C GLN A 82 -5.03 6.05 4.22
N ALA A 83 -4.91 6.42 5.50
CA ALA A 83 -4.36 7.71 5.87
C ALA A 83 -2.91 7.85 5.41
N LYS A 84 -2.10 6.83 5.71
CA LYS A 84 -0.69 6.84 5.33
C LYS A 84 -0.53 7.31 3.89
N ILE A 85 -1.36 6.79 3.00
CA ILE A 85 -1.30 7.16 1.59
C ILE A 85 -1.88 8.55 1.36
N LYS A 86 -3.05 8.80 1.96
CA LYS A 86 -3.72 10.08 1.82
C LYS A 86 -2.76 11.23 2.14
N ALA A 87 -2.02 11.09 3.22
CA ALA A 87 -1.06 12.11 3.63
C ALA A 87 -0.25 12.60 2.45
N ALA A 88 0.37 11.67 1.72
CA ALA A 88 1.17 12.01 0.55
C ALA A 88 0.42 12.95 -0.38
N GLN A 89 -0.86 12.68 -0.59
CA GLN A 89 -1.69 13.50 -1.46
C GLN A 89 -1.91 14.88 -0.85
N HIS A 90 -2.16 14.91 0.46
CA HIS A 90 -2.39 16.17 1.16
C HIS A 90 -1.23 17.14 0.96
N GLN A 91 -0.01 16.62 1.10
CA GLN A 91 1.19 17.43 0.93
C GLN A 91 1.63 17.47 -0.53
N ALA A 92 0.67 17.70 -1.42
CA ALA A 92 0.95 17.76 -2.85
C ALA A 92 1.57 19.11 -3.23
N ASN A 93 1.02 20.18 -2.65
CA ASN A 93 1.52 21.53 -2.94
C ASN A 93 2.45 22.00 -1.83
N GLN A 94 3.58 22.61 -2.22
CA GLN A 94 4.54 23.11 -1.27
C GLN A 94 4.37 24.61 -1.04
N ALA A 95 4.79 25.09 0.12
CA ALA A 95 4.69 26.50 0.45
C ALA A 95 5.85 27.29 -0.15
N ALA A 96 6.15 27.03 -1.42
CA ALA A 96 7.23 27.72 -2.10
C ALA A 96 6.70 28.82 -3.00
N VAL A 97 7.61 29.60 -3.58
CA VAL A 97 7.23 30.70 -4.47
C VAL A 97 7.23 30.25 -5.92
N ALA A 98 8.36 29.72 -6.37
CA ALA A 98 8.49 29.25 -7.75
C ALA A 98 9.39 28.02 -7.83
N GLY A 1 25.21 30.25 14.72
CA GLY A 1 24.89 29.04 13.98
C GLY A 1 24.21 29.32 12.66
N SER A 2 25.00 29.37 11.58
CA SER A 2 24.47 29.65 10.26
C SER A 2 25.28 28.93 9.18
N SER A 3 24.64 28.05 8.45
CA SER A 3 25.30 27.28 7.39
C SER A 3 24.29 26.47 6.59
N GLY A 4 24.74 25.94 5.45
CA GLY A 4 23.87 25.14 4.61
C GLY A 4 24.43 24.95 3.21
N SER A 5 25.05 23.80 2.97
CA SER A 5 25.64 23.51 1.67
C SER A 5 24.97 22.29 1.05
N SER A 6 24.58 22.42 -0.22
CA SER A 6 23.92 21.32 -0.93
C SER A 6 24.94 20.49 -1.69
N GLY A 7 24.47 19.40 -2.29
CA GLY A 7 25.36 18.53 -3.05
C GLY A 7 24.72 18.01 -4.31
N SER A 8 24.63 16.69 -4.43
CA SER A 8 24.04 16.06 -5.62
C SER A 8 22.55 15.82 -5.40
N THR A 9 21.81 15.68 -6.51
CA THR A 9 20.38 15.43 -6.45
C THR A 9 19.89 14.73 -7.71
N ALA A 10 18.79 14.00 -7.58
CA ALA A 10 18.22 13.27 -8.71
C ALA A 10 16.85 12.68 -8.35
N THR A 11 15.91 12.75 -9.29
CA THR A 11 14.57 12.23 -9.06
C THR A 11 13.96 11.73 -10.36
N GLN A 12 13.63 10.45 -10.40
CA GLN A 12 13.04 9.84 -11.59
C GLN A 12 11.52 9.86 -11.51
N LYS A 13 10.87 10.05 -12.65
CA LYS A 13 9.42 10.09 -12.72
C LYS A 13 8.83 8.68 -12.73
N LEU A 14 9.39 7.81 -11.90
CA LEU A 14 8.92 6.43 -11.82
C LEU A 14 8.79 5.99 -10.36
N LEU A 15 7.56 5.91 -9.88
CA LEU A 15 7.30 5.48 -8.50
C LEU A 15 5.93 4.82 -8.39
N ARG A 16 5.63 4.31 -7.20
CA ARG A 16 4.36 3.64 -6.95
C ARG A 16 3.88 3.89 -5.52
N THR A 17 2.73 4.53 -5.38
CA THR A 17 2.16 4.83 -4.07
C THR A 17 0.95 3.95 -3.79
N ASP A 18 0.36 3.39 -4.84
CA ASP A 18 -0.80 2.52 -4.70
C ASP A 18 -0.39 1.06 -4.61
N LYS A 19 0.63 0.79 -3.80
CA LYS A 19 1.13 -0.57 -3.62
C LYS A 19 1.28 -0.91 -2.14
N LEU A 20 0.53 -1.91 -1.69
CA LEU A 20 0.60 -2.34 -0.30
C LEU A 20 1.45 -3.59 -0.14
N GLU A 21 2.33 -3.58 0.85
CA GLU A 21 3.20 -4.72 1.11
C GLU A 21 2.48 -5.79 1.92
N VAL A 22 2.20 -6.93 1.28
CA VAL A 22 1.51 -8.03 1.94
C VAL A 22 2.38 -8.66 3.02
N CYS A 23 1.82 -8.84 4.20
CA CYS A 23 2.53 -9.43 5.32
C CYS A 23 2.93 -10.88 5.01
N ARG A 24 4.08 -11.29 5.52
CA ARG A 24 4.58 -12.65 5.29
C ARG A 24 4.10 -13.58 6.40
N GLU A 25 3.93 -13.04 7.60
CA GLU A 25 3.48 -13.83 8.74
C GLU A 25 2.01 -14.21 8.59
N PHE A 26 1.16 -13.20 8.48
CA PHE A 26 -0.27 -13.43 8.33
C PHE A 26 -0.55 -14.56 7.33
N GLN A 27 0.18 -14.55 6.22
CA GLN A 27 0.02 -15.56 5.19
C GLN A 27 0.05 -16.96 5.79
N ARG A 28 1.07 -17.23 6.61
CA ARG A 28 1.20 -18.53 7.25
C ARG A 28 0.51 -18.55 8.60
N GLY A 29 -0.36 -17.56 8.83
CA GLY A 29 -1.08 -17.49 10.08
C GLY A 29 -0.15 -17.38 11.28
N ASN A 30 0.72 -16.38 11.27
CA ASN A 30 1.67 -16.18 12.35
C ASN A 30 1.56 -14.77 12.91
N CYS A 31 1.30 -13.81 12.03
CA CYS A 31 1.17 -12.41 12.44
C CYS A 31 0.13 -12.27 13.55
N ALA A 32 0.55 -11.68 14.67
CA ALA A 32 -0.33 -11.47 15.80
C ALA A 32 -0.90 -10.07 15.81
N ARG A 33 -0.19 -9.13 15.19
CA ARG A 33 -0.62 -7.74 15.12
C ARG A 33 -1.91 -7.62 14.30
N GLY A 34 -2.12 -8.56 13.39
CA GLY A 34 -3.31 -8.53 12.56
C GLY A 34 -3.35 -7.32 11.65
N GLU A 35 -4.24 -7.36 10.66
CA GLU A 35 -4.38 -6.25 9.72
C GLU A 35 -4.62 -4.94 10.46
N THR A 36 -4.99 -5.03 11.73
CA THR A 36 -5.25 -3.86 12.55
C THR A 36 -3.96 -3.33 13.17
N ASP A 37 -3.37 -4.11 14.06
CA ASP A 37 -2.13 -3.73 14.73
C ASP A 37 -0.95 -3.82 13.78
N CYS A 38 -1.22 -4.23 12.54
CA CYS A 38 -0.17 -4.36 11.54
C CYS A 38 -0.39 -3.38 10.39
N ARG A 39 0.69 -2.75 9.94
CA ARG A 39 0.62 -1.78 8.85
C ARG A 39 0.54 -2.49 7.51
N PHE A 40 1.13 -3.67 7.42
CA PHE A 40 1.12 -4.44 6.19
C PHE A 40 -0.26 -5.03 5.92
N ALA A 41 -0.71 -4.93 4.67
CA ALA A 41 -2.01 -5.45 4.27
C ALA A 41 -2.05 -6.96 4.39
N HIS A 42 -3.16 -7.49 4.92
CA HIS A 42 -3.32 -8.93 5.08
C HIS A 42 -4.38 -9.46 4.12
N PRO A 43 -3.92 -10.05 3.00
CA PRO A 43 -4.80 -10.61 1.98
C PRO A 43 -5.52 -11.88 2.47
N ALA A 44 -6.71 -11.68 3.04
CA ALA A 44 -7.50 -12.80 3.54
C ALA A 44 -8.66 -13.12 2.60
N ASP A 45 -9.31 -12.08 2.10
CA ASP A 45 -10.45 -12.25 1.19
C ASP A 45 -10.16 -11.60 -0.16
N SER A 46 -8.94 -11.78 -0.65
CA SER A 46 -8.54 -11.20 -1.93
C SER A 46 -7.38 -11.99 -2.53
N THR A 47 -7.50 -12.30 -3.83
CA THR A 47 -6.47 -13.05 -4.53
C THR A 47 -5.74 -12.17 -5.54
N MET A 48 -5.50 -10.91 -5.15
CA MET A 48 -4.79 -9.97 -6.02
C MET A 48 -3.36 -9.79 -5.57
N ILE A 49 -2.71 -10.89 -5.18
CA ILE A 49 -1.33 -10.85 -4.74
C ILE A 49 -0.37 -11.03 -5.90
N ASP A 50 0.63 -10.16 -5.98
CA ASP A 50 1.62 -10.22 -7.05
C ASP A 50 2.74 -11.19 -6.69
N THR A 51 2.82 -12.30 -7.44
CA THR A 51 3.84 -13.31 -7.20
C THR A 51 5.23 -12.80 -7.60
N SER A 52 5.28 -11.56 -8.08
CA SER A 52 6.54 -10.95 -8.48
C SER A 52 7.20 -10.23 -7.32
N ASP A 53 6.41 -9.45 -6.59
CA ASP A 53 6.92 -8.71 -5.44
C ASP A 53 6.01 -8.88 -4.23
N ASN A 54 5.26 -9.97 -4.22
CA ASN A 54 4.34 -10.27 -3.12
C ASN A 54 3.65 -8.99 -2.64
N THR A 55 3.29 -8.13 -3.60
CA THR A 55 2.61 -6.88 -3.28
C THR A 55 1.20 -6.84 -3.86
N VAL A 56 0.38 -5.93 -3.34
CA VAL A 56 -0.99 -5.79 -3.82
C VAL A 56 -1.28 -4.36 -4.27
N THR A 57 -2.15 -4.23 -5.27
CA THR A 57 -2.51 -2.92 -5.79
C THR A 57 -3.47 -2.21 -4.85
N VAL A 58 -3.38 -0.88 -4.82
CA VAL A 58 -4.24 -0.07 -3.97
C VAL A 58 -5.10 0.88 -4.80
N CYS A 59 -6.40 0.92 -4.50
CA CYS A 59 -7.33 1.78 -5.22
C CYS A 59 -7.07 3.24 -4.89
N MET A 60 -6.56 3.98 -5.87
CA MET A 60 -6.27 5.40 -5.69
C MET A 60 -7.53 6.17 -5.32
N ASP A 61 -8.58 5.98 -6.09
CA ASP A 61 -9.85 6.66 -5.84
C ASP A 61 -10.27 6.50 -4.38
N TYR A 62 -10.52 5.26 -3.98
CA TYR A 62 -10.94 4.98 -2.61
C TYR A 62 -10.20 5.87 -1.61
N ILE A 63 -8.88 5.87 -1.70
CA ILE A 63 -8.05 6.68 -0.81
C ILE A 63 -8.59 8.11 -0.71
N LYS A 64 -8.97 8.67 -1.85
CA LYS A 64 -9.52 10.03 -1.87
C LYS A 64 -10.83 10.11 -1.11
N GLY A 65 -11.53 8.98 -1.02
CA GLY A 65 -12.79 8.94 -0.31
C GLY A 65 -13.94 8.48 -1.19
N ARG A 66 -13.80 8.65 -2.50
CA ARG A 66 -14.82 8.24 -3.44
C ARG A 66 -14.27 7.24 -4.45
N CYS A 67 -14.68 5.97 -4.31
CA CYS A 67 -14.22 4.92 -5.20
C CYS A 67 -15.35 4.47 -6.13
N MET A 68 -15.27 4.90 -7.39
CA MET A 68 -16.29 4.54 -8.37
C MET A 68 -15.64 4.05 -9.66
N ARG A 69 -14.42 3.52 -9.54
CA ARG A 69 -13.70 3.01 -10.69
C ARG A 69 -14.48 1.90 -11.39
N GLU A 70 -14.62 2.01 -12.71
CA GLU A 70 -15.35 1.02 -13.48
C GLU A 70 -14.92 -0.40 -13.11
N LYS A 71 -15.83 -1.13 -12.47
CA LYS A 71 -15.55 -2.50 -12.04
C LYS A 71 -14.29 -2.56 -11.20
N CYS A 72 -14.19 -1.66 -10.23
CA CYS A 72 -13.04 -1.60 -9.33
C CYS A 72 -12.55 -3.02 -9.00
N LYS A 73 -11.27 -3.26 -9.21
CA LYS A 73 -10.67 -4.56 -8.93
C LYS A 73 -9.36 -4.40 -8.18
N TYR A 74 -9.32 -3.46 -7.24
CA TYR A 74 -8.11 -3.22 -6.46
C TYR A 74 -8.40 -3.42 -4.96
N PHE A 75 -7.33 -3.68 -4.20
CA PHE A 75 -7.46 -3.89 -2.77
C PHE A 75 -7.79 -2.59 -2.06
N HIS A 76 -8.64 -2.68 -1.04
CA HIS A 76 -9.05 -1.51 -0.27
C HIS A 76 -8.51 -1.59 1.16
N PRO A 77 -7.52 -0.74 1.47
CA PRO A 77 -6.90 -0.69 2.79
C PRO A 77 -7.84 -0.12 3.85
N PRO A 78 -7.51 -0.38 5.13
CA PRO A 78 -8.32 0.10 6.25
C PRO A 78 -8.22 1.61 6.43
N ALA A 79 -8.91 2.13 7.44
CA ALA A 79 -8.90 3.56 7.73
C ALA A 79 -7.50 4.04 8.08
N HIS A 80 -6.97 3.52 9.19
CA HIS A 80 -5.64 3.90 9.66
C HIS A 80 -4.66 3.98 8.48
N LEU A 81 -4.67 2.96 7.64
CA LEU A 81 -3.79 2.92 6.47
C LEU A 81 -4.18 3.98 5.45
N GLN A 82 -5.43 3.91 4.99
CA GLN A 82 -5.93 4.87 4.02
C GLN A 82 -5.33 6.25 4.24
N ALA A 83 -5.28 6.66 5.50
CA ALA A 83 -4.72 7.97 5.86
C ALA A 83 -3.26 8.09 5.40
N LYS A 84 -2.43 7.15 5.85
CA LYS A 84 -1.02 7.15 5.49
C LYS A 84 -0.82 7.64 4.07
N ILE A 85 -1.56 7.06 3.14
CA ILE A 85 -1.46 7.45 1.73
C ILE A 85 -2.00 8.86 1.51
N LYS A 86 -3.19 9.12 2.04
CA LYS A 86 -3.81 10.44 1.91
C LYS A 86 -2.77 11.55 2.06
N ALA A 87 -1.91 11.41 3.06
CA ALA A 87 -0.87 12.42 3.30
C ALA A 87 -0.20 12.84 2.00
N ALA A 88 0.27 11.86 1.24
CA ALA A 88 0.94 12.13 -0.04
C ALA A 88 0.15 13.14 -0.85
N GLN A 89 -1.16 12.94 -0.94
CA GLN A 89 -2.03 13.83 -1.70
C GLN A 89 -2.22 15.16 -0.97
N HIS A 90 -2.45 15.08 0.34
CA HIS A 90 -2.64 16.29 1.15
C HIS A 90 -1.33 17.04 1.31
N GLN A 91 -1.20 18.17 0.61
CA GLN A 91 0.00 18.98 0.68
C GLN A 91 0.45 19.17 2.12
N ALA A 92 1.66 18.73 2.43
CA ALA A 92 2.21 18.85 3.77
C ALA A 92 3.74 18.79 3.75
N ASN A 93 4.37 19.84 4.28
CA ASN A 93 5.82 19.91 4.33
C ASN A 93 6.36 19.28 5.61
N GLN A 94 6.43 17.95 5.62
CA GLN A 94 6.92 17.23 6.79
C GLN A 94 7.82 16.08 6.37
N ALA A 95 8.45 15.43 7.35
CA ALA A 95 9.34 14.30 7.08
C ALA A 95 8.55 13.01 6.88
N ALA A 96 8.73 12.38 5.73
CA ALA A 96 8.04 11.14 5.41
C ALA A 96 8.66 10.46 4.19
N VAL A 97 8.67 9.13 4.20
CA VAL A 97 9.23 8.35 3.10
C VAL A 97 8.27 8.30 1.92
N ALA A 98 8.78 8.56 0.72
CA ALA A 98 7.97 8.54 -0.48
C ALA A 98 7.39 7.15 -0.73
N GLY A 1 34.42 2.52 20.71
CA GLY A 1 33.71 1.57 19.87
C GLY A 1 33.67 2.00 18.41
N SER A 2 32.73 1.44 17.66
CA SER A 2 32.60 1.78 16.24
C SER A 2 31.31 1.17 15.67
N SER A 3 30.85 1.75 14.57
CA SER A 3 29.63 1.28 13.92
C SER A 3 29.68 1.53 12.42
N GLY A 4 28.76 0.90 11.69
CA GLY A 4 28.72 1.07 10.24
C GLY A 4 27.30 1.08 9.70
N SER A 5 27.12 1.72 8.55
CA SER A 5 25.80 1.81 7.93
C SER A 5 25.88 1.47 6.45
N SER A 6 24.72 1.36 5.81
CA SER A 6 24.65 1.02 4.39
C SER A 6 23.26 1.31 3.83
N GLY A 7 23.10 1.10 2.53
CA GLY A 7 21.81 1.33 1.89
C GLY A 7 21.82 0.96 0.42
N SER A 8 20.64 0.95 -0.19
CA SER A 8 20.51 0.60 -1.60
C SER A 8 19.45 1.47 -2.27
N THR A 9 19.79 1.99 -3.45
CA THR A 9 18.88 2.84 -4.21
C THR A 9 18.97 2.56 -5.70
N ALA A 10 17.83 2.65 -6.39
CA ALA A 10 17.79 2.40 -7.82
C ALA A 10 17.49 3.70 -8.59
N THR A 11 17.60 3.63 -9.91
CA THR A 11 17.35 4.79 -10.75
C THR A 11 15.85 4.97 -11.00
N GLN A 12 15.06 4.85 -9.94
CA GLN A 12 13.61 4.99 -10.05
C GLN A 12 13.06 5.76 -8.85
N LYS A 13 12.37 6.86 -9.14
CA LYS A 13 11.78 7.69 -8.09
C LYS A 13 10.31 7.35 -7.89
N LEU A 14 10.01 6.55 -6.87
CA LEU A 14 8.64 6.15 -6.58
C LEU A 14 7.78 7.38 -6.25
N LEU A 15 6.75 7.59 -7.06
CA LEU A 15 5.85 8.71 -6.87
C LEU A 15 4.47 8.25 -6.41
N ARG A 16 3.87 7.34 -7.18
CA ARG A 16 2.55 6.81 -6.86
C ARG A 16 2.63 5.87 -5.66
N THR A 17 2.10 6.33 -4.52
CA THR A 17 2.11 5.54 -3.31
C THR A 17 0.87 4.66 -3.21
N ASP A 18 0.44 4.12 -4.35
CA ASP A 18 -0.75 3.26 -4.39
C ASP A 18 -0.34 1.79 -4.34
N LYS A 19 0.51 1.44 -3.39
CA LYS A 19 0.98 0.08 -3.23
C LYS A 19 1.11 -0.30 -1.75
N LEU A 20 0.89 -1.56 -1.44
CA LEU A 20 0.99 -2.04 -0.07
C LEU A 20 1.76 -3.36 0.00
N GLU A 21 2.81 -3.38 0.82
CA GLU A 21 3.62 -4.58 0.98
C GLU A 21 2.86 -5.66 1.75
N VAL A 22 2.56 -6.76 1.07
CA VAL A 22 1.85 -7.87 1.69
C VAL A 22 2.68 -8.51 2.79
N CYS A 23 2.07 -8.70 3.96
CA CYS A 23 2.75 -9.31 5.09
C CYS A 23 3.10 -10.77 4.80
N ARG A 24 4.18 -11.24 5.40
CA ARG A 24 4.61 -12.63 5.21
C ARG A 24 4.03 -13.54 6.28
N GLU A 25 3.97 -13.03 7.51
CA GLU A 25 3.43 -13.80 8.62
C GLU A 25 1.95 -14.10 8.42
N PHE A 26 1.16 -13.05 8.22
CA PHE A 26 -0.27 -13.19 8.01
C PHE A 26 -0.57 -14.37 7.10
N GLN A 27 0.16 -14.45 5.98
CA GLN A 27 -0.03 -15.53 5.02
C GLN A 27 -0.10 -16.88 5.72
N ARG A 28 0.92 -17.18 6.53
CA ARG A 28 0.98 -18.44 7.25
C ARG A 28 0.29 -18.32 8.61
N GLY A 29 -0.65 -17.37 8.70
CA GLY A 29 -1.37 -17.17 9.95
C GLY A 29 -0.45 -17.06 11.14
N ASN A 30 0.60 -16.24 11.00
CA ASN A 30 1.56 -16.05 12.07
C ASN A 30 1.45 -14.64 12.66
N CYS A 31 1.17 -13.67 11.78
CA CYS A 31 1.03 -12.28 12.21
C CYS A 31 -0.03 -12.14 13.30
N ALA A 32 0.36 -11.56 14.43
CA ALA A 32 -0.56 -11.36 15.54
C ALA A 32 -1.07 -9.93 15.58
N ARG A 33 -0.34 -9.02 14.95
CA ARG A 33 -0.72 -7.62 14.91
C ARG A 33 -1.99 -7.42 14.08
N GLY A 34 -2.19 -8.29 13.10
CA GLY A 34 -3.36 -8.18 12.25
C GLY A 34 -3.33 -6.97 11.35
N GLU A 35 -4.30 -6.86 10.46
CA GLU A 35 -4.38 -5.73 9.54
C GLU A 35 -4.66 -4.43 10.29
N THR A 36 -4.98 -4.56 11.57
CA THR A 36 -5.27 -3.40 12.41
C THR A 36 -4.02 -2.89 13.11
N ASP A 37 -3.27 -3.81 13.71
CA ASP A 37 -2.04 -3.47 14.42
C ASP A 37 -0.83 -3.62 13.50
N CYS A 38 -1.08 -4.03 12.26
CA CYS A 38 0.00 -4.21 11.28
C CYS A 38 -0.19 -3.28 10.09
N ARG A 39 0.86 -2.54 9.74
CA ARG A 39 0.82 -1.62 8.63
C ARG A 39 0.70 -2.37 7.31
N PHE A 40 1.39 -3.50 7.21
CA PHE A 40 1.37 -4.33 6.01
C PHE A 40 -0.05 -4.77 5.68
N ALA A 41 -0.38 -4.78 4.38
CA ALA A 41 -1.70 -5.17 3.93
C ALA A 41 -1.87 -6.69 4.03
N HIS A 42 -2.95 -7.11 4.70
CA HIS A 42 -3.23 -8.53 4.86
C HIS A 42 -4.33 -8.98 3.91
N PRO A 43 -3.93 -9.62 2.79
CA PRO A 43 -4.86 -10.12 1.78
C PRO A 43 -5.68 -11.30 2.28
N ALA A 44 -6.95 -11.04 2.59
CA ALA A 44 -7.85 -12.09 3.07
C ALA A 44 -8.83 -12.51 1.99
N ASP A 45 -9.27 -11.55 1.18
CA ASP A 45 -10.22 -11.83 0.10
C ASP A 45 -9.57 -12.72 -0.97
N SER A 46 -10.36 -13.07 -1.97
CA SER A 46 -9.87 -13.92 -3.06
C SER A 46 -8.40 -13.62 -3.35
N THR A 47 -7.67 -14.65 -3.75
CA THR A 47 -6.26 -14.51 -4.07
C THR A 47 -5.97 -13.15 -4.69
N MET A 48 -5.31 -12.28 -3.93
CA MET A 48 -4.97 -10.95 -4.41
C MET A 48 -3.52 -10.59 -4.06
N ILE A 49 -2.62 -11.55 -4.26
CA ILE A 49 -1.22 -11.35 -3.97
C ILE A 49 -0.37 -11.43 -5.24
N ASP A 50 0.68 -10.62 -5.30
CA ASP A 50 1.57 -10.60 -6.46
C ASP A 50 2.80 -11.47 -6.22
N THR A 51 2.92 -12.54 -7.00
CA THR A 51 4.04 -13.46 -6.88
C THR A 51 5.32 -12.86 -7.45
N SER A 52 5.24 -11.59 -7.84
CA SER A 52 6.38 -10.89 -8.42
C SER A 52 7.11 -10.07 -7.36
N ASP A 53 6.35 -9.25 -6.64
CA ASP A 53 6.92 -8.41 -5.59
C ASP A 53 6.06 -8.45 -4.34
N ASN A 54 5.29 -9.51 -4.19
CA ASN A 54 4.40 -9.68 -3.04
C ASN A 54 3.83 -8.34 -2.60
N THR A 55 3.29 -7.59 -3.55
CA THR A 55 2.71 -6.28 -3.27
C THR A 55 1.32 -6.15 -3.88
N VAL A 56 0.43 -5.47 -3.18
CA VAL A 56 -0.93 -5.26 -3.65
C VAL A 56 -1.15 -3.83 -4.12
N THR A 57 -1.94 -3.66 -5.18
CA THR A 57 -2.23 -2.34 -5.72
C THR A 57 -3.32 -1.63 -4.90
N VAL A 58 -2.99 -0.46 -4.38
CA VAL A 58 -3.93 0.31 -3.59
C VAL A 58 -4.86 1.12 -4.48
N CYS A 59 -6.16 1.02 -4.21
CA CYS A 59 -7.16 1.74 -4.99
C CYS A 59 -7.17 3.23 -4.62
N MET A 60 -6.63 4.05 -5.51
CA MET A 60 -6.57 5.50 -5.29
C MET A 60 -7.97 6.06 -5.03
N ASP A 61 -8.89 5.77 -5.95
CA ASP A 61 -10.25 6.26 -5.83
C ASP A 61 -10.79 6.02 -4.42
N TYR A 62 -10.80 4.76 -4.00
CA TYR A 62 -11.30 4.40 -2.67
C TYR A 62 -10.72 5.34 -1.61
N ILE A 63 -9.40 5.51 -1.63
CA ILE A 63 -8.73 6.38 -0.68
C ILE A 63 -9.45 7.72 -0.55
N LYS A 64 -9.81 8.30 -1.69
CA LYS A 64 -10.50 9.58 -1.70
C LYS A 64 -11.84 9.49 -0.98
N GLY A 65 -12.40 8.28 -0.94
CA GLY A 65 -13.67 8.08 -0.27
C GLY A 65 -14.74 7.55 -1.21
N ARG A 66 -14.51 7.72 -2.51
CA ARG A 66 -15.47 7.26 -3.51
C ARG A 66 -14.78 6.41 -4.57
N CYS A 67 -15.00 5.10 -4.50
CA CYS A 67 -14.39 4.18 -5.45
C CYS A 67 -15.46 3.56 -6.36
N MET A 68 -15.59 4.13 -7.56
CA MET A 68 -16.57 3.64 -8.53
C MET A 68 -15.91 3.34 -9.87
N ARG A 69 -14.63 2.95 -9.82
CA ARG A 69 -13.88 2.64 -11.03
C ARG A 69 -14.55 1.49 -11.78
N GLU A 70 -14.27 1.43 -13.09
CA GLU A 70 -14.84 0.37 -13.92
C GLU A 70 -14.31 -1.00 -13.52
N LYS A 71 -15.14 -1.76 -12.82
CA LYS A 71 -14.75 -3.09 -12.36
C LYS A 71 -13.48 -3.04 -11.52
N CYS A 72 -13.48 -2.17 -10.52
CA CYS A 72 -12.32 -2.01 -9.64
C CYS A 72 -11.71 -3.37 -9.32
N LYS A 73 -10.40 -3.48 -9.53
CA LYS A 73 -9.69 -4.73 -9.25
C LYS A 73 -8.45 -4.47 -8.40
N TYR A 74 -8.60 -3.59 -7.41
CA TYR A 74 -7.49 -3.26 -6.52
C TYR A 74 -7.86 -3.51 -5.06
N PHE A 75 -6.85 -3.67 -4.21
CA PHE A 75 -7.06 -3.91 -2.80
C PHE A 75 -7.53 -2.65 -2.09
N HIS A 76 -8.26 -2.82 -1.00
CA HIS A 76 -8.77 -1.69 -0.23
C HIS A 76 -8.28 -1.75 1.22
N PRO A 77 -7.30 -0.88 1.54
CA PRO A 77 -6.71 -0.81 2.88
C PRO A 77 -7.70 -0.26 3.91
N PRO A 78 -7.38 -0.46 5.20
CA PRO A 78 -8.21 0.02 6.30
C PRO A 78 -8.20 1.53 6.43
N ALA A 79 -8.93 2.05 7.42
CA ALA A 79 -8.99 3.49 7.65
C ALA A 79 -7.63 4.04 8.05
N HIS A 80 -7.10 3.56 9.17
CA HIS A 80 -5.80 4.01 9.66
C HIS A 80 -4.80 4.12 8.51
N LEU A 81 -4.77 3.10 7.67
CA LEU A 81 -3.86 3.07 6.53
C LEU A 81 -4.28 4.10 5.47
N GLN A 82 -5.53 4.01 5.04
CA GLN A 82 -6.06 4.92 4.04
C GLN A 82 -5.56 6.35 4.29
N ALA A 83 -5.53 6.75 5.56
CA ALA A 83 -5.08 8.08 5.92
C ALA A 83 -3.58 8.25 5.65
N LYS A 84 -2.82 7.21 5.96
CA LYS A 84 -1.38 7.24 5.75
C LYS A 84 -1.04 7.48 4.29
N ILE A 85 -1.68 6.72 3.41
CA ILE A 85 -1.45 6.85 1.97
C ILE A 85 -1.75 8.26 1.49
N LYS A 86 -2.91 8.79 1.88
CA LYS A 86 -3.31 10.13 1.50
C LYS A 86 -2.19 11.14 1.79
N ALA A 87 -1.60 11.02 2.98
CA ALA A 87 -0.51 11.92 3.38
C ALA A 87 0.44 12.18 2.23
N ALA A 88 0.85 11.11 1.56
CA ALA A 88 1.76 11.22 0.42
C ALA A 88 1.18 12.11 -0.67
N GLN A 89 -0.06 11.82 -1.06
CA GLN A 89 -0.73 12.59 -2.10
C GLN A 89 -0.71 14.08 -1.78
N HIS A 90 -1.32 14.45 -0.67
CA HIS A 90 -1.37 15.84 -0.24
C HIS A 90 0.03 16.40 -0.05
N GLN A 91 0.13 17.72 0.07
CA GLN A 91 1.41 18.37 0.26
C GLN A 91 1.73 18.54 1.75
N ALA A 92 2.64 17.70 2.25
CA ALA A 92 3.03 17.76 3.65
C ALA A 92 4.54 17.83 3.79
N ASN A 93 5.00 18.51 4.84
CA ASN A 93 6.43 18.66 5.09
C ASN A 93 6.98 17.47 5.87
N GLN A 94 6.54 16.27 5.49
CA GLN A 94 6.99 15.05 6.16
C GLN A 94 8.33 14.59 5.60
N ALA A 95 8.39 14.44 4.28
CA ALA A 95 9.62 14.00 3.62
C ALA A 95 10.00 12.58 4.06
N ALA A 96 9.03 11.68 4.02
CA ALA A 96 9.26 10.29 4.42
C ALA A 96 9.31 9.39 3.18
N VAL A 97 9.96 8.24 3.34
CA VAL A 97 10.09 7.28 2.24
C VAL A 97 9.68 5.88 2.68
N ALA A 98 8.39 5.58 2.60
CA ALA A 98 7.87 4.27 3.01
C ALA A 98 6.81 3.79 2.03
N GLY A 1 10.27 0.19 -32.84
CA GLY A 1 11.46 0.49 -32.07
C GLY A 1 11.41 -0.09 -30.67
N SER A 2 12.07 -1.22 -30.47
CA SER A 2 12.09 -1.88 -29.16
C SER A 2 13.52 -2.14 -28.72
N SER A 3 13.69 -2.42 -27.43
CA SER A 3 15.00 -2.69 -26.86
C SER A 3 15.14 -4.16 -26.47
N GLY A 4 16.38 -4.62 -26.36
CA GLY A 4 16.62 -6.00 -25.99
C GLY A 4 16.79 -6.18 -24.48
N SER A 5 15.77 -6.71 -23.83
CA SER A 5 15.80 -6.93 -22.39
C SER A 5 16.14 -8.37 -22.07
N SER A 6 17.38 -8.61 -21.67
CA SER A 6 17.84 -9.96 -21.34
C SER A 6 18.59 -9.96 -20.00
N GLY A 7 17.84 -10.15 -18.92
CA GLY A 7 18.45 -10.17 -17.61
C GLY A 7 17.42 -10.29 -16.49
N SER A 8 17.66 -9.59 -15.40
CA SER A 8 16.75 -9.62 -14.25
C SER A 8 15.33 -9.31 -14.68
N THR A 9 14.36 -9.87 -13.96
CA THR A 9 12.95 -9.66 -14.27
C THR A 9 12.36 -8.53 -13.43
N ALA A 10 12.10 -7.40 -14.07
CA ALA A 10 11.54 -6.24 -13.38
C ALA A 10 10.76 -5.35 -14.35
N THR A 11 9.59 -4.90 -13.92
CA THR A 11 8.75 -4.03 -14.74
C THR A 11 8.45 -2.72 -14.04
N GLN A 12 8.68 -2.69 -12.73
CA GLN A 12 8.43 -1.48 -11.94
C GLN A 12 9.75 -0.80 -11.56
N LYS A 13 10.11 0.23 -12.29
CA LYS A 13 11.35 0.96 -12.03
C LYS A 13 11.04 2.37 -11.52
N LEU A 14 10.06 2.47 -10.62
CA LEU A 14 9.68 3.76 -10.06
C LEU A 14 8.81 3.57 -8.82
N LEU A 15 9.12 4.31 -7.76
CA LEU A 15 8.37 4.22 -6.52
C LEU A 15 6.91 4.64 -6.74
N ARG A 16 6.01 4.03 -5.98
CA ARG A 16 4.59 4.34 -6.08
C ARG A 16 3.97 4.52 -4.71
N THR A 17 2.75 5.06 -4.68
CA THR A 17 2.05 5.30 -3.42
C THR A 17 0.86 4.35 -3.27
N ASP A 18 0.41 3.80 -4.39
CA ASP A 18 -0.71 2.87 -4.38
C ASP A 18 -0.24 1.43 -4.35
N LYS A 19 0.73 1.15 -3.48
CA LYS A 19 1.27 -0.19 -3.34
C LYS A 19 1.55 -0.52 -1.88
N LEU A 20 0.99 -1.63 -1.41
CA LEU A 20 1.17 -2.06 -0.03
C LEU A 20 1.90 -3.40 0.03
N GLU A 21 2.89 -3.50 0.91
CA GLU A 21 3.67 -4.73 1.06
C GLU A 21 2.86 -5.77 1.84
N VAL A 22 2.57 -6.89 1.19
CA VAL A 22 1.82 -7.97 1.82
C VAL A 22 2.62 -8.61 2.95
N CYS A 23 1.95 -8.86 4.07
CA CYS A 23 2.59 -9.47 5.23
C CYS A 23 2.95 -10.93 4.94
N ARG A 24 4.12 -11.35 5.44
CA ARG A 24 4.57 -12.72 5.24
C ARG A 24 4.08 -13.62 6.37
N GLU A 25 3.85 -13.04 7.54
CA GLU A 25 3.38 -13.80 8.69
C GLU A 25 1.90 -14.14 8.54
N PHE A 26 1.08 -13.12 8.31
CA PHE A 26 -0.36 -13.31 8.16
C PHE A 26 -0.66 -14.50 7.25
N GLN A 27 -0.01 -14.53 6.10
CA GLN A 27 -0.21 -15.61 5.13
C GLN A 27 -0.08 -16.97 5.82
N ARG A 28 1.02 -17.17 6.54
CA ARG A 28 1.25 -18.42 7.24
C ARG A 28 0.52 -18.44 8.58
N GLY A 29 -0.33 -17.45 8.80
CA GLY A 29 -1.08 -17.37 10.04
C GLY A 29 -0.17 -17.22 11.25
N ASN A 30 0.73 -16.26 11.21
CA ASN A 30 1.66 -16.03 12.31
C ASN A 30 1.53 -14.60 12.83
N CYS A 31 1.08 -13.69 11.97
CA CYS A 31 0.91 -12.30 12.34
C CYS A 31 -0.13 -12.15 13.46
N ALA A 32 0.27 -11.47 14.53
CA ALA A 32 -0.62 -11.26 15.66
C ALA A 32 -1.22 -9.86 15.64
N ARG A 33 -0.56 -8.95 14.93
CA ARG A 33 -1.02 -7.58 14.82
C ARG A 33 -2.25 -7.48 13.94
N GLY A 34 -2.59 -8.59 13.28
CA GLY A 34 -3.75 -8.61 12.40
C GLY A 34 -3.78 -7.43 11.44
N GLU A 35 -4.82 -7.37 10.63
CA GLU A 35 -4.96 -6.28 9.66
C GLU A 35 -5.54 -5.04 10.33
N THR A 36 -5.60 -5.05 11.65
CA THR A 36 -6.14 -3.93 12.41
C THR A 36 -5.03 -3.17 13.13
N ASP A 37 -3.95 -3.88 13.45
CA ASP A 37 -2.82 -3.27 14.14
C ASP A 37 -1.55 -3.36 13.30
N CYS A 38 -1.58 -4.23 12.30
CA CYS A 38 -0.43 -4.41 11.41
C CYS A 38 -0.46 -3.39 10.27
N ARG A 39 0.72 -2.88 9.93
CA ARG A 39 0.82 -1.90 8.86
C ARG A 39 1.04 -2.58 7.51
N PHE A 40 0.69 -3.86 7.45
CA PHE A 40 0.84 -4.63 6.21
C PHE A 40 -0.52 -5.15 5.73
N ALA A 41 -0.77 -5.01 4.44
CA ALA A 41 -2.02 -5.47 3.84
C ALA A 41 -2.14 -6.99 3.92
N HIS A 42 -3.18 -7.47 4.58
CA HIS A 42 -3.40 -8.90 4.72
C HIS A 42 -4.47 -9.39 3.75
N PRO A 43 -4.03 -9.99 2.64
CA PRO A 43 -4.93 -10.51 1.61
C PRO A 43 -5.71 -11.73 2.08
N ALA A 44 -6.41 -12.37 1.15
CA ALA A 44 -7.20 -13.56 1.46
C ALA A 44 -6.53 -14.82 0.92
N ASP A 45 -5.28 -14.70 0.51
CA ASP A 45 -4.53 -15.83 -0.03
C ASP A 45 -5.02 -16.17 -1.43
N SER A 46 -5.38 -15.14 -2.20
CA SER A 46 -5.86 -15.33 -3.55
C SER A 46 -4.76 -15.06 -4.56
N THR A 47 -5.10 -15.14 -5.85
CA THR A 47 -4.13 -14.92 -6.92
C THR A 47 -3.84 -13.42 -7.08
N MET A 48 -3.57 -12.76 -5.97
CA MET A 48 -3.28 -11.32 -5.99
C MET A 48 -1.85 -11.05 -5.52
N ILE A 49 -1.34 -11.94 -4.68
CA ILE A 49 0.01 -11.81 -4.16
C ILE A 49 1.05 -12.25 -5.18
N ASP A 50 2.13 -11.48 -5.29
CA ASP A 50 3.20 -11.79 -6.24
C ASP A 50 4.41 -12.36 -5.51
N THR A 51 4.86 -13.53 -5.94
CA THR A 51 6.00 -14.19 -5.33
C THR A 51 7.31 -13.56 -5.81
N SER A 52 7.20 -12.48 -6.58
CA SER A 52 8.37 -11.80 -7.10
C SER A 52 8.72 -10.58 -6.25
N ASP A 53 7.68 -9.88 -5.79
CA ASP A 53 7.87 -8.69 -4.96
C ASP A 53 7.06 -8.79 -3.67
N ASN A 54 5.92 -9.48 -3.75
CA ASN A 54 5.05 -9.66 -2.60
C ASN A 54 4.36 -8.34 -2.24
N THR A 55 3.87 -7.65 -3.25
CA THR A 55 3.18 -6.37 -3.05
C THR A 55 1.79 -6.39 -3.67
N VAL A 56 0.90 -5.56 -3.15
CA VAL A 56 -0.46 -5.48 -3.66
C VAL A 56 -0.79 -4.07 -4.13
N THR A 57 -1.74 -3.96 -5.05
CA THR A 57 -2.15 -2.66 -5.58
C THR A 57 -3.21 -2.01 -4.70
N VAL A 58 -3.19 -0.69 -4.63
CA VAL A 58 -4.15 0.06 -3.83
C VAL A 58 -5.05 0.92 -4.70
N CYS A 59 -6.34 0.95 -4.37
CA CYS A 59 -7.31 1.73 -5.13
C CYS A 59 -7.03 3.22 -4.98
N MET A 60 -7.41 3.99 -6.00
CA MET A 60 -7.20 5.43 -5.99
C MET A 60 -8.46 6.16 -5.50
N ASP A 61 -9.62 5.67 -5.92
CA ASP A 61 -10.89 6.27 -5.52
C ASP A 61 -11.16 6.04 -4.03
N TYR A 62 -11.22 4.77 -3.64
CA TYR A 62 -11.47 4.41 -2.25
C TYR A 62 -10.66 5.29 -1.30
N ILE A 63 -9.44 5.61 -1.72
CA ILE A 63 -8.56 6.45 -0.90
C ILE A 63 -9.28 7.71 -0.42
N LYS A 64 -9.86 8.44 -1.36
CA LYS A 64 -10.59 9.66 -1.03
C LYS A 64 -11.76 9.37 -0.11
N GLY A 65 -12.27 8.14 -0.19
CA GLY A 65 -13.40 7.75 0.65
C GLY A 65 -14.59 7.30 -0.16
N ARG A 66 -14.54 7.53 -1.48
CA ARG A 66 -15.62 7.14 -2.36
C ARG A 66 -15.10 6.32 -3.54
N CYS A 67 -15.36 5.03 -3.52
CA CYS A 67 -14.93 4.13 -4.59
C CYS A 67 -16.12 3.58 -5.37
N MET A 68 -16.36 4.17 -6.54
CA MET A 68 -17.47 3.74 -7.39
C MET A 68 -16.99 3.48 -8.81
N ARG A 69 -15.70 3.19 -8.96
CA ARG A 69 -15.12 2.93 -10.27
C ARG A 69 -15.82 1.75 -10.95
N GLU A 70 -15.41 1.45 -12.18
CA GLU A 70 -16.01 0.36 -12.93
C GLU A 70 -15.40 -0.98 -12.52
N LYS A 71 -16.22 -1.82 -11.89
CA LYS A 71 -15.78 -3.12 -11.43
C LYS A 71 -14.41 -3.04 -10.76
N CYS A 72 -14.29 -2.15 -9.78
CA CYS A 72 -13.04 -1.96 -9.06
C CYS A 72 -12.44 -3.31 -8.65
N LYS A 73 -11.19 -3.54 -9.04
CA LYS A 73 -10.51 -4.78 -8.72
C LYS A 73 -9.20 -4.51 -7.98
N TYR A 74 -9.25 -3.54 -7.06
CA TYR A 74 -8.07 -3.18 -6.29
C TYR A 74 -8.30 -3.44 -4.80
N PHE A 75 -7.21 -3.61 -4.06
CA PHE A 75 -7.29 -3.87 -2.62
C PHE A 75 -7.64 -2.60 -1.86
N HIS A 76 -8.45 -2.74 -0.82
CA HIS A 76 -8.85 -1.60 0.00
C HIS A 76 -8.27 -1.70 1.40
N PRO A 77 -7.26 -0.86 1.68
CA PRO A 77 -6.59 -0.82 2.99
C PRO A 77 -7.48 -0.27 4.08
N PRO A 78 -7.08 -0.47 5.35
CA PRO A 78 -7.83 0.01 6.51
C PRO A 78 -7.79 1.53 6.63
N ALA A 79 -8.44 2.05 7.66
CA ALA A 79 -8.49 3.49 7.90
C ALA A 79 -7.08 4.05 8.12
N HIS A 80 -6.41 3.56 9.15
CA HIS A 80 -5.06 4.02 9.47
C HIS A 80 -4.20 4.07 8.21
N LEU A 81 -4.08 2.95 7.52
CA LEU A 81 -3.28 2.86 6.31
C LEU A 81 -3.76 3.89 5.29
N GLN A 82 -5.06 3.90 5.01
CA GLN A 82 -5.63 4.83 4.05
C GLN A 82 -5.04 6.22 4.22
N ALA A 83 -4.88 6.64 5.48
CA ALA A 83 -4.32 7.95 5.79
C ALA A 83 -2.91 8.09 5.23
N LYS A 84 -2.07 7.09 5.50
CA LYS A 84 -0.70 7.11 5.03
C LYS A 84 -0.62 7.50 3.55
N ILE A 85 -1.67 7.16 2.81
CA ILE A 85 -1.73 7.49 1.39
C ILE A 85 -2.07 8.96 1.17
N LYS A 86 -3.14 9.41 1.83
CA LYS A 86 -3.57 10.80 1.71
C LYS A 86 -2.43 11.76 2.04
N ALA A 87 -1.65 11.41 3.06
CA ALA A 87 -0.52 12.23 3.48
C ALA A 87 0.38 12.56 2.30
N ALA A 88 0.56 11.58 1.41
CA ALA A 88 1.41 11.77 0.24
C ALA A 88 0.81 12.80 -0.71
N GLN A 89 -0.46 12.61 -1.08
CA GLN A 89 -1.14 13.52 -1.97
C GLN A 89 -0.78 14.97 -1.67
N HIS A 90 -0.72 15.30 -0.39
CA HIS A 90 -0.38 16.66 0.04
C HIS A 90 1.03 17.04 -0.43
N GLN A 91 2.01 16.24 -0.02
CA GLN A 91 3.40 16.50 -0.39
C GLN A 91 4.23 15.22 -0.31
N ALA A 92 5.14 15.05 -1.26
CA ALA A 92 6.00 13.88 -1.29
C ALA A 92 7.47 14.27 -1.19
N ASN A 93 8.21 13.55 -0.34
CA ASN A 93 9.63 13.83 -0.14
C ASN A 93 10.47 12.61 -0.51
N GLN A 94 11.64 12.86 -1.10
CA GLN A 94 12.54 11.80 -1.50
C GLN A 94 13.44 11.37 -0.34
N ALA A 95 13.46 10.07 -0.05
CA ALA A 95 14.28 9.54 1.02
C ALA A 95 14.85 8.18 0.66
N ALA A 96 16.11 7.95 1.01
CA ALA A 96 16.77 6.69 0.73
C ALA A 96 16.31 5.60 1.69
N VAL A 97 16.46 5.85 2.99
CA VAL A 97 16.06 4.89 4.01
C VAL A 97 14.71 5.29 4.63
N ALA A 98 14.33 6.55 4.44
CA ALA A 98 13.06 7.04 4.98
C ALA A 98 11.99 7.09 3.89
N GLY A 1 24.28 -27.34 -1.68
CA GLY A 1 25.27 -27.00 -2.69
C GLY A 1 24.89 -27.51 -4.06
N SER A 2 24.39 -28.74 -4.12
CA SER A 2 24.00 -29.36 -5.39
C SER A 2 23.15 -28.39 -6.22
N SER A 3 22.49 -27.46 -5.54
CA SER A 3 21.65 -26.48 -6.22
C SER A 3 22.45 -25.70 -7.26
N GLY A 4 21.74 -25.15 -8.24
CA GLY A 4 22.41 -24.39 -9.29
C GLY A 4 21.45 -23.93 -10.37
N SER A 5 20.90 -22.74 -10.20
CA SER A 5 19.96 -22.18 -11.17
C SER A 5 19.86 -20.67 -11.02
N SER A 6 19.10 -20.04 -11.91
CA SER A 6 18.91 -18.60 -11.89
C SER A 6 17.67 -18.18 -12.67
N GLY A 7 17.34 -16.91 -12.61
CA GLY A 7 16.17 -16.40 -13.32
C GLY A 7 16.36 -14.99 -13.84
N SER A 8 15.48 -14.56 -14.73
CA SER A 8 15.56 -13.23 -15.31
C SER A 8 14.22 -12.51 -15.21
N THR A 9 14.17 -11.49 -14.36
CA THR A 9 12.95 -10.72 -14.15
C THR A 9 13.19 -9.23 -14.39
N ALA A 10 12.41 -8.65 -15.31
CA ALA A 10 12.54 -7.23 -15.63
C ALA A 10 12.04 -6.36 -14.48
N THR A 11 10.78 -6.58 -14.09
CA THR A 11 10.17 -5.81 -13.01
C THR A 11 10.61 -4.35 -13.06
N GLN A 12 10.56 -3.76 -14.25
CA GLN A 12 10.95 -2.37 -14.42
C GLN A 12 9.74 -1.45 -14.32
N LYS A 13 9.50 -0.93 -13.12
CA LYS A 13 8.38 -0.03 -12.88
C LYS A 13 8.85 1.27 -12.26
N LEU A 14 7.93 2.22 -12.08
CA LEU A 14 8.25 3.52 -11.50
C LEU A 14 7.59 3.67 -10.13
N LEU A 15 8.10 4.61 -9.35
CA LEU A 15 7.56 4.87 -8.01
C LEU A 15 6.04 4.74 -8.00
N ARG A 16 5.50 4.18 -6.92
CA ARG A 16 4.08 3.99 -6.79
C ARG A 16 3.63 4.23 -5.35
N THR A 17 2.53 4.96 -5.18
CA THR A 17 2.00 5.25 -3.85
C THR A 17 0.81 4.37 -3.53
N ASP A 18 0.15 3.86 -4.57
CA ASP A 18 -1.01 2.99 -4.39
C ASP A 18 -0.58 1.53 -4.22
N LYS A 19 0.45 1.32 -3.42
CA LYS A 19 0.95 -0.02 -3.17
C LYS A 19 1.15 -0.26 -1.67
N LEU A 20 0.74 -1.45 -1.22
CA LEU A 20 0.88 -1.80 0.19
C LEU A 20 1.62 -3.12 0.36
N GLU A 21 2.70 -3.09 1.14
CA GLU A 21 3.49 -4.29 1.38
C GLU A 21 2.66 -5.38 2.05
N VAL A 22 2.65 -6.57 1.45
CA VAL A 22 1.89 -7.69 1.99
C VAL A 22 2.67 -8.39 3.10
N CYS A 23 1.99 -8.66 4.21
CA CYS A 23 2.62 -9.33 5.34
C CYS A 23 2.86 -10.81 5.03
N ARG A 24 4.12 -11.19 4.94
CA ARG A 24 4.49 -12.57 4.65
C ARG A 24 4.06 -13.49 5.79
N GLU A 25 4.13 -12.99 7.02
CA GLU A 25 3.75 -13.77 8.19
C GLU A 25 2.26 -14.15 8.13
N PHE A 26 1.41 -13.15 7.97
CA PHE A 26 -0.02 -13.38 7.89
C PHE A 26 -0.35 -14.60 7.05
N GLN A 27 0.16 -14.61 5.83
CA GLN A 27 -0.07 -15.72 4.91
C GLN A 27 0.02 -17.06 5.64
N ARG A 28 1.14 -17.26 6.35
CA ARG A 28 1.35 -18.49 7.09
C ARG A 28 0.73 -18.40 8.48
N GLY A 29 0.27 -17.21 8.84
CA GLY A 29 -0.34 -17.01 10.15
C GLY A 29 0.69 -16.88 11.25
N ASN A 30 1.65 -15.99 11.06
CA ASN A 30 2.71 -15.77 12.04
C ASN A 30 2.66 -14.34 12.57
N CYS A 31 1.98 -13.46 11.85
CA CYS A 31 1.85 -12.06 12.24
C CYS A 31 1.07 -11.93 13.54
N ALA A 32 1.41 -10.92 14.33
CA ALA A 32 0.74 -10.68 15.60
C ALA A 32 0.04 -9.32 15.60
N ARG A 33 0.48 -8.43 14.71
CA ARG A 33 -0.10 -7.10 14.61
C ARG A 33 -1.45 -7.15 13.92
N GLY A 34 -1.74 -8.26 13.25
CA GLY A 34 -2.99 -8.42 12.55
C GLY A 34 -3.28 -7.26 11.61
N GLU A 35 -4.42 -7.33 10.92
CA GLU A 35 -4.80 -6.28 9.99
C GLU A 35 -5.44 -5.10 10.72
N THR A 36 -5.20 -5.02 12.02
CA THR A 36 -5.75 -3.94 12.84
C THR A 36 -4.64 -3.11 13.47
N ASP A 37 -3.48 -3.74 13.67
CA ASP A 37 -2.34 -3.05 14.27
C ASP A 37 -1.11 -3.14 13.36
N CYS A 38 -1.22 -3.96 12.32
CA CYS A 38 -0.12 -4.14 11.38
C CYS A 38 -0.24 -3.16 10.21
N ARG A 39 0.88 -2.57 9.82
CA ARG A 39 0.90 -1.62 8.71
C ARG A 39 0.73 -2.33 7.37
N PHE A 40 1.17 -3.58 7.32
CA PHE A 40 1.07 -4.38 6.10
C PHE A 40 -0.39 -4.72 5.79
N ALA A 41 -0.77 -4.60 4.52
CA ALA A 41 -2.13 -4.90 4.10
C ALA A 41 -2.32 -6.39 3.90
N HIS A 42 -2.82 -7.07 4.93
CA HIS A 42 -3.07 -8.50 4.86
C HIS A 42 -4.13 -8.83 3.83
N PRO A 43 -3.71 -9.48 2.73
CA PRO A 43 -4.62 -9.86 1.63
C PRO A 43 -5.58 -10.97 2.04
N ALA A 44 -6.43 -11.39 1.11
CA ALA A 44 -7.39 -12.46 1.37
C ALA A 44 -6.90 -13.79 0.82
N ASP A 45 -5.64 -13.82 0.39
CA ASP A 45 -5.05 -15.03 -0.17
C ASP A 45 -5.87 -15.53 -1.37
N SER A 46 -6.24 -14.60 -2.24
CA SER A 46 -7.03 -14.94 -3.42
C SER A 46 -6.22 -14.72 -4.69
N THR A 47 -4.94 -15.07 -4.65
CA THR A 47 -4.06 -14.90 -5.80
C THR A 47 -3.90 -13.44 -6.16
N MET A 48 -3.68 -12.61 -5.14
CA MET A 48 -3.51 -11.16 -5.36
C MET A 48 -2.21 -10.68 -4.74
N ILE A 49 -1.13 -11.44 -4.94
CA ILE A 49 0.18 -11.09 -4.41
C ILE A 49 1.26 -11.27 -5.45
N ASP A 50 2.28 -10.42 -5.40
CA ASP A 50 3.38 -10.48 -6.35
C ASP A 50 4.65 -10.98 -5.66
N THR A 51 5.17 -12.11 -6.14
CA THR A 51 6.38 -12.69 -5.57
C THR A 51 7.62 -11.91 -5.98
N SER A 52 7.40 -10.80 -6.68
CA SER A 52 8.50 -9.96 -7.14
C SER A 52 8.81 -8.87 -6.12
N ASP A 53 7.76 -8.20 -5.65
CA ASP A 53 7.92 -7.13 -4.67
C ASP A 53 7.06 -7.39 -3.44
N ASN A 54 6.13 -8.33 -3.56
CA ASN A 54 5.25 -8.68 -2.46
C ASN A 54 4.41 -7.48 -2.03
N THR A 55 3.76 -6.84 -2.99
CA THR A 55 2.93 -5.68 -2.71
C THR A 55 1.59 -5.77 -3.43
N VAL A 56 0.56 -5.18 -2.84
CA VAL A 56 -0.77 -5.18 -3.42
C VAL A 56 -1.20 -3.80 -3.89
N THR A 57 -2.00 -3.75 -4.95
CA THR A 57 -2.46 -2.48 -5.50
C THR A 57 -3.43 -1.80 -4.54
N VAL A 58 -3.54 -0.48 -4.66
CA VAL A 58 -4.44 0.29 -3.81
C VAL A 58 -5.38 1.15 -4.65
N CYS A 59 -6.68 1.05 -4.37
CA CYS A 59 -7.68 1.81 -5.10
C CYS A 59 -7.55 3.30 -4.78
N MET A 60 -7.21 4.08 -5.81
CA MET A 60 -7.06 5.53 -5.65
C MET A 60 -8.38 6.17 -5.23
N ASP A 61 -9.44 5.89 -6.00
CA ASP A 61 -10.75 6.44 -5.70
C ASP A 61 -11.15 6.17 -4.26
N TYR A 62 -11.27 4.89 -3.92
CA TYR A 62 -11.65 4.49 -2.57
C TYR A 62 -11.05 5.43 -1.53
N ILE A 63 -9.75 5.70 -1.66
CA ILE A 63 -9.06 6.59 -0.73
C ILE A 63 -9.80 7.92 -0.58
N LYS A 64 -10.24 8.46 -1.71
CA LYS A 64 -10.96 9.72 -1.71
C LYS A 64 -12.25 9.62 -0.89
N GLY A 65 -12.79 8.40 -0.79
CA GLY A 65 -14.00 8.19 -0.03
C GLY A 65 -15.11 7.59 -0.87
N ARG A 66 -15.01 7.76 -2.19
CA ARG A 66 -16.01 7.22 -3.10
C ARG A 66 -15.36 6.36 -4.18
N CYS A 67 -15.56 5.05 -4.08
CA CYS A 67 -15.00 4.12 -5.04
C CYS A 67 -16.08 3.57 -5.96
N MET A 68 -16.17 4.13 -7.17
CA MET A 68 -17.17 3.69 -8.13
C MET A 68 -16.51 3.41 -9.49
N ARG A 69 -15.24 3.06 -9.46
CA ARG A 69 -14.50 2.77 -10.69
C ARG A 69 -15.16 1.63 -11.46
N GLU A 70 -14.65 1.38 -12.66
CA GLU A 70 -15.19 0.31 -13.51
C GLU A 70 -14.66 -1.05 -13.07
N LYS A 71 -15.56 -1.87 -12.54
CA LYS A 71 -15.18 -3.21 -12.08
C LYS A 71 -13.96 -3.15 -11.16
N CYS A 72 -14.00 -2.23 -10.20
CA CYS A 72 -12.90 -2.07 -9.26
C CYS A 72 -12.30 -3.43 -8.90
N LYS A 73 -11.00 -3.58 -9.18
CA LYS A 73 -10.30 -4.82 -8.87
C LYS A 73 -9.03 -4.55 -8.07
N TYR A 74 -9.11 -3.60 -7.15
CA TYR A 74 -7.97 -3.25 -6.31
C TYR A 74 -8.26 -3.50 -4.85
N PHE A 75 -7.22 -3.73 -4.07
CA PHE A 75 -7.36 -3.98 -2.64
C PHE A 75 -7.80 -2.72 -1.90
N HIS A 76 -8.69 -2.89 -0.93
CA HIS A 76 -9.19 -1.76 -0.14
C HIS A 76 -8.64 -1.80 1.28
N PRO A 77 -7.62 -0.99 1.56
CA PRO A 77 -6.99 -0.92 2.87
C PRO A 77 -7.91 -0.29 3.92
N PRO A 78 -7.55 -0.45 5.20
CA PRO A 78 -8.32 0.09 6.32
C PRO A 78 -8.24 1.62 6.40
N ALA A 79 -8.91 2.19 7.39
CA ALA A 79 -8.91 3.63 7.57
C ALA A 79 -7.52 4.15 7.89
N HIS A 80 -7.02 3.80 9.08
CA HIS A 80 -5.70 4.24 9.51
C HIS A 80 -4.73 4.28 8.32
N LEU A 81 -4.70 3.20 7.54
CA LEU A 81 -3.82 3.13 6.38
C LEU A 81 -4.29 4.07 5.28
N GLN A 82 -5.55 3.93 4.88
CA GLN A 82 -6.11 4.77 3.83
C GLN A 82 -5.57 6.19 3.93
N ALA A 83 -5.31 6.64 5.15
CA ALA A 83 -4.79 7.99 5.37
C ALA A 83 -3.30 8.06 5.05
N LYS A 84 -2.55 7.07 5.50
CA LYS A 84 -1.11 7.02 5.24
C LYS A 84 -0.81 7.33 3.79
N ILE A 85 -1.65 6.83 2.89
CA ILE A 85 -1.47 7.07 1.46
C ILE A 85 -1.81 8.51 1.09
N LYS A 86 -2.98 8.95 1.49
CA LYS A 86 -3.43 10.31 1.20
C LYS A 86 -2.33 11.32 1.52
N ALA A 87 -1.83 11.28 2.75
CA ALA A 87 -0.77 12.18 3.17
C ALA A 87 0.44 12.08 2.25
N ALA A 88 0.94 10.86 2.06
CA ALA A 88 2.10 10.63 1.20
C ALA A 88 2.02 11.46 -0.07
N GLN A 89 0.85 11.45 -0.71
CA GLN A 89 0.64 12.20 -1.94
C GLN A 89 0.99 13.67 -1.74
N HIS A 90 0.29 14.32 -0.81
CA HIS A 90 0.53 15.73 -0.53
C HIS A 90 1.71 15.90 0.41
N GLN A 91 2.76 16.57 -0.06
CA GLN A 91 3.96 16.80 0.74
C GLN A 91 3.60 17.53 2.03
N ALA A 92 3.72 16.82 3.16
CA ALA A 92 3.42 17.39 4.46
C ALA A 92 3.80 16.44 5.59
N ASN A 93 4.82 16.81 6.35
CA ASN A 93 5.28 15.97 7.46
C ASN A 93 4.69 16.45 8.78
N GLN A 94 4.12 15.53 9.54
CA GLN A 94 3.52 15.86 10.83
C GLN A 94 4.13 15.03 11.94
N ALA A 95 4.06 13.70 11.80
CA ALA A 95 4.61 12.80 12.80
C ALA A 95 5.49 11.75 12.15
N ALA A 96 6.52 11.29 12.87
CA ALA A 96 7.43 10.28 12.37
C ALA A 96 7.69 9.20 13.41
N VAL A 97 6.89 8.14 13.38
CA VAL A 97 7.03 7.04 14.33
C VAL A 97 7.39 5.74 13.62
N ALA A 98 6.70 5.47 12.52
CA ALA A 98 6.95 4.26 11.75
C ALA A 98 8.43 3.93 11.70
N GLY A 1 21.54 21.33 22.79
CA GLY A 1 21.14 21.44 21.40
C GLY A 1 22.27 21.13 20.44
N SER A 2 21.97 20.33 19.42
CA SER A 2 22.98 19.95 18.44
C SER A 2 22.35 19.86 17.04
N SER A 3 23.20 19.91 16.02
CA SER A 3 22.73 19.84 14.64
C SER A 3 23.22 18.56 13.97
N GLY A 4 24.54 18.40 13.90
CA GLY A 4 25.11 17.22 13.28
C GLY A 4 24.52 16.94 11.91
N SER A 5 24.95 15.83 11.31
CA SER A 5 24.47 15.46 9.99
C SER A 5 24.99 14.08 9.58
N SER A 6 24.10 13.25 9.05
CA SER A 6 24.48 11.90 8.63
C SER A 6 23.36 11.25 7.81
N GLY A 7 23.75 10.56 6.75
CA GLY A 7 22.78 9.91 5.89
C GLY A 7 23.25 9.79 4.45
N SER A 8 23.04 8.63 3.86
CA SER A 8 23.46 8.39 2.48
C SER A 8 22.28 8.56 1.52
N THR A 9 22.30 9.65 0.76
CA THR A 9 21.23 9.94 -0.19
C THR A 9 21.32 9.01 -1.40
N ALA A 10 20.20 8.39 -1.75
CA ALA A 10 20.15 7.49 -2.89
C ALA A 10 19.46 8.15 -4.08
N THR A 11 20.08 8.02 -5.25
CA THR A 11 19.52 8.60 -6.47
C THR A 11 18.42 7.72 -7.05
N GLN A 12 18.65 6.42 -7.07
CA GLN A 12 17.67 5.47 -7.59
C GLN A 12 16.76 4.97 -6.49
N LYS A 13 16.27 5.88 -5.66
CA LYS A 13 15.39 5.53 -4.55
C LYS A 13 13.93 5.70 -4.96
N LEU A 14 13.61 5.35 -6.20
CA LEU A 14 12.24 5.46 -6.70
C LEU A 14 11.34 4.41 -6.07
N LEU A 15 10.05 4.69 -6.02
CA LEU A 15 9.07 3.76 -5.46
C LEU A 15 7.65 4.29 -5.65
N ARG A 16 6.68 3.39 -5.52
CA ARG A 16 5.27 3.75 -5.67
C ARG A 16 4.64 4.04 -4.32
N THR A 17 3.42 4.59 -4.35
CA THR A 17 2.70 4.91 -3.12
C THR A 17 1.46 4.04 -2.97
N ASP A 18 0.87 3.67 -4.10
CA ASP A 18 -0.34 2.84 -4.08
C ASP A 18 0.03 1.36 -4.00
N LYS A 19 1.12 1.07 -3.30
CA LYS A 19 1.58 -0.30 -3.13
C LYS A 19 1.68 -0.67 -1.65
N LEU A 20 1.23 -1.87 -1.32
CA LEU A 20 1.27 -2.35 0.06
C LEU A 20 2.05 -3.65 0.17
N GLU A 21 2.91 -3.74 1.17
CA GLU A 21 3.72 -4.93 1.39
C GLU A 21 2.92 -6.02 2.09
N VAL A 22 2.63 -7.10 1.37
CA VAL A 22 1.86 -8.21 1.92
C VAL A 22 2.62 -8.89 3.07
N CYS A 23 2.01 -8.91 4.24
CA CYS A 23 2.62 -9.53 5.41
C CYS A 23 3.04 -10.97 5.11
N ARG A 24 4.09 -11.43 5.79
CA ARG A 24 4.58 -12.77 5.60
C ARG A 24 3.94 -13.74 6.60
N GLU A 25 3.74 -13.28 7.83
CA GLU A 25 3.14 -14.09 8.86
C GLU A 25 1.69 -14.43 8.52
N PHE A 26 0.86 -13.39 8.39
CA PHE A 26 -0.54 -13.57 8.07
C PHE A 26 -0.72 -14.65 7.01
N GLN A 27 0.02 -14.54 5.91
CA GLN A 27 -0.06 -15.50 4.83
C GLN A 27 -0.23 -16.91 5.37
N ARG A 28 0.60 -17.29 6.33
CA ARG A 28 0.54 -18.61 6.93
C ARG A 28 -0.43 -18.63 8.12
N GLY A 29 -0.67 -17.45 8.69
CA GLY A 29 -1.58 -17.34 9.82
C GLY A 29 -0.84 -17.30 11.14
N ASN A 30 0.11 -16.36 11.26
CA ASN A 30 0.89 -16.22 12.48
C ASN A 30 0.82 -14.79 13.01
N CYS A 31 0.63 -13.83 12.10
CA CYS A 31 0.54 -12.43 12.46
C CYS A 31 -0.58 -12.20 13.48
N ALA A 32 -0.24 -11.60 14.61
CA ALA A 32 -1.22 -11.33 15.66
C ALA A 32 -1.63 -9.86 15.65
N ARG A 33 -0.86 -9.03 14.96
CA ARG A 33 -1.15 -7.60 14.87
C ARG A 33 -2.28 -7.34 13.88
N GLY A 34 -2.56 -8.32 13.03
CA GLY A 34 -3.62 -8.18 12.06
C GLY A 34 -3.46 -6.95 11.19
N GLU A 35 -4.28 -6.84 10.15
CA GLU A 35 -4.21 -5.70 9.25
C GLU A 35 -4.68 -4.43 9.94
N THR A 36 -5.10 -4.56 11.19
CA THR A 36 -5.59 -3.42 11.96
C THR A 36 -4.46 -2.79 12.77
N ASP A 37 -3.56 -3.62 13.27
CA ASP A 37 -2.42 -3.15 14.07
C ASP A 37 -1.11 -3.41 13.34
N CYS A 38 -1.19 -3.98 12.15
CA CYS A 38 -0.01 -4.29 11.36
C CYS A 38 0.18 -3.28 10.23
N ARG A 39 1.42 -2.84 10.04
CA ARG A 39 1.73 -1.86 9.00
C ARG A 39 1.59 -2.49 7.61
N PHE A 40 1.71 -3.81 7.55
CA PHE A 40 1.59 -4.53 6.29
C PHE A 40 0.15 -4.93 6.02
N ALA A 41 -0.23 -4.96 4.75
CA ALA A 41 -1.58 -5.33 4.37
C ALA A 41 -1.76 -6.85 4.34
N HIS A 42 -2.92 -7.32 4.79
CA HIS A 42 -3.22 -8.75 4.82
C HIS A 42 -4.23 -9.12 3.75
N PRO A 43 -3.72 -9.68 2.64
CA PRO A 43 -4.57 -10.09 1.52
C PRO A 43 -5.43 -11.31 1.85
N ALA A 44 -6.65 -11.06 2.30
CA ALA A 44 -7.57 -12.12 2.66
C ALA A 44 -7.93 -12.98 1.44
N ASP A 45 -8.21 -12.30 0.32
CA ASP A 45 -8.56 -13.00 -0.91
C ASP A 45 -7.42 -13.89 -1.38
N SER A 46 -7.76 -14.93 -2.13
CA SER A 46 -6.76 -15.87 -2.64
C SER A 46 -6.10 -15.32 -3.90
N THR A 47 -5.02 -15.97 -4.33
CA THR A 47 -4.29 -15.55 -5.52
C THR A 47 -4.21 -14.03 -5.60
N MET A 48 -4.07 -13.39 -4.46
CA MET A 48 -3.98 -11.93 -4.40
C MET A 48 -2.60 -11.50 -3.92
N ILE A 49 -1.58 -12.27 -4.28
CA ILE A 49 -0.21 -11.96 -3.89
C ILE A 49 0.76 -12.14 -5.05
N ASP A 50 1.85 -11.39 -5.03
CA ASP A 50 2.85 -11.47 -6.08
C ASP A 50 4.15 -12.08 -5.56
N THR A 51 4.50 -13.26 -6.07
CA THR A 51 5.71 -13.95 -5.65
C THR A 51 6.95 -13.29 -6.23
N SER A 52 6.74 -12.20 -6.98
CA SER A 52 7.84 -11.47 -7.60
C SER A 52 8.25 -10.27 -6.74
N ASP A 53 7.25 -9.59 -6.19
CA ASP A 53 7.50 -8.41 -5.35
C ASP A 53 6.80 -8.56 -4.00
N ASN A 54 5.71 -9.31 -3.99
CA ASN A 54 4.95 -9.53 -2.77
C ASN A 54 4.24 -8.24 -2.33
N THR A 55 3.73 -7.49 -3.31
CA THR A 55 3.05 -6.24 -3.02
C THR A 55 1.71 -6.18 -3.75
N VAL A 56 0.72 -5.57 -3.12
CA VAL A 56 -0.60 -5.45 -3.71
C VAL A 56 -0.93 -3.99 -4.04
N THR A 57 -1.69 -3.78 -5.11
CA THR A 57 -2.07 -2.43 -5.52
C THR A 57 -3.02 -1.79 -4.52
N VAL A 58 -3.03 -0.47 -4.48
CA VAL A 58 -3.91 0.26 -3.58
C VAL A 58 -4.92 1.09 -4.35
N CYS A 59 -6.20 0.78 -4.15
CA CYS A 59 -7.27 1.51 -4.82
C CYS A 59 -7.16 3.01 -4.57
N MET A 60 -6.99 3.77 -5.65
CA MET A 60 -6.87 5.22 -5.54
C MET A 60 -8.20 5.85 -5.14
N ASP A 61 -9.26 5.53 -5.87
CA ASP A 61 -10.59 6.05 -5.58
C ASP A 61 -10.94 5.86 -4.12
N TYR A 62 -10.98 4.60 -3.68
CA TYR A 62 -11.31 4.28 -2.30
C TYR A 62 -10.75 5.34 -1.34
N ILE A 63 -9.45 5.59 -1.45
CA ILE A 63 -8.79 6.57 -0.60
C ILE A 63 -9.56 7.89 -0.60
N LYS A 64 -10.02 8.30 -1.77
CA LYS A 64 -10.76 9.55 -1.91
C LYS A 64 -12.04 9.51 -1.07
N GLY A 65 -12.53 8.30 -0.80
CA GLY A 65 -13.73 8.15 -0.01
C GLY A 65 -14.86 7.49 -0.80
N ARG A 66 -14.76 7.55 -2.12
CA ARG A 66 -15.77 6.95 -2.99
C ARG A 66 -15.13 6.05 -4.03
N CYS A 67 -15.28 4.74 -3.84
CA CYS A 67 -14.72 3.76 -4.76
C CYS A 67 -15.81 3.08 -5.57
N MET A 68 -16.04 3.57 -6.79
CA MET A 68 -17.06 3.01 -7.66
C MET A 68 -16.43 2.38 -8.90
N ARG A 69 -15.14 2.04 -8.79
CA ARG A 69 -14.43 1.43 -9.90
C ARG A 69 -15.16 0.18 -10.40
N GLU A 70 -15.88 0.34 -11.51
CA GLU A 70 -16.63 -0.78 -12.09
C GLU A 70 -15.89 -2.11 -11.87
N LYS A 71 -16.44 -2.95 -11.00
CA LYS A 71 -15.83 -4.24 -10.71
C LYS A 71 -14.43 -4.06 -10.11
N CYS A 72 -14.35 -3.29 -9.04
CA CYS A 72 -13.08 -3.04 -8.37
C CYS A 72 -12.46 -4.35 -7.86
N LYS A 73 -11.19 -4.56 -8.18
CA LYS A 73 -10.49 -5.77 -7.75
C LYS A 73 -9.20 -5.42 -7.03
N TYR A 74 -9.09 -4.17 -6.58
CA TYR A 74 -7.90 -3.70 -5.87
C TYR A 74 -8.08 -3.86 -4.37
N PHE A 75 -6.96 -3.95 -3.65
CA PHE A 75 -6.98 -4.10 -2.20
C PHE A 75 -7.41 -2.79 -1.53
N HIS A 76 -8.16 -2.91 -0.43
CA HIS A 76 -8.63 -1.75 0.31
C HIS A 76 -8.06 -1.73 1.72
N PRO A 77 -7.12 -0.80 1.96
CA PRO A 77 -6.48 -0.66 3.28
C PRO A 77 -7.43 -0.12 4.33
N PRO A 78 -7.07 -0.31 5.61
CA PRO A 78 -7.88 0.15 6.74
C PRO A 78 -7.88 1.67 6.87
N ALA A 79 -8.57 2.18 7.88
CA ALA A 79 -8.65 3.61 8.12
C ALA A 79 -7.26 4.20 8.36
N HIS A 80 -6.61 3.74 9.42
CA HIS A 80 -5.28 4.21 9.76
C HIS A 80 -4.38 4.27 8.52
N LEU A 81 -4.23 3.13 7.87
CA LEU A 81 -3.40 3.04 6.67
C LEU A 81 -3.88 4.02 5.61
N GLN A 82 -5.16 3.93 5.26
CA GLN A 82 -5.74 4.81 4.25
C GLN A 82 -5.15 6.21 4.35
N ALA A 83 -4.96 6.69 5.57
CA ALA A 83 -4.39 8.01 5.80
C ALA A 83 -2.93 8.06 5.37
N LYS A 84 -2.14 7.09 5.83
CA LYS A 84 -0.72 7.02 5.50
C LYS A 84 -0.49 7.39 4.04
N ILE A 85 -1.37 6.93 3.16
CA ILE A 85 -1.27 7.21 1.74
C ILE A 85 -1.81 8.60 1.40
N LYS A 86 -3.02 8.87 1.87
CA LYS A 86 -3.65 10.16 1.64
C LYS A 86 -2.66 11.30 1.82
N ALA A 87 -1.85 11.21 2.87
CA ALA A 87 -0.86 12.23 3.16
C ALA A 87 -0.13 12.66 1.89
N ALA A 88 0.53 11.71 1.24
CA ALA A 88 1.27 11.98 0.01
C ALA A 88 0.50 12.94 -0.89
N GLN A 89 -0.79 12.67 -1.06
CA GLN A 89 -1.64 13.51 -1.91
C GLN A 89 -1.79 14.90 -1.31
N HIS A 90 -2.06 14.95 -0.01
CA HIS A 90 -2.23 16.22 0.68
C HIS A 90 -1.15 17.22 0.28
N GLN A 91 -1.41 18.50 0.51
CA GLN A 91 -0.46 19.55 0.16
C GLN A 91 0.15 20.18 1.41
N ALA A 92 1.46 20.36 1.41
CA ALA A 92 2.16 20.95 2.54
C ALA A 92 3.63 21.17 2.22
N ASN A 93 4.22 22.20 2.82
CA ASN A 93 5.62 22.53 2.61
C ASN A 93 6.52 21.68 3.52
N GLN A 94 6.25 20.38 3.56
CA GLN A 94 7.03 19.47 4.39
C GLN A 94 7.85 18.52 3.53
N ALA A 95 9.14 18.80 3.42
CA ALA A 95 10.04 17.96 2.63
C ALA A 95 10.45 16.71 3.39
N ALA A 96 9.48 16.08 4.04
CA ALA A 96 9.74 14.86 4.81
C ALA A 96 9.96 13.67 3.90
N VAL A 97 9.26 13.65 2.77
CA VAL A 97 9.37 12.56 1.81
C VAL A 97 9.82 13.08 0.45
N ALA A 98 9.25 14.21 0.02
CA ALA A 98 9.59 14.81 -1.26
C ALA A 98 9.71 16.32 -1.14
N GLY A 1 32.87 -7.70 23.12
CA GLY A 1 32.09 -8.62 22.31
C GLY A 1 31.12 -7.89 21.39
N SER A 2 30.98 -8.39 20.17
CA SER A 2 30.09 -7.79 19.19
C SER A 2 30.01 -8.63 17.92
N SER A 3 28.93 -8.44 17.16
CA SER A 3 28.73 -9.19 15.92
C SER A 3 27.85 -8.40 14.95
N GLY A 4 27.69 -8.95 13.75
CA GLY A 4 26.87 -8.29 12.75
C GLY A 4 26.78 -9.09 11.46
N SER A 5 26.15 -8.51 10.45
CA SER A 5 25.98 -9.17 9.17
C SER A 5 25.70 -8.16 8.06
N SER A 6 25.92 -8.57 6.81
CA SER A 6 25.69 -7.70 5.67
C SER A 6 24.89 -8.42 4.59
N GLY A 7 24.27 -7.64 3.70
CA GLY A 7 23.49 -8.24 2.63
C GLY A 7 22.02 -7.85 2.70
N SER A 8 21.72 -6.59 2.40
CA SER A 8 20.36 -6.10 2.44
C SER A 8 20.10 -5.11 1.31
N THR A 9 19.28 -5.51 0.35
CA THR A 9 18.96 -4.65 -0.79
C THR A 9 17.48 -4.76 -1.15
N ALA A 10 16.92 -3.66 -1.64
CA ALA A 10 15.51 -3.63 -2.03
C ALA A 10 15.33 -2.87 -3.34
N THR A 11 14.74 -3.53 -4.33
CA THR A 11 14.49 -2.92 -5.63
C THR A 11 13.01 -2.58 -5.81
N GLN A 12 12.70 -1.29 -5.83
CA GLN A 12 11.33 -0.84 -6.01
C GLN A 12 11.19 0.01 -7.27
N LYS A 13 11.83 -0.43 -8.34
CA LYS A 13 11.77 0.29 -9.62
C LYS A 13 10.41 0.94 -9.81
N LEU A 14 10.41 2.23 -10.14
CA LEU A 14 9.18 2.98 -10.35
C LEU A 14 8.25 2.84 -9.16
N LEU A 15 8.83 2.89 -7.96
CA LEU A 15 8.04 2.78 -6.73
C LEU A 15 6.74 3.59 -6.84
N ARG A 16 5.66 3.02 -6.32
CA ARG A 16 4.36 3.68 -6.35
C ARG A 16 3.84 3.93 -4.94
N THR A 17 2.69 4.57 -4.85
CA THR A 17 2.08 4.87 -3.55
C THR A 17 0.83 4.04 -3.33
N ASP A 18 0.27 3.51 -4.40
CA ASP A 18 -0.93 2.68 -4.31
C ASP A 18 -0.57 1.21 -4.17
N LYS A 19 0.53 0.94 -3.48
CA LYS A 19 0.99 -0.44 -3.26
C LYS A 19 1.13 -0.74 -1.77
N LEU A 20 0.82 -1.97 -1.39
CA LEU A 20 0.93 -2.38 0.00
C LEU A 20 1.76 -3.66 0.13
N GLU A 21 2.73 -3.63 1.03
CA GLU A 21 3.59 -4.79 1.26
C GLU A 21 2.85 -5.88 2.04
N VAL A 22 2.56 -6.99 1.36
CA VAL A 22 1.86 -8.10 1.98
C VAL A 22 2.70 -8.73 3.09
N CYS A 23 2.08 -8.92 4.25
CA CYS A 23 2.77 -9.51 5.39
C CYS A 23 3.24 -10.92 5.07
N ARG A 24 4.34 -11.33 5.69
CA ARG A 24 4.90 -12.66 5.48
C ARG A 24 4.33 -13.66 6.48
N GLU A 25 4.08 -13.19 7.70
CA GLU A 25 3.54 -14.03 8.75
C GLU A 25 2.10 -14.42 8.45
N PHE A 26 1.22 -13.41 8.41
CA PHE A 26 -0.19 -13.64 8.14
C PHE A 26 -0.38 -14.79 7.15
N GLN A 27 0.39 -14.77 6.07
CA GLN A 27 0.31 -15.81 5.05
C GLN A 27 0.10 -17.18 5.69
N ARG A 28 0.99 -17.54 6.61
CA ARG A 28 0.91 -18.82 7.30
C ARG A 28 -0.01 -18.73 8.52
N GLY A 29 -0.20 -17.51 9.02
CA GLY A 29 -1.05 -17.32 10.18
C GLY A 29 -0.27 -17.21 11.46
N ASN A 30 0.71 -16.31 11.49
CA ASN A 30 1.54 -16.12 12.68
C ASN A 30 1.48 -14.67 13.15
N CYS A 31 1.18 -13.76 12.23
CA CYS A 31 1.09 -12.34 12.56
C CYS A 31 0.11 -12.11 13.70
N ALA A 32 0.46 -11.18 14.59
CA ALA A 32 -0.39 -10.86 15.73
C ALA A 32 -1.03 -9.48 15.58
N ARG A 33 -0.31 -8.58 14.91
CA ARG A 33 -0.81 -7.23 14.70
C ARG A 33 -2.10 -7.24 13.87
N GLY A 34 -2.27 -8.29 13.07
CA GLY A 34 -3.45 -8.40 12.24
C GLY A 34 -3.59 -7.25 11.27
N GLU A 35 -4.66 -7.28 10.47
CA GLU A 35 -4.89 -6.23 9.49
C GLU A 35 -5.50 -4.99 10.15
N THR A 36 -5.35 -4.89 11.46
CA THR A 36 -5.89 -3.76 12.21
C THR A 36 -4.77 -2.99 12.91
N ASP A 37 -3.73 -3.70 13.33
CA ASP A 37 -2.60 -3.07 14.01
C ASP A 37 -1.32 -3.26 13.20
N CYS A 38 -1.40 -4.05 12.14
CA CYS A 38 -0.25 -4.31 11.29
C CYS A 38 -0.22 -3.37 10.10
N ARG A 39 0.94 -2.77 9.84
CA ARG A 39 1.09 -1.83 8.73
C ARG A 39 0.97 -2.56 7.39
N PHE A 40 1.45 -3.79 7.35
CA PHE A 40 1.40 -4.59 6.13
C PHE A 40 -0.02 -5.07 5.86
N ALA A 41 -0.41 -5.05 4.59
CA ALA A 41 -1.74 -5.48 4.19
C ALA A 41 -1.86 -6.99 4.21
N HIS A 42 -2.95 -7.50 4.76
CA HIS A 42 -3.19 -8.94 4.84
C HIS A 42 -4.25 -9.37 3.84
N PRO A 43 -3.80 -9.93 2.70
CA PRO A 43 -4.70 -10.39 1.64
C PRO A 43 -5.48 -11.64 2.05
N ALA A 44 -6.80 -11.49 2.15
CA ALA A 44 -7.66 -12.60 2.53
C ALA A 44 -8.44 -13.14 1.33
N ASP A 45 -8.98 -12.23 0.54
CA ASP A 45 -9.75 -12.61 -0.65
C ASP A 45 -8.92 -13.48 -1.57
N SER A 46 -9.54 -13.97 -2.64
CA SER A 46 -8.86 -14.83 -3.60
C SER A 46 -7.41 -14.39 -3.78
N THR A 47 -6.56 -15.34 -4.16
CA THR A 47 -5.14 -15.06 -4.37
C THR A 47 -4.95 -13.74 -5.10
N MET A 48 -4.52 -12.72 -4.37
CA MET A 48 -4.30 -11.40 -4.96
C MET A 48 -2.94 -10.85 -4.55
N ILE A 49 -1.93 -11.73 -4.52
CA ILE A 49 -0.58 -11.32 -4.15
C ILE A 49 0.35 -11.35 -5.36
N ASP A 50 1.19 -10.32 -5.48
CA ASP A 50 2.13 -10.23 -6.58
C ASP A 50 3.38 -11.06 -6.31
N THR A 51 3.54 -12.15 -7.05
CA THR A 51 4.68 -13.03 -6.88
C THR A 51 5.95 -12.39 -7.44
N SER A 52 5.82 -11.16 -7.90
CA SER A 52 6.97 -10.45 -8.47
C SER A 52 7.64 -9.57 -7.42
N ASP A 53 6.82 -8.84 -6.66
CA ASP A 53 7.34 -7.96 -5.61
C ASP A 53 6.65 -8.25 -4.28
N ASN A 54 5.91 -9.35 -4.23
CA ASN A 54 5.19 -9.73 -3.02
C ASN A 54 4.40 -8.54 -2.45
N THR A 55 3.70 -7.83 -3.32
CA THR A 55 2.90 -6.68 -2.92
C THR A 55 1.51 -6.72 -3.53
N VAL A 56 0.66 -5.79 -3.11
CA VAL A 56 -0.71 -5.72 -3.62
C VAL A 56 -1.06 -4.30 -4.05
N THR A 57 -1.98 -4.18 -4.99
CA THR A 57 -2.41 -2.88 -5.49
C THR A 57 -3.34 -2.19 -4.50
N VAL A 58 -3.42 -0.87 -4.59
CA VAL A 58 -4.27 -0.09 -3.69
C VAL A 58 -5.15 0.86 -4.48
N CYS A 59 -6.47 0.74 -4.30
CA CYS A 59 -7.42 1.59 -4.99
C CYS A 59 -7.07 3.07 -4.82
N MET A 60 -7.19 3.83 -5.90
CA MET A 60 -6.88 5.26 -5.87
C MET A 60 -8.08 6.06 -5.37
N ASP A 61 -9.22 5.89 -6.04
CA ASP A 61 -10.44 6.60 -5.66
C ASP A 61 -10.74 6.42 -4.18
N TYR A 62 -10.87 5.17 -3.75
CA TYR A 62 -11.16 4.87 -2.35
C TYR A 62 -10.40 5.81 -1.43
N ILE A 63 -9.09 5.92 -1.63
CA ILE A 63 -8.26 6.79 -0.82
C ILE A 63 -8.85 8.19 -0.73
N LYS A 64 -9.36 8.68 -1.85
CA LYS A 64 -9.96 10.01 -1.90
C LYS A 64 -11.18 10.09 -1.00
N GLY A 65 -11.82 8.95 -0.76
CA GLY A 65 -13.00 8.91 0.09
C GLY A 65 -14.24 8.48 -0.66
N ARG A 66 -14.19 8.55 -1.99
CA ARG A 66 -15.33 8.16 -2.82
C ARG A 66 -14.89 7.19 -3.91
N CYS A 67 -15.16 5.91 -3.69
CA CYS A 67 -14.80 4.87 -4.66
C CYS A 67 -16.05 4.24 -5.27
N MET A 68 -16.40 4.70 -6.47
CA MET A 68 -17.58 4.17 -7.16
C MET A 68 -17.21 3.72 -8.58
N ARG A 69 -15.96 3.32 -8.76
CA ARG A 69 -15.49 2.86 -10.07
C ARG A 69 -16.35 1.72 -10.59
N GLU A 70 -16.20 1.41 -11.87
CA GLU A 70 -16.97 0.35 -12.50
C GLU A 70 -16.53 -1.02 -11.98
N LYS A 71 -17.28 -1.56 -11.03
CA LYS A 71 -16.97 -2.87 -10.45
C LYS A 71 -15.54 -2.89 -9.91
N CYS A 72 -15.22 -1.93 -9.05
CA CYS A 72 -13.89 -1.84 -8.46
C CYS A 72 -13.45 -3.19 -7.93
N LYS A 73 -12.34 -3.69 -8.45
CA LYS A 73 -11.79 -4.98 -8.02
C LYS A 73 -10.39 -4.82 -7.44
N TYR A 74 -10.19 -3.74 -6.71
CA TYR A 74 -8.89 -3.47 -6.09
C TYR A 74 -8.96 -3.63 -4.58
N PHE A 75 -7.80 -3.85 -3.96
CA PHE A 75 -7.72 -4.04 -2.52
C PHE A 75 -7.94 -2.72 -1.80
N HIS A 76 -8.79 -2.75 -0.77
CA HIS A 76 -9.10 -1.55 0.01
C HIS A 76 -8.49 -1.64 1.41
N PRO A 77 -7.45 -0.83 1.65
CA PRO A 77 -6.76 -0.79 2.94
C PRO A 77 -7.61 -0.19 4.04
N PRO A 78 -7.21 -0.43 5.30
CA PRO A 78 -7.93 0.09 6.47
C PRO A 78 -7.81 1.61 6.61
N ALA A 79 -8.44 2.15 7.65
CA ALA A 79 -8.40 3.58 7.89
C ALA A 79 -6.97 4.06 8.16
N HIS A 80 -6.39 3.59 9.26
CA HIS A 80 -5.03 3.97 9.63
C HIS A 80 -4.13 4.02 8.40
N LEU A 81 -4.17 2.97 7.59
CA LEU A 81 -3.36 2.91 6.38
C LEU A 81 -3.80 3.96 5.37
N GLN A 82 -5.08 3.94 5.02
CA GLN A 82 -5.63 4.90 4.07
C GLN A 82 -5.00 6.28 4.25
N ALA A 83 -4.83 6.68 5.50
CA ALA A 83 -4.23 7.98 5.80
C ALA A 83 -2.81 8.07 5.25
N LYS A 84 -1.96 7.14 5.65
CA LYS A 84 -0.57 7.13 5.20
C LYS A 84 -0.46 7.62 3.76
N ILE A 85 -1.40 7.17 2.92
CA ILE A 85 -1.43 7.57 1.52
C ILE A 85 -2.02 8.96 1.34
N LYS A 86 -3.19 9.17 1.94
CA LYS A 86 -3.88 10.45 1.85
C LYS A 86 -2.92 11.60 2.17
N ALA A 87 -2.11 11.43 3.20
CA ALA A 87 -1.15 12.44 3.60
C ALA A 87 -0.35 12.95 2.40
N ALA A 88 0.14 12.01 1.59
CA ALA A 88 0.91 12.37 0.41
C ALA A 88 0.05 13.09 -0.62
N GLN A 89 -1.12 12.53 -0.90
CA GLN A 89 -2.04 13.11 -1.87
C GLN A 89 -2.19 14.61 -1.64
N HIS A 90 -2.66 14.98 -0.44
CA HIS A 90 -2.85 16.38 -0.10
C HIS A 90 -1.51 17.12 -0.05
N GLN A 91 -1.50 18.34 -0.59
CA GLN A 91 -0.29 19.15 -0.61
C GLN A 91 0.00 19.74 0.76
N ALA A 92 1.20 19.49 1.27
CA ALA A 92 1.61 20.00 2.57
C ALA A 92 3.09 19.71 2.84
N ASN A 93 3.58 20.21 3.97
CA ASN A 93 4.97 20.00 4.35
C ASN A 93 5.10 18.87 5.37
N GLN A 94 5.51 17.69 4.89
CA GLN A 94 5.68 16.53 5.75
C GLN A 94 6.91 15.74 5.36
N ALA A 95 7.66 15.28 6.35
CA ALA A 95 8.87 14.50 6.12
C ALA A 95 8.53 13.13 5.55
N ALA A 96 8.92 12.89 4.30
CA ALA A 96 8.67 11.61 3.65
C ALA A 96 9.80 10.62 3.91
N VAL A 97 9.58 9.37 3.52
CA VAL A 97 10.58 8.32 3.70
C VAL A 97 11.10 7.80 2.37
N ALA A 98 12.33 7.29 2.38
CA ALA A 98 12.93 6.75 1.16
C ALA A 98 12.09 5.62 0.58
N GLY A 1 -19.38 45.42 -3.22
CA GLY A 1 -18.57 44.42 -2.56
C GLY A 1 -18.30 43.21 -3.44
N SER A 2 -17.23 42.49 -3.13
CA SER A 2 -16.86 41.31 -3.92
C SER A 2 -15.73 40.55 -3.23
N SER A 3 -15.88 39.23 -3.17
CA SER A 3 -14.88 38.38 -2.54
C SER A 3 -15.15 36.90 -2.84
N GLY A 4 -14.07 36.14 -3.02
CA GLY A 4 -14.21 34.72 -3.32
C GLY A 4 -13.56 34.34 -4.63
N SER A 5 -12.31 33.88 -4.56
CA SER A 5 -11.57 33.49 -5.76
C SER A 5 -10.59 32.36 -5.44
N SER A 6 -10.67 31.28 -6.21
CA SER A 6 -9.79 30.13 -6.00
C SER A 6 -9.75 29.26 -7.25
N GLY A 7 -8.70 28.46 -7.37
CA GLY A 7 -8.55 27.59 -8.51
C GLY A 7 -7.30 27.88 -9.32
N SER A 8 -6.47 26.86 -9.51
CA SER A 8 -5.22 27.01 -10.26
C SER A 8 -4.72 25.66 -10.76
N THR A 9 -3.63 25.69 -11.53
CA THR A 9 -3.05 24.48 -12.07
C THR A 9 -1.55 24.40 -11.79
N ALA A 10 -1.06 23.21 -11.49
CA ALA A 10 0.35 23.01 -11.20
C ALA A 10 0.85 21.69 -11.79
N THR A 11 2.17 21.51 -11.82
CA THR A 11 2.77 20.30 -12.35
C THR A 11 2.43 19.10 -11.47
N GLN A 12 1.29 18.48 -11.73
CA GLN A 12 0.86 17.31 -10.97
C GLN A 12 1.85 16.16 -11.13
N LYS A 13 2.80 16.08 -10.21
CA LYS A 13 3.81 15.02 -10.24
C LYS A 13 3.16 13.65 -10.28
N LEU A 14 3.88 12.67 -10.80
CA LEU A 14 3.38 11.30 -10.88
C LEU A 14 3.96 10.42 -9.79
N LEU A 15 3.42 10.54 -8.58
CA LEU A 15 3.89 9.76 -7.45
C LEU A 15 3.39 8.33 -7.53
N ARG A 16 4.20 7.39 -7.04
CA ARG A 16 3.82 5.98 -7.06
C ARG A 16 3.71 5.44 -5.64
N THR A 17 2.53 5.62 -5.03
CA THR A 17 2.29 5.15 -3.67
C THR A 17 0.98 4.38 -3.59
N ASP A 18 0.62 3.70 -4.67
CA ASP A 18 -0.61 2.92 -4.72
C ASP A 18 -0.31 1.43 -4.66
N LYS A 19 0.53 1.03 -3.71
CA LYS A 19 0.89 -0.37 -3.55
C LYS A 19 1.16 -0.70 -2.08
N LEU A 20 0.43 -1.68 -1.56
CA LEU A 20 0.58 -2.09 -0.17
C LEU A 20 1.30 -3.44 -0.07
N GLU A 21 2.39 -3.46 0.67
CA GLU A 21 3.17 -4.69 0.85
C GLU A 21 2.42 -5.69 1.70
N VAL A 22 1.97 -6.78 1.07
CA VAL A 22 1.24 -7.82 1.78
C VAL A 22 2.10 -8.50 2.84
N CYS A 23 1.57 -8.60 4.05
CA CYS A 23 2.30 -9.22 5.14
C CYS A 23 2.60 -10.69 4.84
N ARG A 24 3.79 -11.13 5.20
CA ARG A 24 4.21 -12.51 4.96
C ARG A 24 3.83 -13.40 6.14
N GLU A 25 3.96 -12.85 7.35
CA GLU A 25 3.64 -13.60 8.56
C GLU A 25 2.17 -14.01 8.57
N PHE A 26 1.29 -13.05 8.29
CA PHE A 26 -0.14 -13.31 8.27
C PHE A 26 -0.47 -14.47 7.34
N GLN A 27 0.19 -14.50 6.18
CA GLN A 27 -0.03 -15.56 5.20
C GLN A 27 0.06 -16.93 5.86
N ARG A 28 0.94 -17.06 6.84
CA ARG A 28 1.12 -18.33 7.54
C ARG A 28 0.57 -18.25 8.95
N GLY A 29 -0.42 -17.38 9.14
CA GLY A 29 -1.04 -17.22 10.45
C GLY A 29 -0.01 -17.06 11.56
N ASN A 30 0.98 -16.22 11.30
CA ASN A 30 2.03 -15.96 12.29
C ASN A 30 1.95 -14.53 12.82
N CYS A 31 1.66 -13.59 11.93
CA CYS A 31 1.55 -12.18 12.31
C CYS A 31 0.58 -12.02 13.48
N ALA A 32 1.00 -11.28 14.49
CA ALA A 32 0.17 -11.04 15.67
C ALA A 32 -0.36 -9.60 15.67
N ARG A 33 0.35 -8.71 14.99
CA ARG A 33 -0.06 -7.31 14.92
C ARG A 33 -1.38 -7.16 14.15
N GLY A 34 -1.73 -8.19 13.38
CA GLY A 34 -2.95 -8.15 12.61
C GLY A 34 -3.03 -6.94 11.71
N GLU A 35 -3.93 -7.00 10.73
CA GLU A 35 -4.11 -5.89 9.79
C GLU A 35 -4.50 -4.61 10.51
N THR A 36 -4.82 -4.74 11.79
CA THR A 36 -5.21 -3.59 12.62
C THR A 36 -3.99 -2.87 13.17
N ASP A 37 -3.13 -3.62 13.86
CA ASP A 37 -1.93 -3.04 14.44
C ASP A 37 -0.72 -3.25 13.53
N CYS A 38 -0.98 -3.78 12.33
CA CYS A 38 0.08 -4.03 11.36
C CYS A 38 -0.05 -3.10 10.15
N ARG A 39 1.04 -2.43 9.80
CA ARG A 39 1.03 -1.52 8.67
C ARG A 39 0.70 -2.26 7.37
N PHE A 40 1.30 -3.44 7.20
CA PHE A 40 1.08 -4.24 6.00
C PHE A 40 -0.35 -4.81 5.99
N ALA A 41 -0.99 -4.76 4.84
CA ALA A 41 -2.35 -5.28 4.69
C ALA A 41 -2.37 -6.79 4.70
N HIS A 42 -3.44 -7.36 5.23
CA HIS A 42 -3.60 -8.81 5.31
C HIS A 42 -4.71 -9.29 4.38
N PRO A 43 -4.32 -9.81 3.21
CA PRO A 43 -5.26 -10.33 2.21
C PRO A 43 -5.94 -11.61 2.66
N ALA A 44 -6.96 -11.47 3.51
CA ALA A 44 -7.70 -12.62 4.01
C ALA A 44 -8.93 -12.91 3.15
N ASP A 45 -9.66 -11.85 2.81
CA ASP A 45 -10.86 -11.99 2.00
C ASP A 45 -10.51 -11.93 0.51
N SER A 46 -11.43 -12.41 -0.33
CA SER A 46 -11.22 -12.41 -1.77
C SER A 46 -10.43 -11.19 -2.21
N THR A 47 -9.12 -11.36 -2.37
CA THR A 47 -8.25 -10.26 -2.78
C THR A 47 -7.26 -10.73 -3.85
N MET A 48 -6.46 -9.79 -4.35
CA MET A 48 -5.46 -10.10 -5.37
C MET A 48 -4.05 -9.93 -4.83
N ILE A 49 -3.16 -10.83 -5.23
CA ILE A 49 -1.77 -10.77 -4.77
C ILE A 49 -0.81 -11.06 -5.92
N ASP A 50 0.21 -10.21 -6.07
CA ASP A 50 1.19 -10.37 -7.12
C ASP A 50 2.34 -11.28 -6.67
N THR A 51 2.43 -12.46 -7.28
CA THR A 51 3.47 -13.41 -6.93
C THR A 51 4.85 -12.92 -7.36
N SER A 52 4.87 -11.75 -8.01
CA SER A 52 6.12 -11.17 -8.47
C SER A 52 6.73 -10.27 -7.40
N ASP A 53 5.88 -9.53 -6.69
CA ASP A 53 6.32 -8.63 -5.64
C ASP A 53 5.49 -8.81 -4.38
N ASN A 54 4.77 -9.92 -4.29
CA ASN A 54 3.94 -10.21 -3.14
C ASN A 54 3.29 -8.93 -2.60
N THR A 55 2.97 -8.02 -3.51
CA THR A 55 2.35 -6.76 -3.12
C THR A 55 0.95 -6.62 -3.70
N VAL A 56 0.19 -5.66 -3.20
CA VAL A 56 -1.17 -5.43 -3.67
C VAL A 56 -1.32 -4.02 -4.22
N THR A 57 -2.24 -3.86 -5.18
CA THR A 57 -2.48 -2.56 -5.80
C THR A 57 -3.52 -1.77 -5.01
N VAL A 58 -3.27 -0.47 -4.84
CA VAL A 58 -4.18 0.39 -4.10
C VAL A 58 -5.14 1.11 -5.05
N CYS A 59 -6.35 1.38 -4.57
CA CYS A 59 -7.36 2.05 -5.37
C CYS A 59 -7.33 3.56 -5.14
N MET A 60 -6.76 4.29 -6.07
CA MET A 60 -6.67 5.74 -5.96
C MET A 60 -7.99 6.34 -5.52
N ASP A 61 -9.05 6.08 -6.30
CA ASP A 61 -10.37 6.60 -5.99
C ASP A 61 -10.72 6.34 -4.53
N TYR A 62 -10.76 5.07 -4.15
CA TYR A 62 -11.08 4.68 -2.78
C TYR A 62 -10.38 5.59 -1.77
N ILE A 63 -9.08 5.76 -1.96
CA ILE A 63 -8.29 6.62 -1.07
C ILE A 63 -8.91 8.01 -0.95
N LYS A 64 -9.44 8.51 -2.07
CA LYS A 64 -10.06 9.82 -2.08
C LYS A 64 -11.35 9.83 -1.29
N GLY A 65 -11.97 8.66 -1.15
CA GLY A 65 -13.22 8.54 -0.41
C GLY A 65 -14.37 8.10 -1.28
N ARG A 66 -14.23 8.27 -2.59
CA ARG A 66 -15.27 7.89 -3.54
C ARG A 66 -14.71 7.02 -4.64
N CYS A 67 -14.96 5.72 -4.57
CA CYS A 67 -14.48 4.77 -5.56
C CYS A 67 -15.55 4.49 -6.61
N MET A 68 -15.40 5.07 -7.79
CA MET A 68 -16.36 4.86 -8.87
C MET A 68 -15.77 3.99 -9.97
N ARG A 69 -14.44 3.88 -9.97
CA ARG A 69 -13.75 3.06 -10.97
C ARG A 69 -14.56 1.81 -11.31
N GLU A 70 -15.30 1.87 -12.42
CA GLU A 70 -16.12 0.76 -12.86
C GLU A 70 -15.43 -0.57 -12.56
N LYS A 71 -16.21 -1.58 -12.20
CA LYS A 71 -15.68 -2.90 -11.89
C LYS A 71 -14.31 -2.79 -11.23
N CYS A 72 -14.19 -1.87 -10.28
CA CYS A 72 -12.93 -1.66 -9.57
C CYS A 72 -12.37 -2.99 -9.08
N LYS A 73 -11.24 -3.39 -9.65
CA LYS A 73 -10.60 -4.64 -9.26
C LYS A 73 -9.32 -4.38 -8.45
N TYR A 74 -9.35 -3.31 -7.66
CA TYR A 74 -8.21 -2.95 -6.83
C TYR A 74 -8.46 -3.29 -5.37
N PHE A 75 -7.38 -3.42 -4.60
CA PHE A 75 -7.48 -3.75 -3.19
C PHE A 75 -7.88 -2.53 -2.38
N HIS A 76 -8.77 -2.72 -1.40
CA HIS A 76 -9.24 -1.63 -0.56
C HIS A 76 -8.73 -1.81 0.87
N PRO A 77 -7.68 -1.05 1.23
CA PRO A 77 -7.08 -1.10 2.57
C PRO A 77 -8.00 -0.51 3.64
N PRO A 78 -7.66 -0.75 4.91
CA PRO A 78 -8.43 -0.26 6.05
C PRO A 78 -8.32 1.26 6.20
N ALA A 79 -8.99 1.79 7.21
CA ALA A 79 -8.97 3.23 7.48
C ALA A 79 -7.57 3.68 7.89
N HIS A 80 -7.12 3.19 9.04
CA HIS A 80 -5.79 3.56 9.55
C HIS A 80 -4.78 3.66 8.40
N LEU A 81 -4.85 2.72 7.47
CA LEU A 81 -3.94 2.70 6.33
C LEU A 81 -4.35 3.76 5.31
N GLN A 82 -5.58 3.68 4.84
CA GLN A 82 -6.09 4.64 3.85
C GLN A 82 -5.50 6.01 4.08
N ALA A 83 -5.32 6.39 5.34
CA ALA A 83 -4.76 7.68 5.69
C ALA A 83 -3.29 7.76 5.33
N LYS A 84 -2.52 6.76 5.76
CA LYS A 84 -1.09 6.71 5.48
C LYS A 84 -0.80 7.20 4.07
N ILE A 85 -1.73 6.94 3.14
CA ILE A 85 -1.57 7.36 1.77
C ILE A 85 -2.05 8.79 1.56
N LYS A 86 -3.22 9.09 2.10
CA LYS A 86 -3.80 10.42 1.99
C LYS A 86 -2.77 11.50 2.34
N ALA A 87 -1.94 11.21 3.34
CA ALA A 87 -0.92 12.15 3.77
C ALA A 87 0.04 12.48 2.62
N ALA A 88 0.73 11.46 2.13
CA ALA A 88 1.67 11.64 1.03
C ALA A 88 1.13 12.62 -0.01
N GLN A 89 -0.07 12.34 -0.51
CA GLN A 89 -0.70 13.19 -1.51
C GLN A 89 -0.45 14.66 -1.19
N HIS A 90 -0.92 15.10 -0.04
CA HIS A 90 -0.76 16.49 0.39
C HIS A 90 0.55 16.68 1.13
N GLN A 91 1.33 17.67 0.70
CA GLN A 91 2.61 17.95 1.33
C GLN A 91 3.46 16.69 1.44
N ALA A 92 3.62 16.00 0.32
CA ALA A 92 4.40 14.76 0.29
C ALA A 92 5.72 14.93 1.06
N ASN A 93 5.87 14.17 2.14
CA ASN A 93 7.08 14.24 2.95
C ASN A 93 8.11 13.21 2.48
N GLN A 94 7.68 11.96 2.37
CA GLN A 94 8.55 10.89 1.93
C GLN A 94 8.76 10.92 0.41
N ALA A 95 9.85 11.55 -0.02
CA ALA A 95 10.15 11.65 -1.44
C ALA A 95 11.66 11.71 -1.67
N ALA A 96 12.16 10.80 -2.49
CA ALA A 96 13.58 10.74 -2.80
C ALA A 96 13.84 11.10 -4.26
N VAL A 97 15.10 11.34 -4.60
CA VAL A 97 15.49 11.69 -5.95
C VAL A 97 15.55 10.45 -6.84
N ALA A 98 14.44 10.16 -7.51
CA ALA A 98 14.36 9.00 -8.39
C ALA A 98 13.76 9.38 -9.75
N GLY A 1 5.95 34.11 -13.21
CA GLY A 1 7.08 33.78 -12.36
C GLY A 1 6.84 32.51 -11.56
N SER A 2 7.63 31.49 -11.83
CA SER A 2 7.50 30.21 -11.12
C SER A 2 8.85 29.51 -11.02
N SER A 3 9.19 29.05 -9.82
CA SER A 3 10.46 28.37 -9.59
C SER A 3 10.22 26.95 -9.06
N GLY A 4 11.24 26.11 -9.17
CA GLY A 4 11.12 24.74 -8.70
C GLY A 4 12.47 24.11 -8.40
N SER A 5 12.47 23.14 -7.49
CA SER A 5 13.69 22.46 -7.11
C SER A 5 13.75 21.05 -7.69
N SER A 6 13.35 20.92 -8.94
CA SER A 6 13.33 19.62 -9.61
C SER A 6 14.63 19.40 -10.38
N GLY A 7 15.44 18.46 -9.93
CA GLY A 7 16.69 18.16 -10.59
C GLY A 7 16.51 17.71 -12.02
N SER A 8 16.52 18.66 -12.94
CA SER A 8 16.35 18.35 -14.36
C SER A 8 17.05 17.04 -14.72
N THR A 9 18.30 16.93 -14.32
CA THR A 9 19.09 15.73 -14.60
C THR A 9 18.88 14.67 -13.52
N ALA A 10 18.56 15.12 -12.32
CA ALA A 10 18.34 14.21 -11.20
C ALA A 10 16.87 13.82 -11.09
N THR A 11 16.31 13.32 -12.20
CA THR A 11 14.91 12.92 -12.23
C THR A 11 14.79 11.41 -12.43
N GLN A 12 14.73 10.68 -11.32
CA GLN A 12 14.61 9.22 -11.36
C GLN A 12 13.31 8.76 -10.71
N LYS A 13 12.40 8.26 -11.52
CA LYS A 13 11.11 7.78 -11.01
C LYS A 13 11.29 6.48 -10.23
N LEU A 14 11.74 6.59 -8.99
CA LEU A 14 11.94 5.42 -8.14
C LEU A 14 11.17 5.56 -6.83
N LEU A 15 9.87 5.29 -6.89
CA LEU A 15 9.02 5.39 -5.71
C LEU A 15 7.63 4.84 -6.00
N ARG A 16 6.96 4.33 -4.96
CA ARG A 16 5.63 3.77 -5.10
C ARG A 16 4.80 4.01 -3.84
N THR A 17 3.60 4.54 -4.02
CA THR A 17 2.71 4.82 -2.89
C THR A 17 1.39 4.08 -3.03
N ASP A 18 1.08 3.67 -4.26
CA ASP A 18 -0.16 2.94 -4.53
C ASP A 18 0.05 1.45 -4.36
N LYS A 19 0.88 1.07 -3.40
CA LYS A 19 1.17 -0.34 -3.13
C LYS A 19 1.21 -0.61 -1.64
N LEU A 20 1.15 -1.89 -1.27
CA LEU A 20 1.18 -2.28 0.13
C LEU A 20 1.92 -3.60 0.31
N GLU A 21 2.89 -3.61 1.23
CA GLU A 21 3.68 -4.81 1.48
C GLU A 21 2.83 -5.86 2.21
N VAL A 22 2.62 -6.99 1.55
CA VAL A 22 1.84 -8.08 2.15
C VAL A 22 2.61 -8.79 3.24
N CYS A 23 1.97 -8.99 4.39
CA CYS A 23 2.60 -9.65 5.52
C CYS A 23 2.90 -11.11 5.18
N ARG A 24 4.16 -11.52 5.41
CA ARG A 24 4.58 -12.88 5.13
C ARG A 24 4.01 -13.85 6.16
N GLU A 25 3.82 -13.36 7.38
CA GLU A 25 3.29 -14.19 8.47
C GLU A 25 1.82 -14.52 8.21
N PHE A 26 0.99 -13.48 8.15
CA PHE A 26 -0.44 -13.66 7.92
C PHE A 26 -0.69 -14.81 6.95
N GLN A 27 -0.10 -14.71 5.76
CA GLN A 27 -0.26 -15.74 4.75
C GLN A 27 -0.30 -17.13 5.37
N ARG A 28 0.72 -17.44 6.16
CA ARG A 28 0.81 -18.73 6.83
C ARG A 28 -0.03 -18.75 8.10
N GLY A 29 -0.38 -17.57 8.59
CA GLY A 29 -1.18 -17.46 9.79
C GLY A 29 -0.34 -17.44 11.06
N ASN A 30 0.65 -16.55 11.08
CA ASN A 30 1.54 -16.43 12.23
C ASN A 30 1.49 -15.02 12.81
N CYS A 31 1.12 -14.06 11.98
CA CYS A 31 1.03 -12.67 12.41
C CYS A 31 0.12 -12.53 13.63
N ALA A 32 0.47 -11.61 14.52
CA ALA A 32 -0.31 -11.38 15.74
C ALA A 32 -0.89 -9.98 15.75
N ARG A 33 -0.25 -9.06 15.02
CA ARG A 33 -0.72 -7.68 14.96
C ARG A 33 -1.98 -7.56 14.10
N GLY A 34 -2.24 -8.59 13.29
CA GLY A 34 -3.41 -8.58 12.44
C GLY A 34 -3.46 -7.36 11.53
N GLU A 35 -4.49 -7.29 10.71
CA GLU A 35 -4.66 -6.17 9.78
C GLU A 35 -5.21 -4.95 10.50
N THR A 36 -5.18 -4.98 11.83
CA THR A 36 -5.68 -3.88 12.64
C THR A 36 -4.56 -3.22 13.42
N ASP A 37 -3.50 -3.98 13.70
CA ASP A 37 -2.36 -3.47 14.44
C ASP A 37 -1.07 -3.65 13.65
N CYS A 38 -1.18 -4.32 12.51
CA CYS A 38 -0.01 -4.57 11.67
C CYS A 38 0.11 -3.50 10.59
N ARG A 39 1.34 -3.16 10.24
CA ARG A 39 1.60 -2.15 9.22
C ARG A 39 1.60 -2.78 7.83
N PHE A 40 1.06 -3.99 7.72
CA PHE A 40 1.01 -4.69 6.45
C PHE A 40 -0.44 -4.93 6.02
N ALA A 41 -0.69 -4.83 4.73
CA ALA A 41 -2.03 -5.05 4.19
C ALA A 41 -2.32 -6.53 3.97
N HIS A 42 -2.90 -7.18 4.98
CA HIS A 42 -3.22 -8.59 4.89
C HIS A 42 -4.31 -8.84 3.86
N PRO A 43 -3.95 -9.51 2.76
CA PRO A 43 -4.88 -9.82 1.68
C PRO A 43 -5.92 -10.88 2.09
N ALA A 44 -6.93 -11.06 1.26
CA ALA A 44 -7.98 -12.04 1.53
C ALA A 44 -7.62 -13.40 0.95
N ASP A 45 -6.38 -13.55 0.52
CA ASP A 45 -5.91 -14.81 -0.07
C ASP A 45 -6.73 -15.17 -1.29
N SER A 46 -7.02 -14.18 -2.12
CA SER A 46 -7.81 -14.39 -3.34
C SER A 46 -6.99 -14.05 -4.58
N THR A 47 -6.03 -14.92 -4.91
CA THR A 47 -5.19 -14.72 -6.07
C THR A 47 -5.06 -13.24 -6.40
N MET A 48 -4.67 -12.44 -5.41
CA MET A 48 -4.51 -11.00 -5.61
C MET A 48 -3.20 -10.51 -4.99
N ILE A 49 -2.15 -11.31 -5.16
CA ILE A 49 -0.84 -10.95 -4.62
C ILE A 49 0.24 -11.12 -5.68
N ASP A 50 1.12 -10.12 -5.78
CA ASP A 50 2.21 -10.16 -6.76
C ASP A 50 3.35 -11.05 -6.25
N THR A 51 3.52 -12.19 -6.90
CA THR A 51 4.58 -13.13 -6.52
C THR A 51 5.96 -12.57 -6.87
N SER A 52 5.98 -11.38 -7.44
CA SER A 52 7.23 -10.73 -7.83
C SER A 52 7.79 -9.93 -6.67
N ASP A 53 6.98 -9.01 -6.14
CA ASP A 53 7.40 -8.17 -5.03
C ASP A 53 6.50 -8.39 -3.81
N ASN A 54 5.79 -9.50 -3.81
CA ASN A 54 4.89 -9.83 -2.72
C ASN A 54 4.17 -8.58 -2.20
N THR A 55 3.71 -7.75 -3.14
CA THR A 55 3.01 -6.52 -2.78
C THR A 55 1.70 -6.40 -3.55
N VAL A 56 0.71 -5.74 -2.94
CA VAL A 56 -0.59 -5.54 -3.57
C VAL A 56 -0.80 -4.08 -3.96
N THR A 57 -1.62 -3.87 -4.98
CA THR A 57 -1.91 -2.52 -5.45
C THR A 57 -2.87 -1.81 -4.51
N VAL A 58 -2.85 -0.47 -4.54
CA VAL A 58 -3.73 0.33 -3.70
C VAL A 58 -4.72 1.14 -4.54
N CYS A 59 -5.99 1.04 -4.19
CA CYS A 59 -7.04 1.76 -4.92
C CYS A 59 -6.93 3.26 -4.66
N MET A 60 -6.74 4.03 -5.73
CA MET A 60 -6.63 5.47 -5.62
C MET A 60 -7.98 6.10 -5.27
N ASP A 61 -9.01 5.72 -6.02
CA ASP A 61 -10.36 6.25 -5.79
C ASP A 61 -10.74 6.12 -4.31
N TYR A 62 -10.75 4.89 -3.81
CA TYR A 62 -11.11 4.63 -2.42
C TYR A 62 -10.43 5.63 -1.50
N ILE A 63 -9.12 5.78 -1.65
CA ILE A 63 -8.35 6.70 -0.83
C ILE A 63 -9.04 8.06 -0.73
N LYS A 64 -9.52 8.55 -1.87
CA LYS A 64 -10.22 9.84 -1.91
C LYS A 64 -11.48 9.82 -1.05
N GLY A 65 -12.05 8.62 -0.88
CA GLY A 65 -13.25 8.49 -0.08
C GLY A 65 -14.43 8.01 -0.90
N ARG A 66 -14.31 8.07 -2.22
CA ARG A 66 -15.37 7.63 -3.11
C ARG A 66 -14.84 6.68 -4.18
N CYS A 67 -15.06 5.38 -3.97
CA CYS A 67 -14.60 4.38 -4.92
C CYS A 67 -15.79 3.67 -5.58
N MET A 68 -15.93 3.89 -6.88
CA MET A 68 -17.02 3.29 -7.64
C MET A 68 -16.52 2.68 -8.94
N ARG A 69 -15.21 2.41 -8.99
CA ARG A 69 -14.60 1.83 -10.18
C ARG A 69 -15.21 0.48 -10.50
N GLU A 70 -15.80 0.36 -11.69
CA GLU A 70 -16.43 -0.88 -12.11
C GLU A 70 -15.58 -2.08 -11.71
N LYS A 71 -16.11 -2.90 -10.80
CA LYS A 71 -15.39 -4.08 -10.32
C LYS A 71 -14.03 -3.70 -9.75
N CYS A 72 -14.02 -2.74 -8.83
CA CYS A 72 -12.79 -2.29 -8.20
C CYS A 72 -11.79 -3.44 -8.06
N LYS A 73 -10.76 -3.42 -8.89
CA LYS A 73 -9.73 -4.47 -8.86
C LYS A 73 -8.55 -4.04 -8.01
N TYR A 74 -8.83 -3.25 -6.97
CA TYR A 74 -7.79 -2.78 -6.07
C TYR A 74 -8.15 -3.06 -4.62
N PHE A 75 -7.14 -3.37 -3.81
CA PHE A 75 -7.35 -3.65 -2.40
C PHE A 75 -7.74 -2.40 -1.63
N HIS A 76 -8.42 -2.58 -0.50
CA HIS A 76 -8.85 -1.45 0.32
C HIS A 76 -8.29 -1.57 1.73
N PRO A 77 -7.27 -0.76 2.03
CA PRO A 77 -6.61 -0.75 3.34
C PRO A 77 -7.51 -0.17 4.43
N PRO A 78 -7.08 -0.32 5.69
CA PRO A 78 -7.84 0.17 6.85
C PRO A 78 -7.83 1.70 6.93
N ALA A 79 -8.48 2.23 7.96
CA ALA A 79 -8.55 3.68 8.15
C ALA A 79 -7.17 4.25 8.47
N HIS A 80 -6.53 3.71 9.50
CA HIS A 80 -5.20 4.17 9.89
C HIS A 80 -4.27 4.25 8.69
N LEU A 81 -4.32 3.23 7.84
CA LEU A 81 -3.48 3.18 6.65
C LEU A 81 -3.98 4.16 5.58
N GLN A 82 -5.26 4.05 5.25
CA GLN A 82 -5.86 4.92 4.25
C GLN A 82 -5.27 6.33 4.33
N ALA A 83 -4.95 6.75 5.54
CA ALA A 83 -4.38 8.08 5.75
C ALA A 83 -2.95 8.15 5.23
N LYS A 84 -2.10 7.25 5.73
CA LYS A 84 -0.70 7.21 5.31
C LYS A 84 -0.56 7.58 3.84
N ILE A 85 -1.49 7.10 3.02
CA ILE A 85 -1.46 7.37 1.59
C ILE A 85 -1.99 8.78 1.30
N LYS A 86 -3.15 9.10 1.85
CA LYS A 86 -3.75 10.41 1.65
C LYS A 86 -2.72 11.52 1.76
N ALA A 87 -1.90 11.45 2.82
CA ALA A 87 -0.87 12.45 3.04
C ALA A 87 -0.23 12.87 1.73
N ALA A 88 0.18 11.90 0.92
CA ALA A 88 0.81 12.17 -0.36
C ALA A 88 -0.10 13.02 -1.25
N GLN A 89 -1.33 12.55 -1.45
CA GLN A 89 -2.29 13.28 -2.27
C GLN A 89 -2.34 14.75 -1.89
N HIS A 90 -2.50 15.02 -0.60
CA HIS A 90 -2.56 16.39 -0.10
C HIS A 90 -1.26 17.12 -0.37
N GLN A 91 -1.36 18.44 -0.59
CA GLN A 91 -0.18 19.25 -0.86
C GLN A 91 0.48 19.71 0.44
N ALA A 92 0.55 18.81 1.40
CA ALA A 92 1.17 19.11 2.69
C ALA A 92 2.42 18.27 2.93
N ASN A 93 3.27 18.72 3.84
CA ASN A 93 4.50 18.01 4.16
C ASN A 93 4.41 17.37 5.54
N GLN A 94 3.83 16.18 5.62
CA GLN A 94 3.70 15.47 6.89
C GLN A 94 4.63 14.27 6.94
N ALA A 95 4.53 13.40 5.94
CA ALA A 95 5.36 12.21 5.86
C ALA A 95 6.16 12.16 4.57
N ALA A 96 7.33 12.80 4.56
CA ALA A 96 8.18 12.83 3.39
C ALA A 96 9.28 11.79 3.48
N VAL A 97 9.68 11.45 4.70
CA VAL A 97 10.72 10.47 4.93
C VAL A 97 10.46 9.18 4.14
N ALA A 98 9.20 9.00 3.74
CA ALA A 98 8.81 7.82 2.99
C ALA A 98 8.84 8.10 1.48
N GLY A 1 28.03 31.67 -4.90
CA GLY A 1 28.25 30.93 -3.67
C GLY A 1 29.26 29.82 -3.83
N SER A 2 29.36 28.96 -2.83
CA SER A 2 30.31 27.85 -2.85
C SER A 2 29.58 26.51 -2.69
N SER A 3 29.56 25.72 -3.76
CA SER A 3 28.90 24.43 -3.73
C SER A 3 29.51 23.49 -4.77
N GLY A 4 29.10 22.22 -4.72
CA GLY A 4 29.62 21.24 -5.67
C GLY A 4 28.54 20.29 -6.16
N SER A 5 28.92 19.40 -7.06
CA SER A 5 27.98 18.43 -7.62
C SER A 5 28.72 17.32 -8.36
N SER A 6 28.76 16.13 -7.76
CA SER A 6 29.43 15.00 -8.36
C SER A 6 28.80 13.69 -7.91
N GLY A 7 28.31 12.91 -8.88
CA GLY A 7 27.68 11.64 -8.56
C GLY A 7 26.70 11.19 -9.63
N SER A 8 25.42 11.48 -9.41
CA SER A 8 24.38 11.10 -10.36
C SER A 8 23.48 12.29 -10.69
N THR A 9 22.71 12.16 -11.75
CA THR A 9 21.81 13.22 -12.18
C THR A 9 20.36 12.89 -11.81
N ALA A 10 19.95 11.67 -12.12
CA ALA A 10 18.59 11.22 -11.82
C ALA A 10 18.52 9.70 -11.77
N THR A 11 18.15 9.16 -10.60
CA THR A 11 18.04 7.72 -10.44
C THR A 11 16.59 7.30 -10.24
N GLN A 12 16.34 6.00 -10.27
CA GLN A 12 15.00 5.47 -10.11
C GLN A 12 14.40 5.90 -8.77
N LYS A 13 13.38 6.75 -8.83
CA LYS A 13 12.72 7.24 -7.63
C LYS A 13 11.34 6.62 -7.47
N LEU A 14 10.82 6.66 -6.25
CA LEU A 14 9.50 6.11 -5.96
C LEU A 14 8.49 7.21 -5.67
N LEU A 15 7.52 7.37 -6.57
CA LEU A 15 6.48 8.39 -6.41
C LEU A 15 5.14 7.76 -6.08
N ARG A 16 4.58 7.05 -7.04
CA ARG A 16 3.29 6.39 -6.87
C ARG A 16 3.30 5.49 -5.62
N THR A 17 2.42 5.79 -4.68
CA THR A 17 2.33 5.02 -3.45
C THR A 17 1.04 4.21 -3.39
N ASP A 18 0.61 3.71 -4.56
CA ASP A 18 -0.60 2.91 -4.65
C ASP A 18 -0.27 1.42 -4.61
N LYS A 19 0.67 1.05 -3.75
CA LYS A 19 1.07 -0.35 -3.62
C LYS A 19 1.36 -0.69 -2.15
N LEU A 20 0.64 -1.68 -1.63
CA LEU A 20 0.82 -2.10 -0.24
C LEU A 20 1.60 -3.42 -0.17
N GLU A 21 2.52 -3.50 0.78
CA GLU A 21 3.34 -4.70 0.95
C GLU A 21 2.59 -5.74 1.78
N VAL A 22 2.31 -6.88 1.17
CA VAL A 22 1.60 -7.96 1.84
C VAL A 22 2.48 -8.60 2.91
N CYS A 23 1.93 -8.78 4.11
CA CYS A 23 2.66 -9.38 5.21
C CYS A 23 3.04 -10.83 4.88
N ARG A 24 4.18 -11.26 5.41
CA ARG A 24 4.66 -12.62 5.19
C ARG A 24 4.17 -13.56 6.27
N GLU A 25 4.09 -13.05 7.50
CA GLU A 25 3.64 -13.85 8.64
C GLU A 25 2.16 -14.22 8.48
N PHE A 26 1.32 -13.20 8.35
CA PHE A 26 -0.11 -13.41 8.21
C PHE A 26 -0.40 -14.59 7.28
N GLN A 27 0.33 -14.66 6.18
CA GLN A 27 0.16 -15.74 5.22
C GLN A 27 0.04 -17.08 5.92
N ARG A 28 0.98 -17.37 6.81
CA ARG A 28 0.98 -18.62 7.55
C ARG A 28 0.16 -18.50 8.83
N GLY A 29 -0.07 -17.26 9.26
CA GLY A 29 -0.84 -17.03 10.48
C GLY A 29 0.05 -16.87 11.70
N ASN A 30 1.00 -15.93 11.62
CA ASN A 30 1.91 -15.69 12.73
C ASN A 30 1.85 -14.23 13.17
N CYS A 31 1.61 -13.34 12.22
CA CYS A 31 1.52 -11.91 12.49
C CYS A 31 0.54 -11.64 13.63
N ALA A 32 1.07 -11.39 14.83
CA ALA A 32 0.23 -11.11 15.98
C ALA A 32 -0.15 -9.64 16.05
N ARG A 33 -0.05 -8.96 14.91
CA ARG A 33 -0.39 -7.54 14.83
C ARG A 33 -1.63 -7.31 13.99
N GLY A 34 -1.90 -8.26 13.09
CA GLY A 34 -3.06 -8.15 12.22
C GLY A 34 -3.04 -6.88 11.40
N GLU A 35 -3.92 -6.81 10.40
CA GLU A 35 -4.01 -5.65 9.53
C GLU A 35 -4.43 -4.41 10.31
N THR A 36 -4.76 -4.60 11.58
CA THR A 36 -5.17 -3.50 12.45
C THR A 36 -3.97 -2.83 13.09
N ASP A 37 -3.09 -3.63 13.66
CA ASP A 37 -1.89 -3.11 14.32
C ASP A 37 -0.66 -3.29 13.43
N CYS A 38 -0.88 -3.79 12.22
CA CYS A 38 0.21 -4.02 11.28
C CYS A 38 0.13 -3.04 10.11
N ARG A 39 1.29 -2.53 9.70
CA ARG A 39 1.35 -1.58 8.59
C ARG A 39 1.17 -2.30 7.25
N PHE A 40 1.50 -3.57 7.23
CA PHE A 40 1.38 -4.38 6.01
C PHE A 40 -0.04 -4.91 5.86
N ALA A 41 -0.58 -4.84 4.65
CA ALA A 41 -1.92 -5.32 4.37
C ALA A 41 -1.98 -6.85 4.42
N HIS A 42 -3.06 -7.37 4.99
CA HIS A 42 -3.24 -8.82 5.10
C HIS A 42 -4.32 -9.30 4.14
N PRO A 43 -3.89 -9.87 3.00
CA PRO A 43 -4.80 -10.40 1.99
C PRO A 43 -5.53 -11.65 2.45
N ALA A 44 -6.64 -11.46 3.16
CA ALA A 44 -7.43 -12.58 3.66
C ALA A 44 -8.73 -12.72 2.89
N ASP A 45 -9.38 -11.59 2.61
CA ASP A 45 -10.64 -11.58 1.88
C ASP A 45 -10.58 -12.54 0.69
N SER A 46 -9.51 -12.43 -0.10
CA SER A 46 -9.34 -13.29 -1.27
C SER A 46 -7.86 -13.49 -1.58
N THR A 47 -7.58 -14.35 -2.56
CA THR A 47 -6.21 -14.62 -2.95
C THR A 47 -5.64 -13.52 -3.83
N MET A 48 -5.85 -12.27 -3.41
CA MET A 48 -5.36 -11.11 -4.14
C MET A 48 -3.92 -10.79 -3.76
N ILE A 49 -2.98 -11.54 -4.34
CA ILE A 49 -1.56 -11.33 -4.06
C ILE A 49 -0.74 -11.39 -5.34
N ASP A 50 0.25 -10.51 -5.43
CA ASP A 50 1.12 -10.46 -6.60
C ASP A 50 2.30 -11.41 -6.44
N THR A 51 2.31 -12.48 -7.24
CA THR A 51 3.38 -13.46 -7.19
C THR A 51 4.69 -12.89 -7.73
N SER A 52 4.64 -11.62 -8.14
CA SER A 52 5.83 -10.97 -8.68
C SER A 52 6.58 -10.20 -7.59
N ASP A 53 5.85 -9.38 -6.85
CA ASP A 53 6.43 -8.60 -5.77
C ASP A 53 5.66 -8.80 -4.47
N ASN A 54 4.99 -9.94 -4.36
CA ASN A 54 4.21 -10.26 -3.16
C ASN A 54 3.54 -9.01 -2.61
N THR A 55 3.13 -8.11 -3.49
CA THR A 55 2.46 -6.88 -3.09
C THR A 55 1.07 -6.77 -3.69
N VAL A 56 0.33 -5.75 -3.28
CA VAL A 56 -1.03 -5.54 -3.78
C VAL A 56 -1.23 -4.09 -4.21
N THR A 57 -2.09 -3.89 -5.21
CA THR A 57 -2.37 -2.55 -5.70
C THR A 57 -3.34 -1.82 -4.79
N VAL A 58 -3.32 -0.49 -4.85
CA VAL A 58 -4.20 0.33 -4.03
C VAL A 58 -5.15 1.16 -4.89
N CYS A 59 -6.40 1.23 -4.47
CA CYS A 59 -7.41 2.00 -5.20
C CYS A 59 -7.31 3.49 -4.89
N MET A 60 -6.65 4.22 -5.77
CA MET A 60 -6.48 5.66 -5.58
C MET A 60 -7.82 6.34 -5.27
N ASP A 61 -8.80 6.12 -6.14
CA ASP A 61 -10.13 6.70 -5.96
C ASP A 61 -10.64 6.44 -4.54
N TYR A 62 -10.79 5.16 -4.20
CA TYR A 62 -11.29 4.77 -2.88
C TYR A 62 -10.69 5.68 -1.80
N ILE A 63 -9.38 5.86 -1.84
CA ILE A 63 -8.70 6.70 -0.87
C ILE A 63 -9.31 8.09 -0.82
N LYS A 64 -9.68 8.61 -1.99
CA LYS A 64 -10.28 9.94 -2.08
C LYS A 64 -11.62 9.98 -1.34
N GLY A 65 -12.27 8.83 -1.24
CA GLY A 65 -13.55 8.76 -0.56
C GLY A 65 -14.64 8.22 -1.46
N ARG A 66 -14.43 8.30 -2.77
CA ARG A 66 -15.41 7.83 -3.74
C ARG A 66 -14.77 6.86 -4.74
N CYS A 67 -15.09 5.58 -4.60
CA CYS A 67 -14.55 4.56 -5.48
C CYS A 67 -15.62 4.03 -6.42
N MET A 68 -15.66 4.58 -7.64
CA MET A 68 -16.64 4.16 -8.64
C MET A 68 -15.95 3.76 -9.93
N ARG A 69 -14.71 3.29 -9.83
CA ARG A 69 -13.94 2.87 -11.00
C ARG A 69 -14.67 1.77 -11.76
N GLU A 70 -14.76 1.92 -13.08
CA GLU A 70 -15.44 0.95 -13.92
C GLU A 70 -14.87 -0.45 -13.68
N LYS A 71 -15.49 -1.17 -12.76
CA LYS A 71 -15.07 -2.53 -12.43
C LYS A 71 -13.79 -2.51 -11.60
N CYS A 72 -13.80 -1.70 -10.54
CA CYS A 72 -12.64 -1.60 -9.66
C CYS A 72 -12.03 -2.96 -9.38
N LYS A 73 -10.71 -3.07 -9.55
CA LYS A 73 -10.02 -4.33 -9.31
C LYS A 73 -8.76 -4.09 -8.48
N TYR A 74 -8.88 -3.27 -7.44
CA TYR A 74 -7.76 -2.97 -6.57
C TYR A 74 -8.11 -3.25 -5.11
N PHE A 75 -7.08 -3.45 -4.29
CA PHE A 75 -7.28 -3.73 -2.87
C PHE A 75 -7.65 -2.46 -2.11
N HIS A 76 -8.53 -2.62 -1.12
CA HIS A 76 -8.98 -1.48 -0.31
C HIS A 76 -8.46 -1.60 1.11
N PRO A 77 -7.49 -0.74 1.46
CA PRO A 77 -6.90 -0.72 2.81
C PRO A 77 -7.87 -0.22 3.87
N PRO A 78 -7.54 -0.47 5.14
CA PRO A 78 -8.37 -0.06 6.27
C PRO A 78 -8.36 1.45 6.47
N ALA A 79 -9.08 1.92 7.49
CA ALA A 79 -9.15 3.34 7.79
C ALA A 79 -7.77 3.91 8.09
N HIS A 80 -7.17 3.44 9.19
CA HIS A 80 -5.85 3.91 9.58
C HIS A 80 -4.93 4.03 8.37
N LEU A 81 -4.76 2.93 7.66
CA LEU A 81 -3.90 2.91 6.47
C LEU A 81 -4.37 3.93 5.43
N GLN A 82 -5.63 3.79 5.02
CA GLN A 82 -6.20 4.69 4.03
C GLN A 82 -5.65 6.11 4.21
N ALA A 83 -5.50 6.53 5.46
CA ALA A 83 -4.98 7.86 5.75
C ALA A 83 -3.48 7.95 5.46
N LYS A 84 -2.73 6.99 5.98
CA LYS A 84 -1.28 6.95 5.78
C LYS A 84 -0.93 7.35 4.34
N ILE A 85 -1.71 6.84 3.39
CA ILE A 85 -1.49 7.14 1.99
C ILE A 85 -1.85 8.58 1.65
N LYS A 86 -3.04 8.99 2.08
CA LYS A 86 -3.51 10.35 1.84
C LYS A 86 -2.43 11.37 2.16
N ALA A 87 -1.79 11.20 3.31
CA ALA A 87 -0.72 12.10 3.72
C ALA A 87 0.18 12.47 2.54
N ALA A 88 0.72 11.46 1.88
CA ALA A 88 1.60 11.67 0.73
C ALA A 88 0.91 12.55 -0.32
N GLN A 89 -0.21 12.07 -0.84
CA GLN A 89 -0.96 12.80 -1.85
C GLN A 89 -1.14 14.27 -1.44
N HIS A 90 -1.49 14.48 -0.19
CA HIS A 90 -1.71 15.83 0.34
C HIS A 90 -0.37 16.52 0.61
N GLN A 91 -0.38 17.85 0.59
CA GLN A 91 0.83 18.62 0.83
C GLN A 91 0.97 18.96 2.31
N ALA A 92 1.69 18.13 3.04
CA ALA A 92 1.91 18.34 4.46
C ALA A 92 3.35 18.02 4.85
N ASN A 93 3.68 18.26 6.12
CA ASN A 93 5.02 18.00 6.62
C ASN A 93 5.54 16.65 6.13
N GLN A 94 6.42 16.68 5.15
CA GLN A 94 6.99 15.45 4.59
C GLN A 94 7.64 14.61 5.67
N ALA A 95 7.19 13.37 5.82
CA ALA A 95 7.74 12.46 6.82
C ALA A 95 9.26 12.53 6.84
N ALA A 96 9.86 12.11 7.95
CA ALA A 96 11.30 12.12 8.09
C ALA A 96 11.85 10.70 8.14
N VAL A 97 11.09 9.79 8.74
CA VAL A 97 11.51 8.40 8.86
C VAL A 97 10.82 7.53 7.81
N ALA A 98 11.58 6.66 7.17
CA ALA A 98 11.05 5.77 6.15
C ALA A 98 10.02 4.81 6.73
N GLY A 1 9.44 43.04 -1.59
CA GLY A 1 10.64 42.20 -1.53
C GLY A 1 10.80 41.34 -2.75
N SER A 2 11.88 40.56 -2.79
CA SER A 2 12.16 39.68 -3.92
C SER A 2 13.10 38.55 -3.51
N SER A 3 12.61 37.31 -3.61
CA SER A 3 13.39 36.14 -3.25
C SER A 3 12.86 34.89 -3.93
N GLY A 4 13.73 33.89 -4.09
CA GLY A 4 13.31 32.65 -4.73
C GLY A 4 14.38 31.59 -4.67
N SER A 5 14.08 30.41 -5.21
CA SER A 5 15.04 29.31 -5.22
C SER A 5 14.66 28.27 -6.27
N SER A 6 15.53 28.14 -7.29
CA SER A 6 15.29 27.20 -8.37
C SER A 6 16.61 26.75 -8.99
N GLY A 7 16.75 25.45 -9.20
CA GLY A 7 17.96 24.91 -9.79
C GLY A 7 17.70 23.71 -10.66
N SER A 8 18.67 22.82 -10.76
CA SER A 8 18.55 21.62 -11.57
C SER A 8 19.20 20.42 -10.89
N THR A 9 18.60 19.24 -11.05
CA THR A 9 19.12 18.03 -10.45
C THR A 9 19.08 16.86 -11.45
N ALA A 10 19.72 15.76 -11.08
CA ALA A 10 19.76 14.58 -11.93
C ALA A 10 19.23 13.35 -11.20
N THR A 11 18.01 12.95 -11.54
CA THR A 11 17.40 11.78 -10.92
C THR A 11 16.09 11.41 -11.62
N GLN A 12 15.95 10.13 -11.97
CA GLN A 12 14.77 9.65 -12.65
C GLN A 12 14.26 8.37 -12.00
N LYS A 13 14.27 8.32 -10.68
CA LYS A 13 13.81 7.15 -9.94
C LYS A 13 12.28 7.08 -9.91
N LEU A 14 11.74 5.92 -10.28
CA LEU A 14 10.30 5.72 -10.30
C LEU A 14 9.79 5.29 -8.93
N LEU A 15 8.51 5.56 -8.67
CA LEU A 15 7.90 5.19 -7.40
C LEU A 15 6.38 5.14 -7.52
N ARG A 16 5.77 4.12 -6.92
CA ARG A 16 4.32 3.96 -6.96
C ARG A 16 3.68 4.56 -5.71
N THR A 17 2.35 4.69 -5.74
CA THR A 17 1.62 5.25 -4.61
C THR A 17 0.49 4.31 -4.18
N ASP A 18 -0.17 3.69 -5.15
CA ASP A 18 -1.26 2.78 -4.87
C ASP A 18 -0.75 1.34 -4.70
N LYS A 19 0.23 1.18 -3.80
CA LYS A 19 0.80 -0.14 -3.54
C LYS A 19 1.06 -0.32 -2.04
N LEU A 20 0.78 -1.52 -1.55
CA LEU A 20 0.98 -1.83 -0.13
C LEU A 20 1.81 -3.09 0.03
N GLU A 21 2.63 -3.13 1.08
CA GLU A 21 3.48 -4.28 1.35
C GLU A 21 2.70 -5.39 2.06
N VAL A 22 2.44 -6.48 1.36
CA VAL A 22 1.71 -7.60 1.92
C VAL A 22 2.48 -8.24 3.09
N CYS A 23 1.81 -8.36 4.23
CA CYS A 23 2.42 -8.95 5.41
C CYS A 23 2.81 -10.41 5.16
N ARG A 24 4.11 -10.68 5.14
CA ARG A 24 4.60 -12.03 4.91
C ARG A 24 4.17 -12.96 6.03
N GLU A 25 3.91 -12.41 7.20
CA GLU A 25 3.48 -13.20 8.35
C GLU A 25 2.04 -13.66 8.18
N PHE A 26 1.12 -12.71 8.13
CA PHE A 26 -0.29 -13.02 7.97
C PHE A 26 -0.49 -14.21 7.04
N GLN A 27 0.23 -14.22 5.92
CA GLN A 27 0.14 -15.31 4.96
C GLN A 27 0.25 -16.67 5.65
N ARG A 28 1.36 -16.88 6.36
CA ARG A 28 1.58 -18.13 7.07
C ARG A 28 0.92 -18.10 8.45
N GLY A 29 0.00 -17.15 8.64
CA GLY A 29 -0.69 -17.03 9.91
C GLY A 29 0.27 -16.86 11.07
N ASN A 30 1.13 -15.85 10.99
CA ASN A 30 2.09 -15.57 12.05
C ASN A 30 1.89 -14.18 12.63
N CYS A 31 1.39 -13.27 11.80
CA CYS A 31 1.15 -11.89 12.22
C CYS A 31 0.27 -11.86 13.47
N ALA A 32 0.59 -10.96 14.39
CA ALA A 32 -0.17 -10.82 15.62
C ALA A 32 -0.92 -9.49 15.66
N ARG A 33 -0.46 -8.54 14.86
CA ARG A 33 -1.09 -7.22 14.80
C ARG A 33 -2.38 -7.27 13.98
N GLY A 34 -2.54 -8.33 13.19
CA GLY A 34 -3.73 -8.49 12.38
C GLY A 34 -3.97 -7.28 11.47
N GLU A 35 -5.04 -7.35 10.69
CA GLU A 35 -5.38 -6.26 9.78
C GLU A 35 -6.08 -5.13 10.51
N THR A 36 -5.98 -5.14 11.83
CA THR A 36 -6.62 -4.11 12.65
C THR A 36 -5.59 -3.30 13.42
N ASP A 37 -4.44 -3.92 13.69
CA ASP A 37 -3.37 -3.23 14.41
C ASP A 37 -2.09 -3.23 13.59
N CYS A 38 -2.10 -3.96 12.48
CA CYS A 38 -0.93 -4.04 11.61
C CYS A 38 -1.02 -3.00 10.49
N ARG A 39 0.14 -2.49 10.07
CA ARG A 39 0.19 -1.50 9.01
C ARG A 39 0.52 -2.14 7.66
N PHE A 40 0.26 -3.44 7.56
CA PHE A 40 0.51 -4.19 6.34
C PHE A 40 -0.78 -4.77 5.77
N ALA A 41 -0.95 -4.66 4.45
CA ALA A 41 -2.14 -5.16 3.79
C ALA A 41 -2.20 -6.69 3.87
N HIS A 42 -3.24 -7.20 4.52
CA HIS A 42 -3.42 -8.64 4.66
C HIS A 42 -4.40 -9.17 3.62
N PRO A 43 -3.87 -9.77 2.55
CA PRO A 43 -4.69 -10.34 1.47
C PRO A 43 -5.45 -11.58 1.92
N ALA A 44 -6.74 -11.41 2.22
CA ALA A 44 -7.58 -12.53 2.65
C ALA A 44 -7.72 -13.56 1.55
N ASP A 45 -7.89 -13.08 0.31
CA ASP A 45 -8.05 -13.97 -0.83
C ASP A 45 -6.70 -14.51 -1.28
N SER A 46 -5.64 -13.78 -1.00
CA SER A 46 -4.29 -14.18 -1.38
C SER A 46 -4.23 -14.52 -2.87
N THR A 47 -4.85 -13.68 -3.69
CA THR A 47 -4.86 -13.89 -5.13
C THR A 47 -4.33 -12.66 -5.87
N MET A 48 -4.73 -11.49 -5.41
CA MET A 48 -4.30 -10.24 -6.03
C MET A 48 -2.93 -9.82 -5.50
N ILE A 49 -2.02 -10.78 -5.42
CA ILE A 49 -0.67 -10.51 -4.94
C ILE A 49 0.33 -10.50 -6.08
N ASP A 50 1.25 -9.55 -6.05
CA ASP A 50 2.28 -9.44 -7.09
C ASP A 50 3.47 -10.34 -6.76
N THR A 51 3.71 -11.33 -7.62
CA THR A 51 4.82 -12.27 -7.44
C THR A 51 6.15 -11.59 -7.76
N SER A 52 6.10 -10.32 -8.11
CA SER A 52 7.31 -9.57 -8.44
C SER A 52 7.87 -8.87 -7.22
N ASP A 53 7.00 -8.22 -6.46
CA ASP A 53 7.41 -7.50 -5.26
C ASP A 53 6.47 -7.81 -4.10
N ASN A 54 5.80 -8.96 -4.17
CA ASN A 54 4.87 -9.38 -3.13
C ASN A 54 4.06 -8.18 -2.62
N THR A 55 3.74 -7.27 -3.52
CA THR A 55 2.97 -6.08 -3.15
C THR A 55 1.58 -6.12 -3.77
N VAL A 56 0.63 -5.45 -3.13
CA VAL A 56 -0.75 -5.40 -3.62
C VAL A 56 -1.14 -3.98 -4.03
N THR A 57 -1.92 -3.87 -5.09
CA THR A 57 -2.37 -2.57 -5.58
C THR A 57 -3.40 -1.95 -4.63
N VAL A 58 -3.51 -0.63 -4.67
CA VAL A 58 -4.46 0.08 -3.82
C VAL A 58 -5.45 0.89 -4.65
N CYS A 59 -6.72 0.82 -4.29
CA CYS A 59 -7.76 1.55 -4.99
C CYS A 59 -7.69 3.04 -4.70
N MET A 60 -7.16 3.81 -5.65
CA MET A 60 -7.03 5.25 -5.49
C MET A 60 -8.35 5.87 -5.04
N ASP A 61 -9.40 5.66 -5.83
CA ASP A 61 -10.72 6.19 -5.50
C ASP A 61 -11.07 5.90 -4.05
N TYR A 62 -11.16 4.62 -3.71
CA TYR A 62 -11.51 4.21 -2.35
C TYR A 62 -10.84 5.12 -1.33
N ILE A 63 -9.54 5.31 -1.47
CA ILE A 63 -8.79 6.17 -0.55
C ILE A 63 -9.51 7.50 -0.32
N LYS A 64 -10.00 8.09 -1.40
CA LYS A 64 -10.72 9.36 -1.30
C LYS A 64 -11.96 9.22 -0.44
N GLY A 65 -12.50 8.01 -0.37
CA GLY A 65 -13.69 7.77 0.43
C GLY A 65 -14.84 7.23 -0.39
N ARG A 66 -14.78 7.43 -1.70
CA ARG A 66 -15.83 6.98 -2.60
C ARG A 66 -15.24 6.17 -3.75
N CYS A 67 -15.44 4.85 -3.70
CA CYS A 67 -14.94 3.95 -4.74
C CYS A 67 -16.03 3.61 -5.74
N MET A 68 -15.81 3.98 -7.00
CA MET A 68 -16.78 3.71 -8.06
C MET A 68 -16.14 2.92 -9.18
N ARG A 69 -14.81 3.00 -9.28
CA ARG A 69 -14.08 2.27 -10.32
C ARG A 69 -14.77 0.95 -10.65
N GLU A 70 -15.52 0.96 -11.75
CA GLU A 70 -16.24 -0.24 -12.19
C GLU A 70 -15.41 -1.49 -11.92
N LYS A 71 -16.09 -2.59 -11.61
CA LYS A 71 -15.43 -3.86 -11.32
C LYS A 71 -14.10 -3.63 -10.61
N CYS A 72 -14.09 -2.69 -9.67
CA CYS A 72 -12.89 -2.37 -8.91
C CYS A 72 -12.24 -3.64 -8.36
N LYS A 73 -11.13 -4.06 -8.97
CA LYS A 73 -10.42 -5.26 -8.54
C LYS A 73 -9.18 -4.88 -7.74
N TYR A 74 -9.29 -3.84 -6.92
CA TYR A 74 -8.18 -3.39 -6.11
C TYR A 74 -8.43 -3.67 -4.63
N PHE A 75 -7.36 -3.70 -3.84
CA PHE A 75 -7.47 -3.97 -2.41
C PHE A 75 -7.84 -2.70 -1.65
N HIS A 76 -8.74 -2.85 -0.67
CA HIS A 76 -9.18 -1.72 0.13
C HIS A 76 -8.61 -1.78 1.54
N PRO A 77 -7.53 -1.03 1.78
CA PRO A 77 -6.86 -0.99 3.09
C PRO A 77 -7.70 -0.30 4.15
N PRO A 78 -7.31 -0.45 5.42
CA PRO A 78 -8.01 0.15 6.55
C PRO A 78 -7.85 1.67 6.59
N ALA A 79 -8.45 2.29 7.60
CA ALA A 79 -8.37 3.74 7.75
C ALA A 79 -6.94 4.18 8.02
N HIS A 80 -6.43 3.84 9.20
CA HIS A 80 -5.07 4.20 9.59
C HIS A 80 -4.14 4.18 8.37
N LEU A 81 -4.19 3.09 7.62
CA LEU A 81 -3.35 2.94 6.44
C LEU A 81 -3.80 3.89 5.33
N GLN A 82 -5.07 3.78 4.96
CA GLN A 82 -5.63 4.63 3.90
C GLN A 82 -5.06 6.05 3.99
N ALA A 83 -4.77 6.49 5.21
CA ALA A 83 -4.23 7.83 5.43
C ALA A 83 -2.76 7.88 5.06
N LYS A 84 -1.96 7.00 5.66
CA LYS A 84 -0.53 6.94 5.39
C LYS A 84 -0.25 7.27 3.92
N ILE A 85 -1.08 6.74 3.03
CA ILE A 85 -0.90 6.98 1.60
C ILE A 85 -1.41 8.36 1.21
N LYS A 86 -2.56 8.75 1.77
CA LYS A 86 -3.15 10.05 1.48
C LYS A 86 -2.16 11.18 1.78
N ALA A 87 -1.51 11.10 2.93
CA ALA A 87 -0.53 12.10 3.34
C ALA A 87 0.37 12.49 2.17
N ALA A 88 0.97 11.49 1.54
CA ALA A 88 1.86 11.73 0.40
C ALA A 88 1.21 12.67 -0.61
N GLN A 89 0.00 12.34 -1.03
CA GLN A 89 -0.73 13.15 -2.00
C GLN A 89 -0.90 14.58 -1.49
N HIS A 90 -1.53 14.72 -0.34
CA HIS A 90 -1.76 16.04 0.26
C HIS A 90 -0.44 16.79 0.40
N GLN A 91 0.42 16.31 1.28
CA GLN A 91 1.72 16.94 1.51
C GLN A 91 2.61 16.84 0.27
N ALA A 92 2.97 17.99 -0.28
CA ALA A 92 3.83 18.02 -1.47
C ALA A 92 4.81 19.18 -1.39
N ASN A 93 5.85 19.11 -2.21
CA ASN A 93 6.88 20.16 -2.24
C ASN A 93 6.94 20.81 -3.62
N GLN A 94 7.01 19.99 -4.65
CA GLN A 94 7.09 20.48 -6.03
C GLN A 94 5.69 20.66 -6.62
N ALA A 95 5.48 21.79 -7.27
CA ALA A 95 4.19 22.09 -7.90
C ALA A 95 3.68 20.89 -8.68
N ALA A 96 2.39 20.59 -8.51
CA ALA A 96 1.77 19.47 -9.20
C ALA A 96 1.33 19.87 -10.61
N VAL A 97 1.92 19.23 -11.61
CA VAL A 97 1.59 19.51 -13.00
C VAL A 97 0.08 19.70 -13.18
N ALA A 98 -0.29 20.71 -13.95
CA ALA A 98 -1.70 21.00 -14.21
C ALA A 98 -1.98 21.08 -15.70
N GLY A 1 -8.14 -29.73 -26.43
CA GLY A 1 -8.35 -29.65 -25.00
C GLY A 1 -7.57 -28.52 -24.35
N SER A 2 -7.09 -28.74 -23.14
CA SER A 2 -6.35 -27.73 -22.41
C SER A 2 -7.23 -26.54 -22.08
N SER A 3 -8.46 -26.82 -21.65
CA SER A 3 -9.41 -25.77 -21.30
C SER A 3 -8.85 -24.88 -20.20
N GLY A 4 -9.62 -23.86 -19.82
CA GLY A 4 -9.19 -22.95 -18.78
C GLY A 4 -8.64 -21.65 -19.33
N SER A 5 -8.32 -20.71 -18.44
CA SER A 5 -7.79 -19.42 -18.86
C SER A 5 -7.02 -18.76 -17.71
N SER A 6 -5.73 -18.54 -17.92
CA SER A 6 -4.88 -17.92 -16.91
C SER A 6 -5.56 -16.70 -16.30
N GLY A 7 -6.03 -15.80 -17.17
CA GLY A 7 -6.69 -14.59 -16.71
C GLY A 7 -6.62 -13.47 -17.71
N SER A 8 -6.17 -12.30 -17.26
CA SER A 8 -6.06 -11.13 -18.13
C SER A 8 -4.91 -10.24 -17.69
N THR A 9 -3.87 -10.15 -18.51
CA THR A 9 -2.71 -9.32 -18.21
C THR A 9 -2.76 -8.00 -18.97
N ALA A 10 -3.51 -7.05 -18.43
CA ALA A 10 -3.63 -5.74 -19.04
C ALA A 10 -2.67 -4.73 -18.41
N THR A 11 -2.30 -3.71 -19.19
CA THR A 11 -1.37 -2.69 -18.71
C THR A 11 -1.67 -2.32 -17.26
N GLN A 12 -0.62 -2.17 -16.46
CA GLN A 12 -0.77 -1.81 -15.06
C GLN A 12 -0.32 -0.38 -14.80
N LYS A 13 -1.27 0.48 -14.44
CA LYS A 13 -0.96 1.89 -14.17
C LYS A 13 -0.29 2.04 -12.81
N LEU A 14 0.78 2.82 -12.77
CA LEU A 14 1.51 3.06 -11.53
C LEU A 14 1.14 4.41 -10.92
N LEU A 15 0.34 4.37 -9.86
CA LEU A 15 -0.10 5.58 -9.19
C LEU A 15 0.87 5.97 -8.08
N ARG A 16 0.54 7.02 -7.34
CA ARG A 16 1.38 7.48 -6.25
C ARG A 16 1.38 6.48 -5.09
N THR A 17 2.55 5.90 -4.83
CA THR A 17 2.68 4.91 -3.76
C THR A 17 1.39 4.15 -3.55
N ASP A 18 0.68 3.87 -4.65
CA ASP A 18 -0.57 3.14 -4.59
C ASP A 18 -0.31 1.64 -4.45
N LYS A 19 0.65 1.28 -3.62
CA LYS A 19 1.00 -0.13 -3.41
C LYS A 19 1.20 -0.41 -1.93
N LEU A 20 0.62 -1.52 -1.46
CA LEU A 20 0.73 -1.90 -0.06
C LEU A 20 1.42 -3.25 0.08
N GLU A 21 2.49 -3.29 0.87
CA GLU A 21 3.24 -4.53 1.08
C GLU A 21 2.38 -5.59 1.75
N VAL A 22 2.56 -6.84 1.34
CA VAL A 22 1.80 -7.95 1.89
C VAL A 22 2.60 -8.70 2.95
N CYS A 23 2.09 -8.71 4.18
CA CYS A 23 2.76 -9.40 5.27
C CYS A 23 3.09 -10.83 4.90
N ARG A 24 4.21 -11.33 5.42
CA ARG A 24 4.63 -12.70 5.15
C ARG A 24 4.10 -13.66 6.20
N GLU A 25 4.00 -13.19 7.44
CA GLU A 25 3.50 -14.01 8.53
C GLU A 25 2.01 -14.30 8.37
N PHE A 26 1.22 -13.23 8.32
CA PHE A 26 -0.23 -13.36 8.16
C PHE A 26 -0.57 -14.52 7.23
N GLN A 27 0.11 -14.57 6.08
CA GLN A 27 -0.13 -15.61 5.11
C GLN A 27 -0.15 -16.99 5.77
N ARG A 28 0.84 -17.25 6.61
CA ARG A 28 0.94 -18.53 7.30
C ARG A 28 0.36 -18.42 8.71
N GLY A 29 -0.56 -17.48 8.89
CA GLY A 29 -1.19 -17.31 10.19
C GLY A 29 -0.18 -17.18 11.30
N ASN A 30 0.84 -16.35 11.10
CA ASN A 30 1.88 -16.16 12.10
C ASN A 30 1.81 -14.76 12.70
N CYS A 31 1.46 -13.79 11.86
CA CYS A 31 1.35 -12.40 12.31
C CYS A 31 0.40 -12.28 13.50
N ALA A 32 0.73 -11.37 14.41
CA ALA A 32 -0.09 -11.16 15.60
C ALA A 32 -0.73 -9.78 15.58
N ARG A 33 -0.07 -8.83 14.95
CA ARG A 33 -0.57 -7.46 14.86
C ARG A 33 -1.90 -7.42 14.11
N GLY A 34 -2.08 -8.37 13.20
CA GLY A 34 -3.31 -8.44 12.43
C GLY A 34 -3.46 -7.25 11.49
N GLU A 35 -4.58 -7.20 10.78
CA GLU A 35 -4.84 -6.12 9.84
C GLU A 35 -5.29 -4.86 10.57
N THR A 36 -5.16 -4.86 11.89
CA THR A 36 -5.55 -3.72 12.70
C THR A 36 -4.34 -3.08 13.38
N ASP A 37 -3.36 -3.91 13.71
CA ASP A 37 -2.14 -3.43 14.36
C ASP A 37 -0.96 -3.51 13.41
N CYS A 38 -1.13 -4.22 12.30
CA CYS A 38 -0.08 -4.37 11.32
C CYS A 38 -0.26 -3.39 10.16
N ARG A 39 0.85 -2.82 9.71
CA ARG A 39 0.83 -1.86 8.61
C ARG A 39 0.69 -2.56 7.27
N PHE A 40 1.40 -3.68 7.12
CA PHE A 40 1.36 -4.45 5.88
C PHE A 40 -0.04 -4.99 5.62
N ALA A 41 -0.53 -4.81 4.41
CA ALA A 41 -1.85 -5.29 4.03
C ALA A 41 -1.92 -6.81 4.11
N HIS A 42 -2.96 -7.31 4.78
CA HIS A 42 -3.15 -8.75 4.92
C HIS A 42 -4.19 -9.27 3.94
N PRO A 43 -3.71 -9.87 2.83
CA PRO A 43 -4.60 -10.41 1.79
C PRO A 43 -5.34 -11.65 2.26
N ALA A 44 -6.56 -11.45 2.75
CA ALA A 44 -7.39 -12.56 3.23
C ALA A 44 -8.31 -13.06 2.13
N ASP A 45 -8.89 -12.14 1.37
CA ASP A 45 -9.79 -12.50 0.28
C ASP A 45 -9.29 -11.95 -1.06
N SER A 46 -9.07 -10.64 -1.09
CA SER A 46 -8.60 -9.98 -2.31
C SER A 46 -7.31 -10.63 -2.81
N THR A 47 -7.40 -11.35 -3.92
CA THR A 47 -6.24 -12.02 -4.50
C THR A 47 -5.49 -11.10 -5.44
N MET A 48 -5.02 -9.96 -4.92
CA MET A 48 -4.29 -9.00 -5.73
C MET A 48 -2.82 -8.95 -5.31
N ILE A 49 -2.23 -10.11 -5.10
CA ILE A 49 -0.83 -10.20 -4.69
C ILE A 49 0.08 -10.35 -5.90
N ASP A 50 1.22 -9.65 -5.86
CA ASP A 50 2.17 -9.70 -6.96
C ASP A 50 3.33 -10.65 -6.62
N THR A 51 3.47 -11.71 -7.42
CA THR A 51 4.53 -12.69 -7.20
C THR A 51 5.89 -12.10 -7.56
N SER A 52 5.90 -10.84 -7.97
CA SER A 52 7.14 -10.17 -8.35
C SER A 52 7.74 -9.43 -7.17
N ASP A 53 6.89 -8.75 -6.40
CA ASP A 53 7.33 -7.98 -5.24
C ASP A 53 6.41 -8.24 -4.05
N ASN A 54 5.73 -9.38 -4.07
CA ASN A 54 4.81 -9.75 -2.99
C ASN A 54 4.06 -8.52 -2.48
N THR A 55 3.72 -7.61 -3.40
CA THR A 55 3.00 -6.40 -3.04
C THR A 55 1.65 -6.34 -3.74
N VAL A 56 0.72 -5.57 -3.16
CA VAL A 56 -0.61 -5.43 -3.72
C VAL A 56 -0.87 -4.01 -4.18
N THR A 57 -1.79 -3.84 -5.12
CA THR A 57 -2.12 -2.52 -5.65
C THR A 57 -3.10 -1.80 -4.72
N VAL A 58 -3.12 -0.47 -4.81
CA VAL A 58 -4.00 0.34 -3.98
C VAL A 58 -4.95 1.17 -4.83
N CYS A 59 -6.24 1.07 -4.53
CA CYS A 59 -7.26 1.81 -5.28
C CYS A 59 -7.18 3.30 -4.95
N MET A 60 -7.05 4.13 -5.98
CA MET A 60 -6.97 5.57 -5.82
C MET A 60 -8.30 6.13 -5.32
N ASP A 61 -9.37 5.83 -6.04
CA ASP A 61 -10.69 6.30 -5.68
C ASP A 61 -11.03 5.93 -4.24
N TYR A 62 -11.00 4.63 -3.94
CA TYR A 62 -11.30 4.15 -2.60
C TYR A 62 -10.76 5.11 -1.54
N ILE A 63 -9.49 5.46 -1.67
CA ILE A 63 -8.85 6.38 -0.73
C ILE A 63 -9.74 7.59 -0.45
N LYS A 64 -10.23 8.21 -1.52
CA LYS A 64 -11.09 9.37 -1.40
C LYS A 64 -12.37 9.04 -0.63
N GLY A 65 -12.75 7.77 -0.65
CA GLY A 65 -13.95 7.34 0.05
C GLY A 65 -15.00 6.78 -0.89
N ARG A 66 -14.90 7.13 -2.17
CA ARG A 66 -15.86 6.66 -3.16
C ARG A 66 -15.14 5.95 -4.31
N CYS A 67 -15.26 4.64 -4.36
CA CYS A 67 -14.62 3.85 -5.40
C CYS A 67 -15.66 3.24 -6.34
N MET A 68 -15.88 3.87 -7.48
CA MET A 68 -16.85 3.39 -8.45
C MET A 68 -16.17 3.05 -9.78
N ARG A 69 -14.88 2.73 -9.71
CA ARG A 69 -14.11 2.40 -10.91
C ARG A 69 -14.73 1.19 -11.62
N GLU A 70 -14.66 1.20 -12.95
CA GLU A 70 -15.21 0.11 -13.75
C GLU A 70 -14.40 -1.17 -13.55
N LYS A 71 -14.99 -2.13 -12.85
CA LYS A 71 -14.32 -3.40 -12.60
C LYS A 71 -13.08 -3.21 -11.72
N CYS A 72 -13.26 -2.47 -10.62
CA CYS A 72 -12.17 -2.21 -9.70
C CYS A 72 -11.43 -3.50 -9.34
N LYS A 73 -10.12 -3.51 -9.56
CA LYS A 73 -9.31 -4.69 -9.26
C LYS A 73 -8.12 -4.31 -8.39
N TYR A 74 -8.37 -3.50 -7.36
CA TYR A 74 -7.32 -3.06 -6.46
C TYR A 74 -7.69 -3.38 -5.01
N PHE A 75 -6.68 -3.48 -4.16
CA PHE A 75 -6.90 -3.77 -2.75
C PHE A 75 -7.43 -2.54 -2.01
N HIS A 76 -8.22 -2.78 -0.96
CA HIS A 76 -8.78 -1.69 -0.18
C HIS A 76 -8.34 -1.78 1.28
N PRO A 77 -7.30 -1.01 1.63
CA PRO A 77 -6.76 -0.99 2.99
C PRO A 77 -7.72 -0.33 3.99
N PRO A 78 -7.39 -0.46 5.29
CA PRO A 78 -8.21 0.12 6.36
C PRO A 78 -8.14 1.65 6.39
N ALA A 79 -8.85 2.24 7.34
CA ALA A 79 -8.88 3.70 7.46
C ALA A 79 -7.50 4.24 7.86
N HIS A 80 -6.99 3.75 9.00
CA HIS A 80 -5.69 4.19 9.49
C HIS A 80 -4.66 4.21 8.35
N LEU A 81 -4.66 3.16 7.54
CA LEU A 81 -3.74 3.05 6.43
C LEU A 81 -4.11 4.02 5.31
N GLN A 82 -5.34 3.92 4.83
CA GLN A 82 -5.82 4.79 3.76
C GLN A 82 -5.21 6.19 3.88
N ALA A 83 -5.08 6.66 5.12
CA ALA A 83 -4.51 7.98 5.38
C ALA A 83 -3.02 8.01 5.04
N LYS A 84 -2.28 7.07 5.63
CA LYS A 84 -0.84 6.99 5.40
C LYS A 84 -0.49 7.35 3.96
N ILE A 85 -1.36 6.95 3.04
CA ILE A 85 -1.16 7.23 1.62
C ILE A 85 -1.58 8.65 1.27
N LYS A 86 -2.71 9.08 1.83
CA LYS A 86 -3.23 10.42 1.58
C LYS A 86 -2.21 11.48 1.99
N ALA A 87 -1.58 11.27 3.14
CA ALA A 87 -0.58 12.20 3.65
C ALA A 87 0.41 12.59 2.55
N ALA A 88 0.85 11.61 1.78
CA ALA A 88 1.80 11.85 0.70
C ALA A 88 1.24 12.86 -0.32
N GLN A 89 0.06 12.54 -0.86
CA GLN A 89 -0.59 13.41 -1.83
C GLN A 89 -0.62 14.85 -1.33
N HIS A 90 -1.29 15.07 -0.21
CA HIS A 90 -1.39 16.42 0.36
C HIS A 90 -0.02 16.92 0.80
N GLN A 91 0.10 18.25 0.89
CA GLN A 91 1.37 18.86 1.30
C GLN A 91 1.41 19.07 2.81
N ALA A 92 2.52 19.63 3.29
CA ALA A 92 2.68 19.89 4.72
C ALA A 92 2.70 18.58 5.51
N ASN A 93 3.44 17.61 5.01
CA ASN A 93 3.54 16.30 5.67
C ASN A 93 4.58 16.35 6.78
N GLN A 94 4.13 16.06 8.01
CA GLN A 94 5.01 16.05 9.17
C GLN A 94 5.84 14.78 9.21
N ALA A 95 6.94 14.82 9.98
CA ALA A 95 7.81 13.66 10.12
C ALA A 95 8.52 13.36 8.80
N ALA A 96 8.97 14.40 8.13
CA ALA A 96 9.67 14.26 6.86
C ALA A 96 10.96 13.43 7.03
N VAL A 97 11.53 13.01 5.91
CA VAL A 97 12.76 12.22 5.95
C VAL A 97 13.99 13.10 5.70
N ALA A 98 15.14 12.64 6.17
CA ALA A 98 16.39 13.38 6.00
C ALA A 98 16.45 14.04 4.62
N GLY A 1 28.81 -29.36 -4.43
CA GLY A 1 28.29 -28.00 -4.41
C GLY A 1 26.77 -27.96 -4.37
N SER A 2 26.21 -26.85 -4.85
CA SER A 2 24.75 -26.68 -4.85
C SER A 2 24.35 -25.60 -5.85
N SER A 3 23.04 -25.51 -6.12
CA SER A 3 22.53 -24.52 -7.05
C SER A 3 21.00 -24.49 -7.01
N GLY A 4 20.42 -23.44 -7.58
CA GLY A 4 18.98 -23.30 -7.59
C GLY A 4 18.51 -22.14 -8.45
N SER A 5 17.37 -21.56 -8.10
CA SER A 5 16.82 -20.44 -8.85
C SER A 5 17.12 -19.12 -8.16
N SER A 6 18.30 -18.59 -8.41
CA SER A 6 18.72 -17.32 -7.81
C SER A 6 18.51 -16.16 -8.77
N GLY A 7 17.38 -16.17 -9.48
CA GLY A 7 17.08 -15.12 -10.43
C GLY A 7 15.65 -14.62 -10.31
N SER A 8 15.48 -13.47 -9.67
CA SER A 8 14.15 -12.89 -9.50
C SER A 8 13.94 -11.73 -10.46
N THR A 9 12.70 -11.61 -10.97
CA THR A 9 12.38 -10.54 -11.91
C THR A 9 12.16 -9.22 -11.17
N ALA A 10 12.93 -8.21 -11.54
CA ALA A 10 12.84 -6.90 -10.92
C ALA A 10 12.86 -5.79 -11.98
N THR A 11 11.72 -5.13 -12.16
CA THR A 11 11.61 -4.05 -13.14
C THR A 11 12.13 -2.74 -12.57
N GLN A 12 13.23 -2.82 -11.82
CA GLN A 12 13.84 -1.63 -11.22
C GLN A 12 12.76 -0.64 -10.80
N LYS A 13 11.60 -1.15 -10.38
CA LYS A 13 10.50 -0.31 -9.95
C LYS A 13 10.17 -0.56 -8.48
N LEU A 14 10.04 0.52 -7.71
CA LEU A 14 9.72 0.41 -6.30
C LEU A 14 9.41 1.79 -5.71
N LEU A 15 9.08 1.81 -4.42
CA LEU A 15 8.75 3.05 -3.74
C LEU A 15 7.49 3.69 -4.32
N ARG A 16 6.44 2.89 -4.43
CA ARG A 16 5.17 3.37 -4.98
C ARG A 16 4.23 3.80 -3.86
N THR A 17 3.26 4.65 -4.20
CA THR A 17 2.29 5.13 -3.22
C THR A 17 0.98 4.35 -3.32
N ASP A 18 0.67 3.86 -4.51
CA ASP A 18 -0.55 3.10 -4.74
C ASP A 18 -0.29 1.60 -4.63
N LYS A 19 0.56 1.23 -3.67
CA LYS A 19 0.90 -0.17 -3.46
C LYS A 19 1.12 -0.46 -1.98
N LEU A 20 0.82 -1.68 -1.55
CA LEU A 20 1.00 -2.08 -0.16
C LEU A 20 1.68 -3.44 -0.07
N GLU A 21 2.80 -3.49 0.64
CA GLU A 21 3.55 -4.73 0.82
C GLU A 21 2.75 -5.74 1.63
N VAL A 22 2.50 -6.91 1.05
CA VAL A 22 1.75 -7.96 1.72
C VAL A 22 2.58 -8.61 2.82
N CYS A 23 1.97 -8.80 3.99
CA CYS A 23 2.65 -9.41 5.12
C CYS A 23 3.00 -10.87 4.82
N ARG A 24 4.09 -11.34 5.40
CA ARG A 24 4.53 -12.72 5.21
C ARG A 24 3.96 -13.63 6.29
N GLU A 25 3.85 -13.10 7.50
CA GLU A 25 3.32 -13.87 8.63
C GLU A 25 1.84 -14.16 8.43
N PHE A 26 1.04 -13.12 8.28
CA PHE A 26 -0.40 -13.27 8.07
C PHE A 26 -0.70 -14.45 7.17
N GLN A 27 0.06 -14.55 6.08
CA GLN A 27 -0.14 -15.65 5.12
C GLN A 27 -0.21 -16.99 5.83
N ARG A 28 0.68 -17.19 6.80
CA ARG A 28 0.71 -18.44 7.56
C ARG A 28 0.02 -18.28 8.90
N GLY A 29 -0.93 -17.34 8.96
CA GLY A 29 -1.66 -17.10 10.20
C GLY A 29 -0.73 -16.99 11.40
N ASN A 30 0.36 -16.27 11.24
CA ASN A 30 1.33 -16.10 12.32
C ASN A 30 1.32 -14.65 12.82
N CYS A 31 1.08 -13.72 11.92
CA CYS A 31 1.05 -12.31 12.27
C CYS A 31 0.10 -12.06 13.44
N ALA A 32 0.53 -11.23 14.38
CA ALA A 32 -0.28 -10.91 15.55
C ALA A 32 -0.81 -9.48 15.47
N ARG A 33 -0.09 -8.62 14.76
CA ARG A 33 -0.49 -7.23 14.61
C ARG A 33 -1.80 -7.12 13.83
N GLY A 34 -2.12 -8.16 13.07
CA GLY A 34 -3.34 -8.16 12.29
C GLY A 34 -3.42 -7.00 11.32
N GLU A 35 -4.50 -6.94 10.55
CA GLU A 35 -4.69 -5.87 9.58
C GLU A 35 -5.17 -4.59 10.25
N THR A 36 -5.07 -4.57 11.58
CA THR A 36 -5.50 -3.40 12.35
C THR A 36 -4.32 -2.72 13.03
N ASP A 37 -3.30 -3.51 13.37
CA ASP A 37 -2.11 -2.98 14.01
C ASP A 37 -0.88 -3.19 13.14
N CYS A 38 -1.04 -3.96 12.07
CA CYS A 38 0.06 -4.24 11.14
C CYS A 38 0.03 -3.28 9.96
N ARG A 39 1.20 -2.78 9.59
CA ARG A 39 1.32 -1.85 8.47
C ARG A 39 1.13 -2.57 7.14
N PHE A 40 1.65 -3.78 7.05
CA PHE A 40 1.54 -4.58 5.84
C PHE A 40 0.11 -5.05 5.62
N ALA A 41 -0.38 -4.89 4.39
CA ALA A 41 -1.74 -5.30 4.06
C ALA A 41 -1.90 -6.81 4.16
N HIS A 42 -3.07 -7.24 4.63
CA HIS A 42 -3.35 -8.66 4.78
C HIS A 42 -4.47 -9.10 3.83
N PRO A 43 -4.07 -9.72 2.71
CA PRO A 43 -5.02 -10.20 1.69
C PRO A 43 -5.84 -11.39 2.19
N ALA A 44 -7.01 -11.11 2.75
CA ALA A 44 -7.88 -12.16 3.25
C ALA A 44 -9.11 -12.32 2.36
N ASP A 45 -9.63 -11.21 1.87
CA ASP A 45 -10.81 -11.23 1.01
C ASP A 45 -10.54 -12.06 -0.24
N SER A 46 -9.43 -11.77 -0.91
CA SER A 46 -9.07 -12.49 -2.13
C SER A 46 -7.60 -12.93 -2.09
N THR A 47 -7.24 -13.85 -2.97
CA THR A 47 -5.87 -14.34 -3.03
C THR A 47 -5.06 -13.59 -4.09
N MET A 48 -5.26 -12.29 -4.16
CA MET A 48 -4.54 -11.46 -5.13
C MET A 48 -3.15 -11.10 -4.62
N ILE A 49 -2.21 -12.03 -4.77
CA ILE A 49 -0.84 -11.82 -4.33
C ILE A 49 0.16 -12.19 -5.41
N ASP A 50 1.28 -11.48 -5.45
CA ASP A 50 2.33 -11.73 -6.43
C ASP A 50 3.56 -12.34 -5.78
N THR A 51 3.93 -13.54 -6.22
CA THR A 51 5.09 -14.23 -5.68
C THR A 51 6.39 -13.64 -6.22
N SER A 52 6.27 -12.53 -6.96
CA SER A 52 7.43 -11.86 -7.53
C SER A 52 7.92 -10.74 -6.63
N ASP A 53 6.99 -9.92 -6.15
CA ASP A 53 7.32 -8.81 -5.27
C ASP A 53 6.58 -8.92 -3.95
N ASN A 54 5.44 -9.60 -3.97
CA ASN A 54 4.63 -9.79 -2.76
C ASN A 54 4.00 -8.46 -2.33
N THR A 55 3.34 -7.80 -3.29
CA THR A 55 2.69 -6.53 -3.00
C THR A 55 1.31 -6.47 -3.67
N VAL A 56 0.44 -5.60 -3.14
CA VAL A 56 -0.89 -5.44 -3.68
C VAL A 56 -1.14 -4.00 -4.11
N THR A 57 -1.83 -3.83 -5.23
CA THR A 57 -2.14 -2.49 -5.74
C THR A 57 -3.16 -1.79 -4.86
N VAL A 58 -3.11 -0.46 -4.85
CA VAL A 58 -4.03 0.33 -4.04
C VAL A 58 -5.07 1.02 -4.91
N CYS A 59 -6.32 0.98 -4.47
CA CYS A 59 -7.42 1.60 -5.22
C CYS A 59 -7.48 3.10 -4.93
N MET A 60 -6.99 3.91 -5.86
CA MET A 60 -7.00 5.35 -5.71
C MET A 60 -8.39 5.85 -5.32
N ASP A 61 -9.39 5.53 -6.13
CA ASP A 61 -10.76 5.95 -5.87
C ASP A 61 -11.11 5.74 -4.40
N TYR A 62 -10.97 4.50 -3.93
CA TYR A 62 -11.28 4.17 -2.55
C TYR A 62 -10.62 5.15 -1.59
N ILE A 63 -9.32 5.37 -1.78
CA ILE A 63 -8.57 6.29 -0.94
C ILE A 63 -9.31 7.61 -0.76
N LYS A 64 -9.92 8.09 -1.84
CA LYS A 64 -10.67 9.35 -1.81
C LYS A 64 -11.94 9.20 -0.95
N GLY A 65 -12.44 7.97 -0.86
CA GLY A 65 -13.63 7.72 -0.08
C GLY A 65 -14.75 7.14 -0.92
N ARG A 66 -14.66 7.32 -2.23
CA ARG A 66 -15.69 6.80 -3.14
C ARG A 66 -15.06 5.98 -4.25
N CYS A 67 -15.21 4.66 -4.16
CA CYS A 67 -14.67 3.75 -5.16
C CYS A 67 -15.73 3.35 -6.17
N MET A 68 -15.71 3.99 -7.34
CA MET A 68 -16.66 3.69 -8.39
C MET A 68 -16.05 2.77 -9.45
N ARG A 69 -14.72 2.78 -9.53
CA ARG A 69 -14.01 1.94 -10.49
C ARG A 69 -14.72 0.60 -10.67
N GLU A 70 -15.56 0.52 -11.69
CA GLU A 70 -16.30 -0.70 -11.97
C GLU A 70 -15.43 -1.93 -11.72
N LYS A 71 -16.06 -3.03 -11.30
CA LYS A 71 -15.35 -4.27 -11.02
C LYS A 71 -13.96 -3.97 -10.45
N CYS A 72 -13.91 -3.08 -9.47
CA CYS A 72 -12.64 -2.72 -8.83
C CYS A 72 -11.97 -3.94 -8.21
N LYS A 73 -10.96 -4.47 -8.90
CA LYS A 73 -10.24 -5.64 -8.41
C LYS A 73 -8.96 -5.22 -7.68
N TYR A 74 -9.01 -4.07 -7.02
CA TYR A 74 -7.87 -3.57 -6.27
C TYR A 74 -8.03 -3.82 -4.78
N PHE A 75 -6.90 -3.83 -4.06
CA PHE A 75 -6.92 -4.06 -2.63
C PHE A 75 -7.37 -2.81 -1.88
N HIS A 76 -8.29 -3.00 -0.93
CA HIS A 76 -8.81 -1.89 -0.14
C HIS A 76 -8.21 -1.89 1.26
N PRO A 77 -7.23 -1.00 1.49
CA PRO A 77 -6.56 -0.88 2.78
C PRO A 77 -7.47 -0.31 3.86
N PRO A 78 -7.11 -0.52 5.13
CA PRO A 78 -7.87 -0.03 6.28
C PRO A 78 -7.81 1.49 6.42
N ALA A 79 -8.46 2.02 7.44
CA ALA A 79 -8.48 3.45 7.68
C ALA A 79 -7.07 3.96 8.02
N HIS A 80 -6.55 3.53 9.16
CA HIS A 80 -5.21 3.94 9.59
C HIS A 80 -4.26 4.03 8.40
N LEU A 81 -4.23 2.98 7.60
CA LEU A 81 -3.35 2.94 6.43
C LEU A 81 -3.84 3.93 5.36
N GLN A 82 -5.10 3.77 4.95
CA GLN A 82 -5.68 4.65 3.93
C GLN A 82 -5.15 6.07 4.07
N ALA A 83 -4.93 6.50 5.31
CA ALA A 83 -4.43 7.84 5.58
C ALA A 83 -2.98 7.97 5.13
N LYS A 84 -2.17 6.99 5.48
CA LYS A 84 -0.75 7.01 5.12
C LYS A 84 -0.56 7.46 3.68
N ILE A 85 -1.52 7.09 2.82
CA ILE A 85 -1.45 7.46 1.41
C ILE A 85 -1.96 8.89 1.20
N LYS A 86 -3.10 9.20 1.79
CA LYS A 86 -3.69 10.53 1.68
C LYS A 86 -2.71 11.61 2.12
N ALA A 87 -2.23 11.47 3.36
CA ALA A 87 -1.28 12.43 3.92
C ALA A 87 -0.11 12.67 2.96
N ALA A 88 0.38 11.58 2.36
CA ALA A 88 1.49 11.66 1.43
C ALA A 88 1.21 12.67 0.32
N GLN A 89 0.00 12.61 -0.23
CA GLN A 89 -0.39 13.51 -1.30
C GLN A 89 -0.72 14.90 -0.75
N HIS A 90 -1.55 14.95 0.28
CA HIS A 90 -1.94 16.20 0.90
C HIS A 90 -0.79 16.77 1.72
N GLN A 91 -0.39 18.00 1.41
CA GLN A 91 0.69 18.67 2.12
C GLN A 91 0.24 19.12 3.51
N ALA A 92 0.63 18.38 4.53
CA ALA A 92 0.27 18.70 5.90
C ALA A 92 1.20 19.76 6.48
N ASN A 93 0.77 21.02 6.42
CA ASN A 93 1.56 22.13 6.94
C ASN A 93 0.71 23.39 7.09
N GLN A 94 0.43 23.76 8.33
CA GLN A 94 -0.38 24.93 8.61
C GLN A 94 -0.23 25.35 10.07
N ALA A 95 -0.48 26.63 10.34
CA ALA A 95 -0.38 27.16 11.69
C ALA A 95 -1.55 28.09 12.00
N ALA A 96 -1.80 28.30 13.29
CA ALA A 96 -2.89 29.17 13.72
C ALA A 96 -2.89 30.48 12.95
N VAL A 97 -4.02 30.79 12.31
CA VAL A 97 -4.13 32.02 11.54
C VAL A 97 -4.69 33.16 12.39
N ALA A 98 -4.16 34.36 12.19
CA ALA A 98 -4.61 35.52 12.94
C ALA A 98 -4.93 36.69 12.00
N GLY A 1 39.67 -5.17 6.67
CA GLY A 1 39.04 -3.92 6.26
C GLY A 1 37.82 -4.14 5.40
N SER A 2 36.64 -3.94 5.97
CA SER A 2 35.39 -4.12 5.25
C SER A 2 34.50 -2.89 5.39
N SER A 3 34.35 -2.15 4.29
CA SER A 3 33.53 -0.95 4.28
C SER A 3 32.04 -1.30 4.27
N GLY A 4 31.65 -2.13 3.31
CA GLY A 4 30.26 -2.53 3.21
C GLY A 4 29.36 -1.41 2.71
N SER A 5 28.87 -1.55 1.49
CA SER A 5 28.00 -0.53 0.89
C SER A 5 27.05 -1.16 -0.12
N SER A 6 25.90 -0.52 -0.32
CA SER A 6 24.90 -1.02 -1.26
C SER A 6 24.15 0.14 -1.91
N GLY A 7 23.88 0.01 -3.21
CA GLY A 7 23.18 1.05 -3.93
C GLY A 7 22.99 0.71 -5.39
N SER A 8 22.56 -0.52 -5.67
CA SER A 8 22.35 -0.96 -7.04
C SER A 8 20.95 -0.57 -7.53
N THR A 9 20.83 0.65 -8.04
CA THR A 9 19.56 1.15 -8.53
C THR A 9 19.73 1.84 -9.89
N ALA A 10 18.72 1.70 -10.74
CA ALA A 10 18.75 2.31 -12.06
C ALA A 10 17.69 3.40 -12.20
N THR A 11 18.00 4.43 -12.97
CA THR A 11 17.07 5.54 -13.18
C THR A 11 15.81 5.07 -13.90
N GLN A 12 14.68 5.65 -13.53
CA GLN A 12 13.40 5.30 -14.15
C GLN A 12 12.42 6.47 -14.09
N LYS A 13 11.55 6.54 -15.09
CA LYS A 13 10.57 7.62 -15.17
C LYS A 13 9.18 7.11 -14.78
N LEU A 14 9.12 6.25 -13.77
CA LEU A 14 7.86 5.69 -13.32
C LEU A 14 7.88 5.46 -11.81
N LEU A 15 6.76 5.76 -11.15
CA LEU A 15 6.65 5.59 -9.70
C LEU A 15 5.20 5.41 -9.29
N ARG A 16 4.99 4.79 -8.12
CA ARG A 16 3.65 4.57 -7.62
C ARG A 16 3.60 4.74 -6.10
N THR A 17 2.43 5.05 -5.58
CA THR A 17 2.24 5.25 -4.15
C THR A 17 1.12 4.37 -3.61
N ASP A 18 0.18 4.01 -4.48
CA ASP A 18 -0.95 3.18 -4.09
C ASP A 18 -0.55 1.71 -4.04
N LYS A 19 0.52 1.41 -3.31
CA LYS A 19 1.01 0.04 -3.18
C LYS A 19 1.24 -0.33 -1.72
N LEU A 20 0.71 -1.48 -1.32
CA LEU A 20 0.85 -1.94 0.05
C LEU A 20 1.62 -3.26 0.10
N GLU A 21 2.63 -3.31 0.97
CA GLU A 21 3.44 -4.51 1.12
C GLU A 21 2.68 -5.60 1.86
N VAL A 22 2.41 -6.71 1.19
CA VAL A 22 1.69 -7.82 1.78
C VAL A 22 2.48 -8.45 2.92
N CYS A 23 1.80 -8.69 4.04
CA CYS A 23 2.45 -9.28 5.21
C CYS A 23 2.83 -10.74 4.93
N ARG A 24 3.95 -11.17 5.53
CA ARG A 24 4.42 -12.53 5.35
C ARG A 24 3.88 -13.44 6.45
N GLU A 25 3.74 -12.89 7.65
CA GLU A 25 3.24 -13.65 8.79
C GLU A 25 1.78 -14.05 8.57
N PHE A 26 0.95 -13.06 8.26
CA PHE A 26 -0.47 -13.30 8.03
C PHE A 26 -0.68 -14.46 7.07
N GLN A 27 0.10 -14.48 5.99
CA GLN A 27 0.00 -15.53 4.99
C GLN A 27 0.02 -16.90 5.64
N ARG A 28 0.91 -17.09 6.60
CA ARG A 28 1.02 -18.37 7.30
C ARG A 28 0.27 -18.32 8.64
N GLY A 29 -0.73 -17.44 8.72
CA GLY A 29 -1.50 -17.31 9.93
C GLY A 29 -0.63 -17.16 11.17
N ASN A 30 0.37 -16.29 11.07
CA ASN A 30 1.28 -16.05 12.18
C ASN A 30 1.08 -14.65 12.75
N CYS A 31 0.88 -13.68 11.86
CA CYS A 31 0.68 -12.29 12.28
C CYS A 31 -0.46 -12.19 13.28
N ALA A 32 -0.16 -11.64 14.46
CA ALA A 32 -1.16 -11.48 15.51
C ALA A 32 -1.64 -10.03 15.59
N ARG A 33 -0.88 -9.13 14.99
CA ARG A 33 -1.22 -7.70 15.00
C ARG A 33 -2.37 -7.42 14.05
N GLY A 34 -2.61 -8.35 13.12
CA GLY A 34 -3.68 -8.18 12.16
C GLY A 34 -3.52 -6.92 11.33
N GLU A 35 -4.32 -6.80 10.27
CA GLU A 35 -4.26 -5.63 9.40
C GLU A 35 -4.68 -4.38 10.14
N THR A 36 -5.17 -4.55 11.37
CA THR A 36 -5.60 -3.42 12.19
C THR A 36 -4.44 -2.83 12.98
N ASP A 37 -3.56 -3.70 13.47
CA ASP A 37 -2.40 -3.27 14.24
C ASP A 37 -1.12 -3.48 13.45
N CYS A 38 -1.26 -3.94 12.22
CA CYS A 38 -0.10 -4.20 11.36
C CYS A 38 -0.05 -3.18 10.22
N ARG A 39 1.12 -2.59 10.02
CA ARG A 39 1.32 -1.60 8.96
C ARG A 39 1.19 -2.25 7.58
N PHE A 40 1.45 -3.55 7.52
CA PHE A 40 1.38 -4.29 6.26
C PHE A 40 -0.06 -4.74 6.00
N ALA A 41 -0.45 -4.74 4.72
CA ALA A 41 -1.79 -5.15 4.33
C ALA A 41 -1.92 -6.66 4.36
N HIS A 42 -3.06 -7.15 4.84
CA HIS A 42 -3.32 -8.58 4.92
C HIS A 42 -4.33 -9.02 3.87
N PRO A 43 -3.82 -9.61 2.77
CA PRO A 43 -4.66 -10.08 1.67
C PRO A 43 -5.51 -11.29 2.05
N ALA A 44 -6.82 -11.09 2.14
CA ALA A 44 -7.73 -12.16 2.50
C ALA A 44 -7.50 -13.40 1.64
N ASP A 45 -7.32 -13.19 0.35
CA ASP A 45 -7.08 -14.29 -0.58
C ASP A 45 -5.65 -14.25 -1.12
N SER A 46 -4.99 -15.40 -1.10
CA SER A 46 -3.62 -15.50 -1.57
C SER A 46 -3.45 -14.79 -2.91
N THR A 47 -4.39 -15.01 -3.82
CA THR A 47 -4.35 -14.40 -5.14
C THR A 47 -4.08 -12.90 -5.04
N MET A 48 -3.75 -12.28 -6.16
CA MET A 48 -3.48 -10.85 -6.20
C MET A 48 -2.18 -10.53 -5.46
N ILE A 49 -1.23 -11.45 -5.51
CA ILE A 49 0.06 -11.26 -4.84
C ILE A 49 1.21 -11.69 -5.75
N ASP A 50 2.22 -10.82 -5.86
CA ASP A 50 3.38 -11.11 -6.69
C ASP A 50 4.52 -11.65 -5.84
N THR A 51 5.01 -12.83 -6.21
CA THR A 51 6.11 -13.46 -5.48
C THR A 51 7.44 -12.80 -5.81
N SER A 52 7.39 -11.73 -6.60
CA SER A 52 8.59 -11.01 -6.99
C SER A 52 8.84 -9.83 -6.04
N ASP A 53 7.77 -9.13 -5.70
CA ASP A 53 7.86 -7.96 -4.81
C ASP A 53 6.98 -8.15 -3.58
N ASN A 54 5.89 -8.90 -3.74
CA ASN A 54 4.96 -9.15 -2.65
C ASN A 54 4.20 -7.88 -2.29
N THR A 55 3.81 -7.12 -3.31
CA THR A 55 3.07 -5.88 -3.09
C THR A 55 1.70 -5.94 -3.77
N VAL A 56 0.71 -5.29 -3.16
CA VAL A 56 -0.64 -5.27 -3.70
C VAL A 56 -1.04 -3.84 -4.08
N THR A 57 -1.82 -3.73 -5.15
CA THR A 57 -2.29 -2.43 -5.61
C THR A 57 -3.36 -1.87 -4.70
N VAL A 58 -3.41 -0.54 -4.58
CA VAL A 58 -4.39 0.13 -3.73
C VAL A 58 -5.33 0.99 -4.56
N CYS A 59 -6.63 0.80 -4.35
CA CYS A 59 -7.64 1.57 -5.07
C CYS A 59 -7.54 3.05 -4.75
N MET A 60 -7.09 3.83 -5.72
CA MET A 60 -6.95 5.27 -5.54
C MET A 60 -8.27 5.90 -5.12
N ASP A 61 -9.31 5.67 -5.92
CA ASP A 61 -10.63 6.21 -5.63
C ASP A 61 -11.03 5.92 -4.19
N TYR A 62 -11.13 4.64 -3.85
CA TYR A 62 -11.50 4.24 -2.50
C TYR A 62 -10.90 5.17 -1.46
N ILE A 63 -9.60 5.42 -1.57
CA ILE A 63 -8.91 6.29 -0.64
C ILE A 63 -9.67 7.60 -0.43
N LYS A 64 -10.16 8.16 -1.53
CA LYS A 64 -10.92 9.41 -1.46
C LYS A 64 -12.19 9.23 -0.63
N GLY A 65 -12.69 8.00 -0.58
CA GLY A 65 -13.90 7.72 0.18
C GLY A 65 -15.03 7.21 -0.68
N ARG A 66 -14.92 7.42 -1.99
CA ARG A 66 -15.94 6.97 -2.93
C ARG A 66 -15.31 6.18 -4.07
N CYS A 67 -15.51 4.87 -4.05
CA CYS A 67 -14.97 4.00 -5.09
C CYS A 67 -16.05 3.61 -6.09
N MET A 68 -16.09 4.34 -7.21
CA MET A 68 -17.07 4.07 -8.25
C MET A 68 -16.47 3.20 -9.36
N ARG A 69 -15.15 3.11 -9.37
CA ARG A 69 -14.46 2.31 -10.38
C ARG A 69 -15.22 1.01 -10.66
N GLU A 70 -15.94 0.99 -11.78
CA GLU A 70 -16.72 -0.18 -12.16
C GLU A 70 -15.92 -1.46 -11.92
N LYS A 71 -16.61 -2.52 -11.51
CA LYS A 71 -15.96 -3.80 -11.26
C LYS A 71 -14.56 -3.61 -10.70
N CYS A 72 -14.45 -2.81 -9.64
CA CYS A 72 -13.16 -2.54 -9.02
C CYS A 72 -12.59 -3.80 -8.38
N LYS A 73 -11.49 -4.29 -8.93
CA LYS A 73 -10.84 -5.49 -8.42
C LYS A 73 -9.57 -5.13 -7.65
N TYR A 74 -9.61 -4.01 -6.95
CA TYR A 74 -8.45 -3.55 -6.18
C TYR A 74 -8.66 -3.80 -4.69
N PHE A 75 -7.57 -3.86 -3.94
CA PHE A 75 -7.63 -4.10 -2.50
C PHE A 75 -7.98 -2.82 -1.76
N HIS A 76 -8.94 -2.92 -0.84
CA HIS A 76 -9.37 -1.77 -0.05
C HIS A 76 -8.81 -1.84 1.37
N PRO A 77 -7.74 -1.06 1.63
CA PRO A 77 -7.10 -1.03 2.94
C PRO A 77 -7.97 -0.35 4.00
N PRO A 78 -7.60 -0.54 5.28
CA PRO A 78 -8.33 0.05 6.40
C PRO A 78 -8.19 1.57 6.47
N ALA A 79 -8.81 2.18 7.48
CA ALA A 79 -8.75 3.62 7.65
C ALA A 79 -7.34 4.06 8.01
N HIS A 80 -6.87 3.66 9.18
CA HIS A 80 -5.54 4.02 9.64
C HIS A 80 -4.55 4.03 8.48
N LEU A 81 -4.60 3.01 7.63
CA LEU A 81 -3.72 2.91 6.48
C LEU A 81 -4.14 3.89 5.39
N GLN A 82 -5.41 3.89 5.05
CA GLN A 82 -5.94 4.78 4.01
C GLN A 82 -5.26 6.14 4.09
N ALA A 83 -4.98 6.59 5.31
CA ALA A 83 -4.33 7.88 5.50
C ALA A 83 -2.86 7.82 5.13
N LYS A 84 -2.17 6.77 5.59
CA LYS A 84 -0.76 6.60 5.30
C LYS A 84 -0.45 6.95 3.85
N ILE A 85 -1.35 6.58 2.95
CA ILE A 85 -1.18 6.86 1.53
C ILE A 85 -1.56 8.29 1.20
N LYS A 86 -2.72 8.72 1.70
CA LYS A 86 -3.20 10.08 1.47
C LYS A 86 -2.13 11.11 1.82
N ALA A 87 -1.62 11.03 3.05
CA ALA A 87 -0.59 11.95 3.51
C ALA A 87 0.35 12.33 2.38
N ALA A 88 0.86 11.32 1.67
CA ALA A 88 1.77 11.56 0.56
C ALA A 88 1.22 12.60 -0.40
N GLN A 89 -0.03 12.41 -0.83
CA GLN A 89 -0.67 13.34 -1.76
C GLN A 89 -0.82 14.71 -1.12
N HIS A 90 -1.44 14.76 0.06
CA HIS A 90 -1.64 16.00 0.76
C HIS A 90 -0.32 16.58 1.26
N GLN A 91 -0.02 17.81 0.86
CA GLN A 91 1.22 18.45 1.27
C GLN A 91 1.52 18.20 2.75
N ALA A 92 2.65 17.57 3.02
CA ALA A 92 3.05 17.26 4.39
C ALA A 92 4.56 17.42 4.57
N ASN A 93 4.94 18.04 5.68
CA ASN A 93 6.34 18.26 5.98
C ASN A 93 7.06 16.93 6.25
N GLN A 94 7.57 16.32 5.20
CA GLN A 94 8.27 15.05 5.32
C GLN A 94 8.94 14.67 4.00
N ALA A 95 9.97 13.82 4.09
CA ALA A 95 10.69 13.38 2.90
C ALA A 95 11.00 11.89 2.98
N ALA A 96 10.59 11.15 1.95
CA ALA A 96 10.82 9.71 1.90
C ALA A 96 10.71 9.19 0.47
N VAL A 97 11.85 8.80 -0.10
CA VAL A 97 11.89 8.29 -1.46
C VAL A 97 12.14 6.79 -1.47
N ALA A 98 11.26 6.03 -2.12
CA ALA A 98 11.40 4.59 -2.21
C ALA A 98 12.13 4.18 -3.48
N GLY A 1 41.70 11.77 16.17
CA GLY A 1 40.27 11.72 16.37
C GLY A 1 39.67 10.38 16.00
N SER A 2 38.38 10.38 15.68
CA SER A 2 37.69 9.15 15.30
C SER A 2 36.49 9.45 14.41
N SER A 3 36.31 8.65 13.37
CA SER A 3 35.20 8.83 12.44
C SER A 3 34.73 7.48 11.88
N GLY A 4 33.67 7.52 11.08
CA GLY A 4 33.15 6.31 10.49
C GLY A 4 32.19 6.58 9.34
N SER A 5 32.46 5.96 8.20
CA SER A 5 31.62 6.15 7.02
C SER A 5 31.58 4.88 6.18
N SER A 6 30.71 4.86 5.17
CA SER A 6 30.57 3.71 4.29
C SER A 6 30.46 4.15 2.84
N GLY A 7 30.64 3.19 1.92
CA GLY A 7 30.55 3.50 0.51
C GLY A 7 29.52 2.65 -0.21
N SER A 8 28.29 3.17 -0.30
CA SER A 8 27.21 2.45 -0.96
C SER A 8 26.15 3.42 -1.48
N THR A 9 25.68 3.16 -2.70
CA THR A 9 24.67 4.01 -3.31
C THR A 9 23.62 3.18 -4.05
N ALA A 10 22.49 3.80 -4.35
CA ALA A 10 21.41 3.11 -5.06
C ALA A 10 20.47 4.11 -5.73
N THR A 11 19.81 3.67 -6.80
CA THR A 11 18.89 4.52 -7.54
C THR A 11 17.44 4.12 -7.28
N GLN A 12 16.89 4.60 -6.17
CA GLN A 12 15.51 4.30 -5.81
C GLN A 12 14.64 5.55 -5.84
N LYS A 13 14.81 6.35 -6.89
CA LYS A 13 14.04 7.57 -7.05
C LYS A 13 12.87 7.37 -7.99
N LEU A 14 12.23 6.21 -7.89
CA LEU A 14 11.08 5.89 -8.75
C LEU A 14 10.29 4.72 -8.17
N LEU A 15 9.01 4.95 -7.92
CA LEU A 15 8.14 3.92 -7.38
C LEU A 15 6.69 4.42 -7.30
N ARG A 16 5.76 3.49 -7.13
CA ARG A 16 4.35 3.82 -7.04
C ARG A 16 3.92 4.00 -5.58
N THR A 17 2.77 4.63 -5.37
CA THR A 17 2.26 4.86 -4.02
C THR A 17 1.14 3.89 -3.69
N ASP A 18 0.38 3.50 -4.71
CA ASP A 18 -0.73 2.57 -4.52
C ASP A 18 -0.23 1.13 -4.42
N LYS A 19 0.84 0.94 -3.65
CA LYS A 19 1.42 -0.39 -3.48
C LYS A 19 1.61 -0.71 -1.99
N LEU A 20 1.00 -1.79 -1.55
CA LEU A 20 1.10 -2.21 -0.15
C LEU A 20 1.88 -3.52 -0.02
N GLU A 21 2.87 -3.55 0.86
CA GLU A 21 3.68 -4.73 1.08
C GLU A 21 2.89 -5.80 1.82
N VAL A 22 2.59 -6.90 1.13
CA VAL A 22 1.83 -8.00 1.72
C VAL A 22 2.62 -8.65 2.85
N CYS A 23 1.99 -8.78 4.01
CA CYS A 23 2.62 -9.38 5.18
C CYS A 23 2.87 -10.87 4.95
N ARG A 24 4.11 -11.29 5.14
CA ARG A 24 4.49 -12.69 4.95
C ARG A 24 3.95 -13.55 6.09
N GLU A 25 4.01 -13.02 7.30
CA GLU A 25 3.53 -13.74 8.48
C GLU A 25 2.06 -14.09 8.33
N PHE A 26 1.22 -13.06 8.25
CA PHE A 26 -0.22 -13.27 8.11
C PHE A 26 -0.52 -14.49 7.25
N GLN A 27 0.14 -14.57 6.11
CA GLN A 27 -0.06 -15.69 5.19
C GLN A 27 -0.06 -17.00 5.94
N ARG A 28 1.02 -17.27 6.66
CA ARG A 28 1.14 -18.52 7.43
C ARG A 28 0.51 -18.36 8.81
N GLY A 29 -0.45 -17.46 8.92
CA GLY A 29 -1.11 -17.23 10.19
C GLY A 29 -0.14 -17.06 11.33
N ASN A 30 0.90 -16.26 11.11
CA ASN A 30 1.91 -16.02 12.13
C ASN A 30 1.82 -14.60 12.66
N CYS A 31 1.42 -13.67 11.80
CA CYS A 31 1.28 -12.27 12.18
C CYS A 31 0.31 -12.11 13.35
N ALA A 32 0.60 -11.17 14.24
CA ALA A 32 -0.24 -10.92 15.39
C ALA A 32 -0.88 -9.53 15.31
N ARG A 33 -0.17 -8.59 14.71
CA ARG A 33 -0.67 -7.22 14.57
C ARG A 33 -1.98 -7.20 13.79
N GLY A 34 -2.23 -8.26 13.03
CA GLY A 34 -3.45 -8.34 12.24
C GLY A 34 -3.59 -7.18 11.28
N GLU A 35 -4.66 -7.22 10.47
CA GLU A 35 -4.91 -6.16 9.51
C GLU A 35 -5.50 -4.93 10.18
N THR A 36 -5.42 -4.89 11.50
CA THR A 36 -5.95 -3.76 12.27
C THR A 36 -4.83 -2.98 12.94
N ASP A 37 -3.80 -3.70 13.36
CA ASP A 37 -2.66 -3.07 14.03
C ASP A 37 -1.39 -3.21 13.19
N CYS A 38 -1.48 -3.97 12.11
CA CYS A 38 -0.35 -4.18 11.22
C CYS A 38 -0.42 -3.26 10.01
N ARG A 39 0.71 -2.69 9.64
CA ARG A 39 0.78 -1.78 8.49
C ARG A 39 0.69 -2.55 7.18
N PHE A 40 1.37 -3.70 7.13
CA PHE A 40 1.38 -4.53 5.93
C PHE A 40 -0.04 -4.96 5.57
N ALA A 41 -0.34 -4.98 4.28
CA ALA A 41 -1.66 -5.37 3.79
C ALA A 41 -1.83 -6.88 3.86
N HIS A 42 -2.88 -7.33 4.55
CA HIS A 42 -3.16 -8.75 4.69
C HIS A 42 -4.23 -9.19 3.69
N PRO A 43 -3.79 -9.83 2.59
CA PRO A 43 -4.70 -10.31 1.55
C PRO A 43 -5.53 -11.49 2.00
N ALA A 44 -6.85 -11.40 1.83
CA ALA A 44 -7.76 -12.46 2.22
C ALA A 44 -8.24 -13.25 1.01
N ASP A 45 -8.59 -12.53 -0.06
CA ASP A 45 -9.07 -13.15 -1.28
C ASP A 45 -7.97 -13.99 -1.93
N SER A 46 -8.32 -14.67 -3.02
CA SER A 46 -7.36 -15.52 -3.73
C SER A 46 -6.89 -14.83 -5.01
N THR A 47 -5.68 -15.15 -5.44
CA THR A 47 -5.11 -14.57 -6.65
C THR A 47 -5.09 -13.05 -6.58
N MET A 48 -4.74 -12.52 -5.41
CA MET A 48 -4.68 -11.08 -5.21
C MET A 48 -3.32 -10.65 -4.65
N ILE A 49 -2.27 -11.32 -5.11
CA ILE A 49 -0.93 -11.01 -4.66
C ILE A 49 0.05 -10.98 -5.84
N ASP A 50 0.99 -10.03 -5.79
CA ASP A 50 1.99 -9.90 -6.85
C ASP A 50 3.18 -10.82 -6.59
N THR A 51 3.34 -11.83 -7.44
CA THR A 51 4.44 -12.78 -7.30
C THR A 51 5.76 -12.15 -7.69
N SER A 52 5.71 -10.89 -8.14
CA SER A 52 6.91 -10.18 -8.55
C SER A 52 7.58 -9.51 -7.35
N ASP A 53 6.78 -8.81 -6.55
CA ASP A 53 7.29 -8.13 -5.37
C ASP A 53 6.41 -8.41 -4.15
N ASN A 54 5.75 -9.56 -4.15
CA ASN A 54 4.87 -9.94 -3.05
C ASN A 54 4.12 -8.73 -2.53
N THR A 55 3.74 -7.83 -3.43
CA THR A 55 3.00 -6.62 -3.06
C THR A 55 1.61 -6.62 -3.67
N VAL A 56 0.79 -5.65 -3.27
CA VAL A 56 -0.57 -5.52 -3.78
C VAL A 56 -0.87 -4.10 -4.20
N THR A 57 -1.85 -3.94 -5.08
CA THR A 57 -2.25 -2.61 -5.56
C THR A 57 -3.26 -1.96 -4.62
N VAL A 58 -3.32 -0.64 -4.67
CA VAL A 58 -4.24 0.11 -3.83
C VAL A 58 -5.17 0.99 -4.67
N CYS A 59 -6.47 0.92 -4.37
CA CYS A 59 -7.45 1.71 -5.10
C CYS A 59 -7.22 3.20 -4.89
N MET A 60 -7.36 3.98 -5.96
CA MET A 60 -7.16 5.42 -5.89
C MET A 60 -8.44 6.12 -5.42
N ASP A 61 -9.57 5.72 -5.99
CA ASP A 61 -10.86 6.31 -5.63
C ASP A 61 -11.17 6.06 -4.16
N TYR A 62 -11.37 4.79 -3.81
CA TYR A 62 -11.68 4.41 -2.43
C TYR A 62 -10.96 5.32 -1.44
N ILE A 63 -9.67 5.54 -1.68
CA ILE A 63 -8.87 6.39 -0.81
C ILE A 63 -9.65 7.64 -0.39
N LYS A 64 -10.13 8.38 -1.37
CA LYS A 64 -10.90 9.59 -1.11
C LYS A 64 -12.15 9.28 -0.30
N GLY A 65 -12.65 8.05 -0.43
CA GLY A 65 -13.84 7.65 0.28
C GLY A 65 -14.95 7.19 -0.64
N ARG A 66 -14.89 7.63 -1.90
CA ARG A 66 -15.90 7.26 -2.87
C ARG A 66 -15.30 6.41 -3.98
N CYS A 67 -15.57 5.11 -3.94
CA CYS A 67 -15.05 4.18 -4.94
C CYS A 67 -16.18 3.60 -5.79
N MET A 68 -16.32 4.10 -7.01
CA MET A 68 -17.37 3.63 -7.91
C MET A 68 -16.80 3.38 -9.31
N ARG A 69 -15.51 3.09 -9.38
CA ARG A 69 -14.85 2.84 -10.65
C ARG A 69 -15.49 1.66 -11.36
N GLU A 70 -15.29 1.59 -12.69
CA GLU A 70 -15.85 0.51 -13.48
C GLU A 70 -15.25 -0.84 -13.08
N LYS A 71 -16.01 -1.61 -12.32
CA LYS A 71 -15.56 -2.93 -11.87
C LYS A 71 -14.22 -2.81 -11.16
N CYS A 72 -14.15 -1.95 -10.15
CA CYS A 72 -12.93 -1.75 -9.39
C CYS A 72 -12.31 -3.09 -8.99
N LYS A 73 -11.07 -3.31 -9.42
CA LYS A 73 -10.36 -4.55 -9.12
C LYS A 73 -9.11 -4.28 -8.28
N TYR A 74 -9.22 -3.33 -7.36
CA TYR A 74 -8.09 -2.96 -6.51
C TYR A 74 -8.40 -3.28 -5.04
N PHE A 75 -7.34 -3.41 -4.24
CA PHE A 75 -7.50 -3.71 -2.82
C PHE A 75 -7.87 -2.46 -2.03
N HIS A 76 -8.72 -2.64 -1.02
CA HIS A 76 -9.15 -1.52 -0.18
C HIS A 76 -8.59 -1.65 1.23
N PRO A 77 -7.54 -0.86 1.52
CA PRO A 77 -6.89 -0.86 2.83
C PRO A 77 -7.77 -0.26 3.93
N PRO A 78 -7.36 -0.45 5.18
CA PRO A 78 -8.10 0.07 6.34
C PRO A 78 -8.03 1.59 6.44
N ALA A 79 -8.67 2.14 7.46
CA ALA A 79 -8.69 3.58 7.68
C ALA A 79 -7.30 4.10 8.00
N HIS A 80 -6.75 3.65 9.14
CA HIS A 80 -5.42 4.07 9.56
C HIS A 80 -4.47 4.17 8.38
N LEU A 81 -4.43 3.12 7.58
CA LEU A 81 -3.55 3.09 6.40
C LEU A 81 -4.01 4.11 5.36
N GLN A 82 -5.27 4.02 4.96
CA GLN A 82 -5.82 4.94 3.98
C GLN A 82 -5.22 6.33 4.13
N ALA A 83 -5.03 6.76 5.38
CA ALA A 83 -4.47 8.07 5.66
C ALA A 83 -3.00 8.13 5.24
N LYS A 84 -2.21 7.19 5.76
CA LYS A 84 -0.79 7.14 5.44
C LYS A 84 -0.53 7.53 3.99
N ILE A 85 -1.41 7.09 3.10
CA ILE A 85 -1.29 7.39 1.68
C ILE A 85 -1.76 8.81 1.38
N LYS A 86 -2.91 9.18 1.93
CA LYS A 86 -3.46 10.51 1.73
C LYS A 86 -2.41 11.59 1.99
N ALA A 87 -1.77 11.50 3.13
CA ALA A 87 -0.73 12.47 3.50
C ALA A 87 0.23 12.70 2.34
N ALA A 88 0.90 11.63 1.91
CA ALA A 88 1.85 11.71 0.81
C ALA A 88 1.30 12.58 -0.32
N GLN A 89 0.07 12.30 -0.73
CA GLN A 89 -0.56 13.04 -1.81
C GLN A 89 -0.54 14.54 -1.52
N HIS A 90 -1.14 14.93 -0.40
CA HIS A 90 -1.19 16.34 0.00
C HIS A 90 0.15 16.79 0.55
N GLN A 91 0.30 18.09 0.75
CA GLN A 91 1.54 18.66 1.28
C GLN A 91 1.83 18.10 2.66
N ALA A 92 2.88 17.28 2.75
CA ALA A 92 3.27 16.69 4.02
C ALA A 92 3.77 17.75 5.00
N ASN A 93 4.10 17.32 6.21
CA ASN A 93 4.58 18.23 7.24
C ASN A 93 5.92 17.75 7.80
N GLN A 94 6.89 18.66 7.85
CA GLN A 94 8.22 18.33 8.37
C GLN A 94 8.83 17.18 7.59
N ALA A 95 8.70 17.23 6.26
CA ALA A 95 9.25 16.19 5.40
C ALA A 95 8.81 14.80 5.87
N ALA A 96 7.54 14.67 6.19
CA ALA A 96 6.98 13.40 6.64
C ALA A 96 6.99 12.37 5.51
N VAL A 97 8.15 11.73 5.30
CA VAL A 97 8.28 10.73 4.26
C VAL A 97 7.16 9.70 4.34
N ALA A 98 6.68 9.26 3.17
CA ALA A 98 5.61 8.28 3.11
C ALA A 98 6.16 6.89 2.85
N GLY A 1 16.70 14.38 23.92
CA GLY A 1 16.98 13.65 22.71
C GLY A 1 16.57 12.19 22.81
N SER A 2 15.42 11.85 22.24
CA SER A 2 14.91 10.49 22.27
C SER A 2 16.01 9.49 21.91
N SER A 3 16.81 9.84 20.90
CA SER A 3 17.90 8.99 20.45
C SER A 3 17.49 7.52 20.53
N GLY A 4 16.26 7.23 20.11
CA GLY A 4 15.77 5.86 20.15
C GLY A 4 15.07 5.47 18.85
N SER A 5 15.45 4.31 18.32
CA SER A 5 14.85 3.83 17.07
C SER A 5 15.10 2.33 16.91
N SER A 6 14.41 1.73 15.94
CA SER A 6 14.54 0.30 15.68
C SER A 6 14.28 -0.01 14.21
N GLY A 7 14.73 -1.18 13.77
CA GLY A 7 14.54 -1.58 12.38
C GLY A 7 15.83 -1.54 11.59
N SER A 8 16.40 -0.35 11.45
CA SER A 8 17.63 -0.18 10.69
C SER A 8 17.39 -0.34 9.20
N THR A 9 16.28 0.21 8.72
CA THR A 9 15.93 0.12 7.32
C THR A 9 15.51 1.48 6.76
N ALA A 10 15.76 1.69 5.47
CA ALA A 10 15.42 2.95 4.82
C ALA A 10 15.54 2.84 3.31
N THR A 11 14.75 3.62 2.59
CA THR A 11 14.76 3.61 1.13
C THR A 11 14.22 2.30 0.59
N GLN A 12 13.17 1.78 1.22
CA GLN A 12 12.55 0.53 0.81
C GLN A 12 12.42 0.47 -0.72
N LYS A 13 11.45 1.20 -1.25
CA LYS A 13 11.22 1.23 -2.68
C LYS A 13 10.42 2.48 -3.08
N LEU A 14 10.84 3.11 -4.17
CA LEU A 14 10.16 4.31 -4.66
C LEU A 14 9.65 4.11 -6.08
N LEU A 15 8.43 3.61 -6.20
CA LEU A 15 7.83 3.37 -7.50
C LEU A 15 6.41 3.93 -7.56
N ARG A 16 5.57 3.48 -6.63
CA ARG A 16 4.19 3.94 -6.57
C ARG A 16 3.72 4.07 -5.13
N THR A 17 2.70 4.91 -4.91
CA THR A 17 2.16 5.14 -3.58
C THR A 17 1.02 4.16 -3.28
N ASP A 18 0.41 3.64 -4.34
CA ASP A 18 -0.70 2.71 -4.19
C ASP A 18 -0.18 1.27 -4.10
N LYS A 19 0.88 1.06 -3.34
CA LYS A 19 1.47 -0.26 -3.18
C LYS A 19 1.60 -0.62 -1.69
N LEU A 20 0.87 -1.65 -1.28
CA LEU A 20 0.90 -2.10 0.11
C LEU A 20 1.64 -3.43 0.23
N GLU A 21 2.69 -3.44 1.06
CA GLU A 21 3.49 -4.65 1.26
C GLU A 21 2.68 -5.70 2.01
N VAL A 22 2.59 -6.89 1.42
CA VAL A 22 1.85 -7.99 2.04
C VAL A 22 2.66 -8.66 3.14
N CYS A 23 2.03 -8.82 4.30
CA CYS A 23 2.70 -9.44 5.44
C CYS A 23 3.13 -10.87 5.12
N ARG A 24 4.23 -11.30 5.73
CA ARG A 24 4.75 -12.64 5.50
C ARG A 24 4.18 -13.63 6.51
N GLU A 25 3.89 -13.13 7.72
CA GLU A 25 3.35 -13.97 8.77
C GLU A 25 1.89 -14.32 8.49
N PHE A 26 1.04 -13.30 8.46
CA PHE A 26 -0.37 -13.49 8.19
C PHE A 26 -0.59 -14.58 7.15
N GLN A 27 0.20 -14.53 6.08
CA GLN A 27 0.10 -15.51 5.00
C GLN A 27 -0.08 -16.92 5.56
N ARG A 28 0.78 -17.27 6.52
CA ARG A 28 0.72 -18.60 7.14
C ARG A 28 -0.19 -18.59 8.36
N GLY A 29 -0.46 -17.39 8.89
CA GLY A 29 -1.31 -17.28 10.06
C GLY A 29 -0.53 -17.18 11.35
N ASN A 30 0.42 -16.25 11.40
CA ASN A 30 1.24 -16.06 12.59
C ASN A 30 1.16 -14.62 13.08
N CYS A 31 0.93 -13.69 12.17
CA CYS A 31 0.82 -12.28 12.51
C CYS A 31 -0.26 -12.06 13.55
N ALA A 32 0.10 -11.35 14.62
CA ALA A 32 -0.84 -11.06 15.70
C ALA A 32 -1.30 -9.60 15.66
N ARG A 33 -0.50 -8.75 15.02
CA ARG A 33 -0.83 -7.34 14.90
C ARG A 33 -1.97 -7.12 13.91
N GLY A 34 -2.19 -8.10 13.04
CA GLY A 34 -3.25 -8.00 12.07
C GLY A 34 -3.12 -6.76 11.20
N GLU A 35 -3.86 -6.73 10.09
CA GLU A 35 -3.81 -5.60 9.18
C GLU A 35 -4.11 -4.30 9.90
N THR A 36 -4.60 -4.41 11.13
CA THR A 36 -4.93 -3.25 11.94
C THR A 36 -3.69 -2.69 12.63
N ASP A 37 -3.13 -3.46 13.55
CA ASP A 37 -1.94 -3.04 14.28
C ASP A 37 -0.68 -3.31 13.46
N CYS A 38 -0.86 -3.79 12.24
CA CYS A 38 0.26 -4.10 11.36
C CYS A 38 0.35 -3.08 10.23
N ARG A 39 1.56 -2.90 9.69
CA ARG A 39 1.78 -1.96 8.61
C ARG A 39 1.70 -2.65 7.25
N PHE A 40 1.28 -3.92 7.27
CA PHE A 40 1.16 -4.69 6.03
C PHE A 40 -0.30 -5.04 5.75
N ALA A 41 -0.71 -4.82 4.51
CA ALA A 41 -2.09 -5.11 4.10
C ALA A 41 -2.30 -6.60 3.92
N HIS A 42 -2.85 -7.25 4.94
CA HIS A 42 -3.11 -8.69 4.90
C HIS A 42 -4.20 -9.00 3.88
N PRO A 43 -3.83 -9.69 2.79
CA PRO A 43 -4.77 -10.07 1.73
C PRO A 43 -5.75 -11.15 2.18
N ALA A 44 -6.83 -10.72 2.83
CA ALA A 44 -7.84 -11.64 3.32
C ALA A 44 -8.44 -12.45 2.17
N ASP A 45 -8.14 -12.03 0.94
CA ASP A 45 -8.65 -12.71 -0.25
C ASP A 45 -7.66 -13.77 -0.73
N SER A 46 -6.62 -14.00 0.05
CA SER A 46 -5.60 -14.98 -0.30
C SER A 46 -5.37 -15.01 -1.80
N THR A 47 -5.19 -13.83 -2.39
CA THR A 47 -4.97 -13.71 -3.82
C THR A 47 -4.44 -12.32 -4.18
N MET A 48 -4.16 -12.11 -5.46
CA MET A 48 -3.65 -10.83 -5.94
C MET A 48 -2.30 -10.52 -5.31
N ILE A 49 -1.48 -11.55 -5.13
CA ILE A 49 -0.16 -11.38 -4.54
C ILE A 49 0.94 -11.69 -5.55
N ASP A 50 2.07 -11.00 -5.41
CA ASP A 50 3.20 -11.21 -6.31
C ASP A 50 4.39 -11.78 -5.56
N THR A 51 4.83 -12.96 -5.96
CA THR A 51 5.96 -13.62 -5.32
C THR A 51 7.28 -12.94 -5.70
N SER A 52 7.18 -11.86 -6.47
CA SER A 52 8.36 -11.12 -6.91
C SER A 52 8.60 -9.90 -6.02
N ASP A 53 7.51 -9.25 -5.62
CA ASP A 53 7.61 -8.07 -4.77
C ASP A 53 6.80 -8.26 -3.49
N ASN A 54 5.73 -9.05 -3.58
CA ASN A 54 4.88 -9.31 -2.43
C ASN A 54 4.10 -8.06 -2.03
N THR A 55 3.60 -7.34 -3.02
CA THR A 55 2.83 -6.12 -2.79
C THR A 55 1.49 -6.16 -3.51
N VAL A 56 0.50 -5.48 -2.93
CA VAL A 56 -0.83 -5.43 -3.53
C VAL A 56 -1.19 -4.01 -3.94
N THR A 57 -1.89 -3.89 -5.06
CA THR A 57 -2.30 -2.58 -5.57
C THR A 57 -3.29 -1.92 -4.63
N VAL A 58 -3.38 -0.59 -4.70
CA VAL A 58 -4.30 0.16 -3.86
C VAL A 58 -5.25 1.00 -4.70
N CYS A 59 -6.53 0.98 -4.33
CA CYS A 59 -7.54 1.74 -5.05
C CYS A 59 -7.42 3.24 -4.75
N MET A 60 -7.29 4.04 -5.80
CA MET A 60 -7.17 5.48 -5.66
C MET A 60 -8.50 6.11 -5.27
N ASP A 61 -9.54 5.79 -6.04
CA ASP A 61 -10.88 6.31 -5.77
C ASP A 61 -11.28 6.09 -4.31
N TYR A 62 -11.34 4.82 -3.90
CA TYR A 62 -11.71 4.49 -2.53
C TYR A 62 -10.98 5.38 -1.54
N ILE A 63 -9.66 5.50 -1.70
CA ILE A 63 -8.85 6.31 -0.81
C ILE A 63 -9.48 7.69 -0.61
N LYS A 64 -9.97 8.27 -1.70
CA LYS A 64 -10.60 9.59 -1.65
C LYS A 64 -11.87 9.55 -0.81
N GLY A 65 -12.48 8.37 -0.73
CA GLY A 65 -13.71 8.23 0.04
C GLY A 65 -14.86 7.68 -0.78
N ARG A 66 -14.77 7.87 -2.10
CA ARG A 66 -15.82 7.41 -3.00
C ARG A 66 -15.22 6.55 -4.13
N CYS A 67 -15.44 5.25 -4.05
CA CYS A 67 -14.93 4.32 -5.05
C CYS A 67 -16.07 3.76 -5.90
N MET A 68 -16.24 4.31 -7.09
CA MET A 68 -17.28 3.86 -8.00
C MET A 68 -16.69 3.23 -9.25
N ARG A 69 -15.41 2.87 -9.17
CA ARG A 69 -14.72 2.25 -10.30
C ARG A 69 -15.48 1.03 -10.81
N GLU A 70 -16.23 1.22 -11.89
CA GLU A 70 -17.01 0.14 -12.48
C GLU A 70 -16.28 -1.20 -12.32
N LYS A 71 -16.92 -2.12 -11.60
CA LYS A 71 -16.34 -3.44 -11.37
C LYS A 71 -14.95 -3.33 -10.78
N CYS A 72 -14.83 -2.61 -9.67
CA CYS A 72 -13.55 -2.42 -9.00
C CYS A 72 -13.01 -3.76 -8.50
N LYS A 73 -11.75 -4.03 -8.80
CA LYS A 73 -11.10 -5.26 -8.38
C LYS A 73 -9.79 -4.97 -7.65
N TYR A 74 -9.67 -3.76 -7.14
CA TYR A 74 -8.46 -3.36 -6.43
C TYR A 74 -8.62 -3.58 -4.92
N PHE A 75 -7.50 -3.82 -4.24
CA PHE A 75 -7.51 -4.05 -2.80
C PHE A 75 -7.85 -2.78 -2.05
N HIS A 76 -8.78 -2.87 -1.11
CA HIS A 76 -9.19 -1.73 -0.31
C HIS A 76 -8.62 -1.81 1.10
N PRO A 77 -7.62 -0.98 1.39
CA PRO A 77 -6.96 -0.94 2.70
C PRO A 77 -7.88 -0.36 3.79
N PRO A 78 -7.48 -0.54 5.05
CA PRO A 78 -8.24 -0.04 6.20
C PRO A 78 -8.21 1.48 6.30
N ALA A 79 -8.87 2.01 7.32
CA ALA A 79 -8.92 3.46 7.53
C ALA A 79 -7.54 4.00 7.91
N HIS A 80 -7.01 3.51 9.02
CA HIS A 80 -5.70 3.95 9.50
C HIS A 80 -4.72 4.06 8.35
N LEU A 81 -4.77 3.10 7.43
CA LEU A 81 -3.88 3.09 6.28
C LEU A 81 -4.34 4.09 5.22
N GLN A 82 -5.62 4.04 4.88
CA GLN A 82 -6.20 4.94 3.90
C GLN A 82 -5.59 6.34 4.02
N ALA A 83 -5.27 6.73 5.25
CA ALA A 83 -4.70 8.04 5.51
C ALA A 83 -3.21 8.06 5.16
N LYS A 84 -2.52 6.97 5.49
CA LYS A 84 -1.09 6.86 5.22
C LYS A 84 -0.79 7.23 3.77
N ILE A 85 -1.67 6.83 2.87
CA ILE A 85 -1.49 7.11 1.45
C ILE A 85 -1.78 8.59 1.14
N LYS A 86 -2.96 9.05 1.56
CA LYS A 86 -3.35 10.43 1.33
C LYS A 86 -2.32 11.39 1.92
N ALA A 87 -2.08 11.28 3.21
CA ALA A 87 -1.11 12.14 3.89
C ALA A 87 0.16 12.31 3.05
N ALA A 88 0.53 11.25 2.34
CA ALA A 88 1.72 11.28 1.49
C ALA A 88 1.48 12.11 0.24
N GLN A 89 0.33 11.90 -0.39
CA GLN A 89 -0.03 12.62 -1.60
C GLN A 89 -0.18 14.11 -1.33
N HIS A 90 -1.09 14.44 -0.41
CA HIS A 90 -1.34 15.83 -0.05
C HIS A 90 -0.12 16.45 0.61
N GLN A 91 0.36 15.81 1.67
CA GLN A 91 1.53 16.30 2.39
C GLN A 91 2.76 15.47 2.07
N ALA A 92 3.60 15.97 1.16
CA ALA A 92 4.81 15.28 0.76
C ALA A 92 6.05 15.96 1.33
N ASN A 93 6.08 17.28 1.23
CA ASN A 93 7.21 18.05 1.74
C ASN A 93 8.46 17.83 0.89
N GLN A 94 8.27 17.82 -0.44
CA GLN A 94 9.37 17.62 -1.36
C GLN A 94 10.16 16.36 -1.00
N ALA A 95 9.45 15.31 -0.62
CA ALA A 95 10.08 14.06 -0.24
C ALA A 95 11.34 13.81 -1.07
N ALA A 96 12.50 13.89 -0.43
CA ALA A 96 13.76 13.66 -1.11
C ALA A 96 14.30 12.27 -0.83
N VAL A 97 15.41 11.93 -1.47
CA VAL A 97 16.03 10.62 -1.29
C VAL A 97 16.26 10.32 0.18
N ALA A 98 15.96 9.09 0.59
CA ALA A 98 16.14 8.68 1.98
C ALA A 98 15.55 9.71 2.94
#